data_7OX7
#
_entry.id   7OX7
#
_cell.length_a   177.542
_cell.length_b   67.406
_cell.length_c   188.136
_cell.angle_alpha   90.000
_cell.angle_beta   112.542
_cell.angle_gamma   90.000
#
_symmetry.space_group_name_H-M   'C 1 2 1'
#
loop_
_entity.id
_entity.type
_entity.pdbx_description
1 polymer 'chimeric RNA-DNA guide'
2 polymer 'CRISPR-associated endonuclease Cas9/Csn1'
3 polymer 'TRAC target DNA strand'
4 polymer 'TRAC non-target DNA strand'
5 non-polymer 'MAGNESIUM ION'
6 non-polymer 'POTASSIUM ION'
7 water water
#
loop_
_entity_poly.entity_id
_entity_poly.type
_entity_poly.pdbx_seq_one_letter_code
_entity_poly.pdbx_strand_id
1 'polydeoxyribonucleotide/polyribonucleotide hybrid'
;(DA)(DG)(DA)(DG)(DT)(DC)(DT)(DC)(DT)(DC)AGCUGGUACAGUUUUAGAGCUAGAAAUAGCAAGUUAAAAU
AAGGCUAGUCCGUUAUCAACUUGAAAAAGUG
;
A
2 'polypeptide(L)'
;GAASMDKKYSIGLAIGTNSVGWAVITDEYKVPSKKFKVLGNTDRHSIKKNLIGALLFDSGETAEATRLKRTARRRYTRRK
NRICYLQEIFSNEMAKVDDSFFHRLEESFLVEEDKKHERHPIFGNIVDEVAYHEKYPTIYHLRKKLVDSTDKADLRLIYL
ALAHMIKFRGHFLIEGDLNPDNSDVDKLFIQLVQTYNQLFEENPINASGVDAKAILSARLSKSRRLENLIAQLPGEKKNG
LFGNLIALSLGLTPNFKSNFDLAEDAKLQLSKDTYDDDLDNLLAQIGDQYADLFLAAKNLSDAILLSDILRVNTEITKAP
LSASMIKRYDEHHQDLTLLKALVRQQLPEKYKEIFFDQSKNGYAGYIDGGASQEEFYKFIKPILEKMDGTEELLVKLNRE
DLLRKQRTFDNGSIPHQIHLGELHAILRRQEDFYPFLKDNREKIEKILTFRIPYYVGPLARGNSRFAWMTRKSEETITPW
NFEEVVDKGASAQSFIERMTNFDKNLPNEKVLPKHSLLYEYFTVYNELTKVKYVTEGMRKPAFLSGEQKKAIVDLLFKTN
RKVTVKQLKEDYFKKIECFDSVEISGVEDRFNASLGTYHDLLKIIKDKDFLDNEENEDILEDIVLTLTLFEDREMIEERL
KTYAHLFDDKVMKQLKRRRYTGWGRLSRKLINGIRDKQSGKTILDFLKSDGFANRNFMQLIHDDSLTFKEDIQKAQVSGQ
GDSLHEHIANLAGSPAIKKGILQTVKVVDELVKVMGRHKPENIVIEMARENQTTQKGQKNSRERMKRIEEGIKELGSQIL
KEHPVENTQLQNEKLYLYYLQNGRDMYVDQELDINRLSDYDVDAIVPQSFLKDDSIDNKVLTRSDKNRGKSDNVPSEEVV
KKMKNYWRQLLNAKLITQRKFDNLTKAERGGLSELDKAGFIKRQLVETRQITKHVAQILDSRMNTKYDENDKLIREVKVI
TLKSKLVSDFRKDFQFYKVREINNYHHAHDAYLNAVVGTALIKKYPKLESEFVYGDYKVYDVRKMIAKSEQEIGKATAKY
FFYSNIMNFFKTEITLANGEIRKRPLIETNGETGEIVWDKGRDFATVRKVLSMPQVNIVKKTEVQTGGFSKESILPKRNS
DKLIARKKDWDPKKYGGFDSPTVAYSVLVVAKVEKGKSKKLKSVKELLGITIMERSSFEKNPIDFLEAKGYKEVKKDLII
KLPKYSLFELENGRKRMLASAGELQKGNELALPSKYVNFLYLASHYEKLKGSPEDNEQKQLFVEQHKHYLDEIIEQISEF
SKRVILADANLDKVLSAYNKHRDKPIREQAENIIHLFTLTNLGAPAAFKYFDTTIDRKRYTSTKEVLDATLIHQSITGLY
ETRIDLSQLGGD
;
B
3 'polydeoxyribonucleotide'
;(DC)(DA)(DA)(DT)(DA)(DC)(DC)(DG)(DT)(DG)(DT)(DA)(DC)(DC)(DA)(DG)(DC)(DT)(DG)(DA)
(DG)(DA)(DG)(DA)(DC)(DT)(DC)(DT)
;
C
4 'polydeoxyribonucleotide' (DT)(DA)(DC)(DA)(DC)(DG)(DG)(DT)(DA)(DT)(DT)(DG) D
#
# COMPACT_ATOMS: atom_id res chain seq x y z
N LYS B 7 -40.01 4.87 -27.53
CA LYS B 7 -39.46 3.96 -26.52
C LYS B 7 -37.95 4.08 -26.43
N LYS B 8 -37.45 5.30 -26.26
CA LYS B 8 -36.03 5.57 -26.09
C LYS B 8 -35.73 5.81 -24.61
N TYR B 9 -34.50 5.51 -24.20
CA TYR B 9 -34.15 5.56 -22.79
C TYR B 9 -32.66 5.84 -22.62
N SER B 10 -32.30 6.25 -21.40
CA SER B 10 -30.93 6.50 -20.99
C SER B 10 -30.66 5.73 -19.70
N ILE B 11 -29.39 5.48 -19.42
CA ILE B 11 -28.94 4.75 -18.24
C ILE B 11 -28.04 5.64 -17.40
N GLY B 12 -28.33 5.72 -16.11
CA GLY B 12 -27.47 6.39 -15.14
C GLY B 12 -26.79 5.36 -14.25
N LEU B 13 -25.51 5.58 -13.97
CA LEU B 13 -24.68 4.66 -13.21
C LEU B 13 -23.84 5.44 -12.20
N ALA B 14 -23.80 4.92 -10.97
CA ALA B 14 -23.00 5.47 -9.88
C ALA B 14 -22.07 4.37 -9.39
N ILE B 15 -20.80 4.46 -9.72
CA ILE B 15 -19.84 3.36 -9.55
C ILE B 15 -19.03 3.60 -8.29
N GLY B 16 -19.08 2.65 -7.37
CA GLY B 16 -18.33 2.74 -6.13
C GLY B 16 -17.51 1.51 -5.82
N THR B 17 -16.99 1.41 -4.59
CA THR B 17 -16.21 0.25 -4.19
C THR B 17 -17.05 -0.82 -3.49
N ASN B 18 -18.28 -0.50 -3.09
CA ASN B 18 -19.19 -1.49 -2.53
C ASN B 18 -20.58 -1.41 -3.15
N SER B 19 -20.76 -0.63 -4.21
CA SER B 19 -22.08 -0.43 -4.78
C SER B 19 -21.97 -0.01 -6.24
N VAL B 20 -22.99 -0.39 -7.00
CA VAL B 20 -23.25 0.13 -8.34
C VAL B 20 -24.70 0.56 -8.35
N GLY B 21 -24.94 1.87 -8.35
CA GLY B 21 -26.29 2.39 -8.52
C GLY B 21 -26.62 2.47 -10.00
N TRP B 22 -27.86 2.11 -10.33
CA TRP B 22 -28.29 2.08 -11.72
C TRP B 22 -29.72 2.58 -11.84
N ALA B 23 -30.01 3.24 -12.95
CA ALA B 23 -31.37 3.72 -13.20
C ALA B 23 -31.58 3.86 -14.70
N VAL B 24 -32.83 3.66 -15.14
CA VAL B 24 -33.25 3.86 -16.51
C VAL B 24 -34.25 5.00 -16.55
N ILE B 25 -34.07 5.92 -17.50
CA ILE B 25 -34.95 7.09 -17.60
C ILE B 25 -35.41 7.23 -19.05
N THR B 26 -36.62 7.78 -19.22
CA THR B 26 -37.16 8.06 -20.53
C THR B 26 -36.77 9.47 -20.94
N ASP B 27 -37.34 9.97 -22.04
CA ASP B 27 -37.07 11.34 -22.47
C ASP B 27 -37.79 12.38 -21.63
N GLU B 28 -38.75 11.96 -20.80
CA GLU B 28 -39.41 12.85 -19.84
C GLU B 28 -38.79 12.74 -18.46
N TYR B 29 -37.62 12.09 -18.35
CA TYR B 29 -36.90 11.88 -17.09
C TYR B 29 -37.67 10.99 -16.12
N LYS B 30 -38.50 10.09 -16.65
CA LYS B 30 -39.28 9.17 -15.84
C LYS B 30 -38.60 7.81 -15.79
N VAL B 31 -38.70 7.13 -14.64
CA VAL B 31 -38.24 5.76 -14.50
C VAL B 31 -39.39 4.84 -14.84
N PRO B 32 -39.27 3.96 -15.83
CA PRO B 32 -40.36 3.05 -16.19
C PRO B 32 -40.58 2.01 -15.10
N SER B 33 -41.68 1.28 -15.25
CA SER B 33 -41.97 0.11 -14.43
C SER B 33 -42.54 -0.97 -15.35
N LYS B 34 -42.25 -2.22 -15.02
CA LYS B 34 -42.70 -3.34 -15.84
C LYS B 34 -43.11 -4.51 -14.95
N LYS B 35 -43.98 -5.34 -15.49
CA LYS B 35 -44.16 -6.67 -14.93
C LYS B 35 -43.04 -7.57 -15.43
N PHE B 36 -42.48 -8.35 -14.51
CA PHE B 36 -41.47 -9.36 -14.81
C PHE B 36 -42.00 -10.71 -14.36
N LYS B 37 -41.72 -11.74 -15.15
CA LYS B 37 -42.09 -13.09 -14.76
C LYS B 37 -41.34 -13.49 -13.50
N VAL B 38 -42.00 -14.27 -12.66
CA VAL B 38 -41.42 -14.79 -11.42
C VAL B 38 -41.48 -16.31 -11.49
N LEU B 39 -40.31 -16.94 -11.45
CA LEU B 39 -40.19 -18.39 -11.58
C LEU B 39 -40.19 -19.05 -10.20
N GLY B 40 -40.34 -20.38 -10.21
CA GLY B 40 -40.32 -21.17 -9.00
C GLY B 40 -41.63 -21.91 -8.77
N ASN B 41 -41.96 -22.11 -7.50
CA ASN B 41 -43.10 -22.94 -7.11
C ASN B 41 -44.11 -22.22 -6.23
N THR B 42 -44.16 -20.89 -6.31
CA THR B 42 -45.00 -20.13 -5.38
C THR B 42 -46.26 -19.64 -6.09
N ASP B 43 -47.13 -18.98 -5.30
CA ASP B 43 -48.37 -18.41 -5.85
C ASP B 43 -48.09 -17.43 -6.96
N ARG B 44 -47.04 -16.63 -6.83
CA ARG B 44 -46.83 -15.44 -7.64
C ARG B 44 -46.20 -15.80 -8.98
N HIS B 45 -46.81 -15.32 -10.07
CA HIS B 45 -46.35 -15.58 -11.43
C HIS B 45 -45.59 -14.41 -12.05
N SER B 46 -45.66 -13.23 -11.43
CA SER B 46 -45.03 -12.03 -11.97
C SER B 46 -45.05 -10.96 -10.88
N ILE B 47 -44.33 -9.87 -11.14
CA ILE B 47 -44.23 -8.79 -10.16
C ILE B 47 -43.88 -7.50 -10.87
N LYS B 48 -44.32 -6.38 -10.31
CA LYS B 48 -43.99 -5.07 -10.86
C LYS B 48 -42.66 -4.59 -10.29
N LYS B 49 -41.81 -4.06 -11.17
CA LYS B 49 -40.49 -3.56 -10.81
C LYS B 49 -40.29 -2.20 -11.44
N ASN B 50 -39.86 -1.23 -10.63
CA ASN B 50 -39.30 0.00 -11.15
C ASN B 50 -37.89 -0.27 -11.67
N LEU B 51 -37.53 0.41 -12.76
CA LEU B 51 -36.22 0.21 -13.40
C LEU B 51 -35.17 1.13 -12.79
N ILE B 52 -34.95 0.92 -11.49
CA ILE B 52 -33.99 1.67 -10.70
C ILE B 52 -33.58 0.79 -9.52
N GLY B 53 -32.31 0.88 -9.13
CA GLY B 53 -31.84 0.07 -8.02
C GLY B 53 -30.35 0.24 -7.81
N ALA B 54 -29.80 -0.68 -7.00
CA ALA B 54 -28.38 -0.61 -6.66
C ALA B 54 -27.91 -1.98 -6.21
N LEU B 55 -26.77 -2.41 -6.76
CA LEU B 55 -26.11 -3.64 -6.37
C LEU B 55 -25.09 -3.34 -5.27
N LEU B 56 -25.14 -4.09 -4.18
CA LEU B 56 -24.19 -3.97 -3.08
C LEU B 56 -23.32 -5.21 -3.03
N PHE B 57 -22.07 -5.03 -2.61
CA PHE B 57 -21.14 -6.14 -2.57
C PHE B 57 -20.00 -5.82 -1.60
N ASP B 58 -19.41 -6.89 -1.06
CA ASP B 58 -18.25 -6.74 -0.19
C ASP B 58 -17.05 -6.30 -1.03
N SER B 59 -16.18 -5.51 -0.41
CA SER B 59 -15.04 -4.95 -1.12
C SER B 59 -14.17 -6.05 -1.72
N GLY B 60 -13.72 -5.82 -2.95
CA GLY B 60 -12.63 -6.62 -3.48
C GLY B 60 -11.36 -6.40 -2.69
N GLU B 61 -10.53 -7.43 -2.64
CA GLU B 61 -9.34 -7.41 -1.82
C GLU B 61 -8.09 -7.46 -2.70
N THR B 62 -7.01 -6.90 -2.19
CA THR B 62 -5.74 -6.97 -2.91
C THR B 62 -5.12 -8.35 -2.74
N ALA B 63 -4.18 -8.67 -3.63
CA ALA B 63 -3.48 -9.93 -3.57
C ALA B 63 -2.37 -9.95 -2.52
N GLU B 64 -2.22 -8.88 -1.73
CA GLU B 64 -1.02 -8.73 -0.90
C GLU B 64 -0.96 -9.78 0.20
N ALA B 65 -2.00 -9.86 1.03
CA ALA B 65 -2.04 -10.84 2.10
C ALA B 65 -1.79 -12.25 1.59
N THR B 66 -2.41 -12.59 0.46
CA THR B 66 -2.14 -13.87 -0.19
C THR B 66 -0.66 -14.04 -0.49
N ARG B 67 -0.01 -12.97 -0.99
CA ARG B 67 1.40 -13.03 -1.36
C ARG B 67 2.29 -13.22 -0.14
N LEU B 68 1.97 -12.53 0.95
CA LEU B 68 2.74 -12.69 2.19
C LEU B 68 2.62 -14.11 2.71
N LYS B 69 1.39 -14.66 2.72
CA LYS B 69 1.20 -16.06 3.11
C LYS B 69 2.02 -16.99 2.23
N ARG B 70 1.99 -16.77 0.92
CA ARG B 70 2.69 -17.64 -0.01
C ARG B 70 4.20 -17.64 0.23
N THR B 71 4.78 -16.46 0.41
CA THR B 71 6.23 -16.38 0.62
C THR B 71 6.62 -16.99 1.97
N ALA B 72 5.77 -16.83 2.99
CA ALA B 72 6.06 -17.46 4.27
C ALA B 72 5.98 -18.99 4.17
N ARG B 73 5.02 -19.49 3.38
CA ARG B 73 4.95 -20.92 3.14
C ARG B 73 6.23 -21.44 2.50
N ARG B 74 6.70 -20.75 1.45
CA ARG B 74 7.94 -21.14 0.81
C ARG B 74 9.12 -21.09 1.79
N ARG B 75 9.11 -20.09 2.68
CA ARG B 75 10.13 -20.00 3.72
C ARG B 75 10.16 -21.23 4.61
N TYR B 76 9.00 -21.62 5.15
CA TYR B 76 8.94 -22.78 6.03
C TYR B 76 9.39 -24.04 5.31
N THR B 77 8.93 -24.22 4.07
CA THR B 77 9.38 -25.36 3.25
C THR B 77 10.90 -25.41 3.16
N ARG B 78 11.52 -24.29 2.79
CA ARG B 78 12.96 -24.27 2.58
C ARG B 78 13.74 -24.42 3.87
N ARG B 79 13.21 -23.91 4.98
CA ARG B 79 13.88 -24.08 6.28
C ARG B 79 13.86 -25.55 6.69
N LYS B 80 12.70 -26.20 6.53
CA LYS B 80 12.63 -27.64 6.76
C LYS B 80 13.64 -28.37 5.89
N ASN B 81 13.77 -27.94 4.62
CA ASN B 81 14.72 -28.59 3.73
C ASN B 81 16.16 -28.38 4.19
N ARG B 82 16.46 -27.21 4.76
CA ARG B 82 17.80 -26.99 5.34
C ARG B 82 18.08 -28.04 6.41
N ILE B 83 17.13 -28.21 7.33
CA ILE B 83 17.32 -29.21 8.39
C ILE B 83 17.46 -30.61 7.80
N CYS B 84 16.71 -30.89 6.72
CA CYS B 84 16.77 -32.21 6.11
C CYS B 84 18.12 -32.47 5.45
N TYR B 85 18.67 -31.47 4.76
CA TYR B 85 20.02 -31.58 4.21
C TYR B 85 21.01 -31.90 5.32
N LEU B 86 20.97 -31.12 6.41
CA LEU B 86 21.90 -31.33 7.51
C LEU B 86 21.80 -32.76 8.06
N GLN B 87 20.57 -33.21 8.33
CA GLN B 87 20.38 -34.56 8.86
C GLN B 87 20.87 -35.62 7.88
N GLU B 88 20.65 -35.41 6.58
CA GLU B 88 21.13 -36.37 5.60
C GLU B 88 22.65 -36.48 5.65
N ILE B 89 23.34 -35.37 5.92
CA ILE B 89 24.79 -35.46 6.05
C ILE B 89 25.18 -36.21 7.31
N PHE B 90 24.39 -36.10 8.38
CA PHE B 90 24.66 -36.74 9.66
C PHE B 90 24.15 -38.18 9.75
N SER B 91 23.47 -38.68 8.72
CA SER B 91 22.65 -39.88 8.86
C SER B 91 23.48 -41.10 9.25
N ASN B 92 24.52 -41.41 8.46
CA ASN B 92 25.24 -42.67 8.64
C ASN B 92 25.92 -42.74 10.01
N GLU B 93 26.62 -41.67 10.41
CA GLU B 93 27.37 -41.69 11.65
C GLU B 93 26.46 -41.59 12.88
N MET B 94 25.39 -40.80 12.79
CA MET B 94 24.41 -40.79 13.88
C MET B 94 23.79 -42.17 14.07
N ALA B 95 23.61 -42.92 12.98
CA ALA B 95 23.13 -44.30 13.12
C ALA B 95 24.07 -45.12 14.00
N LYS B 96 25.39 -44.92 13.83
CA LYS B 96 26.35 -45.61 14.68
C LYS B 96 26.28 -45.13 16.12
N VAL B 97 26.00 -43.84 16.33
CA VAL B 97 25.97 -43.34 17.71
C VAL B 97 24.63 -43.59 18.38
N ASP B 98 23.53 -43.27 17.69
CA ASP B 98 22.19 -43.38 18.27
C ASP B 98 21.20 -43.52 17.11
N ASP B 99 20.66 -44.73 16.94
CA ASP B 99 19.88 -45.08 15.75
C ASP B 99 18.47 -44.50 15.74
N SER B 100 18.00 -43.91 16.84
CA SER B 100 16.65 -43.35 16.90
C SER B 100 16.66 -41.87 17.29
N PHE B 101 17.80 -41.20 17.19
CA PHE B 101 17.91 -39.80 17.59
C PHE B 101 16.99 -38.92 16.75
N PHE B 102 17.17 -38.96 15.42
CA PHE B 102 16.36 -38.12 14.55
C PHE B 102 14.89 -38.48 14.62
N HIS B 103 14.57 -39.75 14.91
CA HIS B 103 13.18 -40.14 15.14
C HIS B 103 12.61 -39.45 16.37
N ARG B 104 13.33 -39.48 17.48
CA ARG B 104 12.87 -38.79 18.67
C ARG B 104 12.69 -37.30 18.42
N LEU B 105 13.57 -36.71 17.60
CA LEU B 105 13.41 -35.30 17.25
C LEU B 105 12.13 -35.06 16.46
N GLU B 106 11.86 -35.88 15.43
CA GLU B 106 10.67 -35.69 14.62
C GLU B 106 9.38 -35.96 15.40
N GLU B 107 9.41 -36.76 16.46
CA GLU B 107 8.20 -37.05 17.21
C GLU B 107 8.14 -36.29 18.54
N SER B 108 8.96 -35.25 18.72
CA SER B 108 9.01 -34.54 20.00
C SER B 108 7.67 -33.90 20.36
N PHE B 109 6.84 -33.59 19.36
CA PHE B 109 5.57 -32.93 19.62
C PHE B 109 4.53 -33.89 20.20
N LEU B 110 4.65 -35.19 19.90
CA LEU B 110 3.64 -36.16 20.30
C LEU B 110 3.65 -36.36 21.81
N VAL B 111 2.50 -36.79 22.33
CA VAL B 111 2.37 -37.12 23.74
C VAL B 111 2.95 -38.51 23.98
N GLU B 112 3.09 -38.89 25.25
CA GLU B 112 3.81 -40.11 25.58
C GLU B 112 3.08 -41.35 25.07
N GLU B 113 1.74 -41.32 25.07
CA GLU B 113 0.98 -42.42 24.48
C GLU B 113 1.37 -42.63 23.03
N ASP B 114 1.30 -41.56 22.24
CA ASP B 114 1.55 -41.61 20.80
C ASP B 114 3.03 -41.75 20.46
N LYS B 115 3.94 -41.53 21.41
CA LYS B 115 5.36 -41.68 21.12
C LYS B 115 5.70 -43.12 20.83
N LYS B 116 6.51 -43.34 19.79
CA LYS B 116 7.02 -44.67 19.49
C LYS B 116 8.38 -44.93 20.12
N HIS B 117 9.03 -43.90 20.67
CA HIS B 117 10.35 -44.03 21.30
C HIS B 117 10.29 -43.38 22.69
N GLU B 118 11.43 -43.39 23.37
CA GLU B 118 11.51 -42.86 24.73
C GLU B 118 11.29 -41.34 24.70
N ARG B 119 10.75 -40.83 25.80
CA ARG B 119 10.21 -39.47 25.81
C ARG B 119 11.26 -38.38 26.01
N HIS B 120 12.52 -38.73 26.23
CA HIS B 120 13.54 -37.72 26.39
C HIS B 120 14.32 -37.60 25.08
N PRO B 121 14.21 -36.47 24.37
CA PRO B 121 14.63 -36.46 22.96
C PRO B 121 16.13 -36.60 22.73
N ILE B 122 16.95 -35.91 23.51
CA ILE B 122 18.37 -35.84 23.16
C ILE B 122 19.08 -37.17 23.45
N PHE B 123 18.91 -37.72 24.66
CA PHE B 123 19.66 -38.90 25.04
C PHE B 123 18.79 -40.15 25.24
N GLY B 124 17.49 -39.98 25.49
CA GLY B 124 16.63 -41.14 25.58
C GLY B 124 16.55 -41.80 26.93
N ASN B 125 17.05 -41.13 27.98
CA ASN B 125 16.86 -41.57 29.36
C ASN B 125 16.86 -40.32 30.24
N ILE B 126 16.18 -40.41 31.38
CA ILE B 126 15.96 -39.21 32.18
C ILE B 126 17.25 -38.67 32.79
N VAL B 127 18.17 -39.55 33.21
CA VAL B 127 19.36 -39.11 33.92
C VAL B 127 20.23 -38.22 33.05
N ASP B 128 20.57 -38.70 31.84
CA ASP B 128 21.39 -37.91 30.93
C ASP B 128 20.68 -36.64 30.48
N GLU B 129 19.35 -36.67 30.36
CA GLU B 129 18.63 -35.47 29.94
C GLU B 129 18.71 -34.39 31.01
N VAL B 130 18.49 -34.77 32.28
CA VAL B 130 18.62 -33.82 33.37
C VAL B 130 20.06 -33.34 33.48
N ALA B 131 21.02 -34.23 33.26
CA ALA B 131 22.42 -33.84 33.31
C ALA B 131 22.75 -32.80 32.24
N TYR B 132 22.29 -33.03 31.01
CA TYR B 132 22.48 -32.08 29.94
C TYR B 132 21.91 -30.72 30.32
N HIS B 133 20.63 -30.70 30.69
CA HIS B 133 19.99 -29.42 30.99
C HIS B 133 20.65 -28.70 32.17
N GLU B 134 21.19 -29.46 33.13
CA GLU B 134 21.95 -28.84 34.21
C GLU B 134 23.24 -28.22 33.69
N LYS B 135 23.96 -28.94 32.82
CA LYS B 135 25.22 -28.40 32.30
C LYS B 135 24.98 -27.30 31.27
N TYR B 136 23.88 -27.36 30.54
CA TYR B 136 23.60 -26.43 29.44
C TYR B 136 22.18 -25.90 29.57
N PRO B 137 21.95 -24.92 30.46
CA PRO B 137 20.59 -24.38 30.61
C PRO B 137 19.98 -23.85 29.32
N THR B 138 20.75 -23.18 28.47
CA THR B 138 20.28 -22.75 27.16
C THR B 138 21.18 -23.36 26.09
N ILE B 139 20.66 -23.38 24.86
CA ILE B 139 21.41 -23.88 23.72
C ILE B 139 22.68 -23.07 23.49
N TYR B 140 22.70 -21.80 23.92
CA TYR B 140 23.87 -20.96 23.72
C TYR B 140 25.04 -21.36 24.62
N HIS B 141 24.77 -21.93 25.79
CA HIS B 141 25.84 -22.53 26.58
C HIS B 141 26.54 -23.62 25.79
N LEU B 142 25.77 -24.52 25.16
CA LEU B 142 26.34 -25.58 24.35
C LEU B 142 27.06 -25.03 23.14
N ARG B 143 26.49 -24.01 22.49
CA ARG B 143 27.15 -23.39 21.34
C ARG B 143 28.52 -22.86 21.73
N LYS B 144 28.60 -22.11 22.83
CA LYS B 144 29.88 -21.54 23.26
C LYS B 144 30.85 -22.63 23.68
N LYS B 145 30.35 -23.68 24.34
CA LYS B 145 31.23 -24.78 24.73
C LYS B 145 31.80 -25.48 23.50
N LEU B 146 30.97 -25.75 22.50
CA LEU B 146 31.45 -26.44 21.31
C LEU B 146 32.38 -25.56 20.47
N VAL B 147 32.22 -24.23 20.58
CA VAL B 147 33.16 -23.34 19.88
C VAL B 147 34.51 -23.31 20.59
N ASP B 148 34.49 -23.14 21.92
CA ASP B 148 35.72 -22.89 22.67
C ASP B 148 36.48 -24.16 23.05
N SER B 149 35.79 -25.26 23.35
CA SER B 149 36.46 -26.44 23.89
C SER B 149 37.17 -27.25 22.79
N THR B 150 38.20 -27.97 23.20
CA THR B 150 39.02 -28.77 22.29
C THR B 150 38.75 -30.27 22.38
N ASP B 151 37.89 -30.70 23.30
CA ASP B 151 37.62 -32.12 23.49
C ASP B 151 36.63 -32.62 22.44
N LYS B 152 36.74 -33.91 22.13
CA LYS B 152 35.71 -34.56 21.31
C LYS B 152 34.36 -34.43 22.00
N ALA B 153 33.32 -34.22 21.20
CA ALA B 153 31.99 -33.95 21.73
C ALA B 153 31.00 -34.97 21.19
N ASP B 154 29.90 -35.12 21.91
CA ASP B 154 28.85 -36.05 21.51
C ASP B 154 28.23 -35.59 20.18
N LEU B 155 28.15 -36.52 19.22
CA LEU B 155 27.68 -36.17 17.88
C LEU B 155 26.28 -35.56 17.91
N ARG B 156 25.46 -35.98 18.88
CA ARG B 156 24.10 -35.44 18.97
C ARG B 156 24.12 -33.97 19.39
N LEU B 157 25.00 -33.61 20.32
CA LEU B 157 25.14 -32.20 20.71
C LEU B 157 25.68 -31.36 19.56
N ILE B 158 26.63 -31.91 18.81
CA ILE B 158 27.15 -31.22 17.63
C ILE B 158 26.01 -30.96 16.64
N TYR B 159 25.20 -31.99 16.38
CA TYR B 159 24.05 -31.78 15.50
C TYR B 159 23.13 -30.71 16.03
N LEU B 160 22.79 -30.77 17.31
CA LEU B 160 21.83 -29.80 17.86
C LEU B 160 22.36 -28.38 17.73
N ALA B 161 23.65 -28.18 17.98
CA ALA B 161 24.22 -26.84 17.83
C ALA B 161 24.14 -26.36 16.38
N LEU B 162 24.62 -27.18 15.45
CA LEU B 162 24.61 -26.76 14.04
C LEU B 162 23.19 -26.56 13.54
N ALA B 163 22.26 -27.40 13.99
CA ALA B 163 20.86 -27.28 13.58
C ALA B 163 20.22 -26.02 14.13
N HIS B 164 20.60 -25.62 15.35
CA HIS B 164 20.10 -24.36 15.89
C HIS B 164 20.61 -23.19 15.09
N MET B 165 21.87 -23.25 14.64
CA MET B 165 22.41 -22.17 13.83
C MET B 165 21.77 -22.12 12.43
N ILE B 166 21.46 -23.29 11.86
CA ILE B 166 20.94 -23.32 10.49
C ILE B 166 19.43 -23.01 10.48
N LYS B 167 18.70 -23.36 11.55
CA LYS B 167 17.27 -23.10 11.58
C LYS B 167 16.98 -21.62 11.79
N PHE B 168 17.80 -20.94 12.60
CA PHE B 168 17.66 -19.50 12.88
C PHE B 168 19.01 -18.87 12.56
N ARG B 169 19.21 -18.55 11.28
CA ARG B 169 20.54 -18.24 10.77
C ARG B 169 20.82 -16.75 10.66
N GLY B 170 19.85 -15.88 10.92
CA GLY B 170 20.08 -14.46 10.86
C GLY B 170 19.93 -13.90 9.45
N HIS B 171 19.98 -12.57 9.35
CA HIS B 171 19.63 -11.89 8.11
C HIS B 171 20.81 -11.86 7.14
N PHE B 172 20.52 -11.35 5.94
CA PHE B 172 21.48 -11.25 4.84
C PHE B 172 21.59 -9.82 4.32
N LEU B 173 21.39 -8.83 5.20
CA LEU B 173 21.37 -7.44 4.81
C LEU B 173 22.77 -6.82 4.72
N ILE B 174 23.83 -7.53 5.11
CA ILE B 174 25.19 -7.02 5.04
C ILE B 174 25.98 -7.89 4.08
N GLU B 175 26.64 -7.25 3.11
CA GLU B 175 27.40 -7.97 2.10
C GLU B 175 28.80 -8.26 2.61
N GLY B 176 29.42 -9.29 2.01
CA GLY B 176 30.80 -9.63 2.29
C GLY B 176 30.97 -10.47 3.53
N ASP B 177 32.22 -10.58 3.96
CA ASP B 177 32.57 -11.32 5.17
C ASP B 177 32.65 -10.37 6.36
N LEU B 178 32.26 -10.87 7.53
CA LEU B 178 32.35 -10.15 8.79
C LEU B 178 33.23 -10.94 9.73
N ASN B 179 34.26 -10.28 10.29
CA ASN B 179 35.22 -10.92 11.19
C ASN B 179 35.30 -10.10 12.46
N PRO B 180 34.41 -10.39 13.42
CA PRO B 180 34.31 -9.58 14.64
C PRO B 180 35.63 -9.42 15.38
N ASP B 181 35.91 -8.17 15.78
CA ASP B 181 37.11 -7.86 16.55
C ASP B 181 36.84 -6.52 17.23
N ASN B 182 36.57 -6.56 18.53
CA ASN B 182 36.37 -5.34 19.29
C ASN B 182 37.46 -5.14 20.35
N SER B 183 38.62 -5.79 20.16
CA SER B 183 39.62 -5.82 21.21
C SER B 183 40.37 -4.49 21.34
N ASP B 184 40.55 -3.77 20.25
CA ASP B 184 41.26 -2.49 20.31
C ASP B 184 40.43 -1.40 19.67
N VAL B 185 39.23 -1.19 20.24
CA VAL B 185 38.45 0.00 19.89
C VAL B 185 39.14 1.25 20.42
N ASP B 186 39.70 1.14 21.62
CA ASP B 186 40.39 2.28 22.23
C ASP B 186 41.55 2.74 21.38
N LYS B 187 42.37 1.80 20.89
CA LYS B 187 43.53 2.17 20.08
C LYS B 187 43.11 2.74 18.72
N LEU B 188 42.04 2.19 18.13
CA LEU B 188 41.54 2.72 16.88
C LEU B 188 41.00 4.14 17.05
N PHE B 189 40.33 4.39 18.17
CA PHE B 189 39.82 5.74 18.46
C PHE B 189 40.98 6.71 18.68
N ILE B 190 42.02 6.25 19.39
CA ILE B 190 43.20 7.10 19.59
C ILE B 190 43.91 7.35 18.27
N GLN B 191 43.92 6.36 17.38
CA GLN B 191 44.53 6.57 16.07
C GLN B 191 43.72 7.55 15.23
N LEU B 192 42.38 7.51 15.35
CA LEU B 192 41.54 8.51 14.70
C LEU B 192 41.85 9.89 15.24
N VAL B 193 41.99 10.00 16.57
CA VAL B 193 42.32 11.29 17.18
C VAL B 193 43.69 11.77 16.74
N GLN B 194 44.64 10.84 16.60
CA GLN B 194 45.98 11.21 16.14
C GLN B 194 45.96 11.68 14.70
N THR B 195 45.23 10.97 13.84
CA THR B 195 45.09 11.38 12.45
C THR B 195 44.44 12.75 12.33
N TYR B 196 43.44 13.02 13.18
CA TYR B 196 42.81 14.33 13.19
C TYR B 196 43.78 15.40 13.66
N ASN B 197 44.40 15.20 14.82
CA ASN B 197 45.37 16.14 15.37
C ASN B 197 46.56 16.35 14.46
N GLN B 198 46.84 15.42 13.56
CA GLN B 198 47.91 15.64 12.58
C GLN B 198 47.59 16.83 11.69
N LEU B 199 46.34 16.90 11.22
CA LEU B 199 45.92 18.02 10.38
C LEU B 199 45.86 19.31 11.19
N PHE B 200 45.22 19.27 12.35
CA PHE B 200 44.95 20.47 13.12
C PHE B 200 45.90 20.49 14.32
N GLU B 201 47.16 20.84 14.02
CA GLU B 201 48.16 20.98 15.06
C GLU B 201 47.85 22.16 15.97
N GLU B 202 47.22 23.21 15.42
CA GLU B 202 46.87 24.36 16.25
C GLU B 202 45.78 24.04 17.26
N ASN B 203 44.84 23.16 16.92
CA ASN B 203 43.73 22.81 17.80
C ASN B 203 43.53 21.30 17.85
N PRO B 204 44.39 20.59 18.58
CA PRO B 204 44.29 19.13 18.65
C PRO B 204 43.29 18.70 19.71
N ILE B 205 43.02 17.39 19.72
CA ILE B 205 42.14 16.74 20.68
C ILE B 205 42.98 15.86 21.59
N ASN B 206 42.79 16.00 22.90
CA ASN B 206 43.51 15.18 23.87
C ASN B 206 42.65 13.97 24.22
N ALA B 207 42.96 12.84 23.59
CA ALA B 207 42.20 11.61 23.80
C ALA B 207 42.47 10.97 25.15
N SER B 208 43.45 11.46 25.91
CA SER B 208 43.81 10.83 27.18
C SER B 208 42.66 10.85 28.16
N GLY B 209 42.29 9.66 28.65
CA GLY B 209 41.22 9.53 29.63
C GLY B 209 39.83 9.33 29.06
N VAL B 210 39.68 9.30 27.75
CA VAL B 210 38.38 9.10 27.13
C VAL B 210 38.18 7.60 26.96
N ASP B 211 37.21 7.04 27.66
CA ASP B 211 36.89 5.61 27.55
C ASP B 211 35.96 5.44 26.36
N ALA B 212 36.56 5.42 25.16
CA ALA B 212 35.77 5.27 23.94
C ALA B 212 35.09 3.92 23.88
N LYS B 213 35.80 2.87 24.34
CA LYS B 213 35.23 1.53 24.34
C LYS B 213 33.90 1.51 25.10
N ALA B 214 33.87 2.08 26.30
CA ALA B 214 32.65 2.09 27.11
C ALA B 214 31.64 3.13 26.61
N ILE B 215 32.10 4.35 26.32
CA ILE B 215 31.18 5.42 25.92
C ILE B 215 30.47 5.08 24.62
N LEU B 216 31.20 4.51 23.65
CA LEU B 216 30.63 4.26 22.34
C LEU B 216 29.91 2.93 22.23
N SER B 217 30.27 1.93 23.02
CA SER B 217 29.58 0.64 22.99
C SER B 217 28.47 0.54 24.03
N ALA B 218 28.14 1.64 24.69
CA ALA B 218 27.11 1.60 25.72
C ALA B 218 25.76 1.25 25.12
N ARG B 219 24.94 0.54 25.90
CA ARG B 219 23.57 0.25 25.49
C ARG B 219 22.76 1.53 25.47
N LEU B 220 23.11 2.44 24.57
CA LEU B 220 22.42 3.71 24.39
C LEU B 220 22.29 3.96 22.89
N SER B 221 21.57 5.01 22.51
CA SER B 221 21.44 5.31 21.10
C SER B 221 22.75 5.85 20.55
N LYS B 222 22.94 5.71 19.24
CA LYS B 222 24.12 6.28 18.58
C LYS B 222 24.28 7.76 18.94
N SER B 223 23.17 8.50 18.92
CA SER B 223 23.21 9.93 19.21
C SER B 223 23.62 10.19 20.66
N ARG B 224 22.93 9.52 21.60
CA ARG B 224 23.26 9.58 23.03
C ARG B 224 24.76 9.49 23.28
N ARG B 225 25.37 8.45 22.70
CA ARG B 225 26.80 8.23 22.85
C ARG B 225 27.61 9.33 22.21
N LEU B 226 27.10 9.92 21.11
CA LEU B 226 27.77 11.08 20.53
C LEU B 226 27.86 12.22 21.54
N GLU B 227 26.76 12.53 22.22
CA GLU B 227 26.77 13.61 23.21
C GLU B 227 27.75 13.32 24.33
N ASN B 228 27.72 12.09 24.86
CA ASN B 228 28.63 11.72 25.94
C ASN B 228 30.09 11.89 25.50
N LEU B 229 30.44 11.33 24.36
CA LEU B 229 31.82 11.41 23.88
C LEU B 229 32.25 12.85 23.68
N ILE B 230 31.41 13.68 23.06
CA ILE B 230 31.78 15.07 22.87
C ILE B 230 31.99 15.76 24.22
N ALA B 231 31.17 15.42 25.21
CA ALA B 231 31.39 15.91 26.57
C ALA B 231 32.81 15.60 27.03
N GLN B 232 33.33 14.43 26.68
CA GLN B 232 34.69 14.10 27.09
C GLN B 232 35.78 14.91 26.38
N LEU B 233 35.46 15.55 25.24
CA LEU B 233 36.47 16.31 24.49
C LEU B 233 36.25 17.81 24.65
N PRO B 234 37.06 18.50 25.48
CA PRO B 234 36.82 19.92 25.76
C PRO B 234 37.19 20.83 24.59
N GLY B 235 36.46 21.94 24.48
CA GLY B 235 36.63 22.81 23.33
C GLY B 235 36.20 22.21 22.00
N GLU B 236 35.49 21.08 22.02
CA GLU B 236 34.99 20.43 20.82
C GLU B 236 33.46 20.41 20.88
N LYS B 237 32.82 20.63 19.74
CA LYS B 237 31.37 20.67 19.70
C LYS B 237 30.83 19.58 18.77
N LYS B 238 29.59 19.16 19.03
CA LYS B 238 29.04 17.98 18.36
C LYS B 238 28.89 18.18 16.86
N ASN B 239 28.68 19.42 16.41
CA ASN B 239 28.52 19.70 14.99
C ASN B 239 29.83 20.12 14.31
N GLY B 240 30.96 20.06 15.04
CA GLY B 240 32.26 20.25 14.44
C GLY B 240 32.69 19.02 13.66
N LEU B 241 33.89 19.13 13.06
CA LEU B 241 34.35 18.07 12.16
C LEU B 241 34.53 16.74 12.89
N PHE B 242 35.18 16.77 14.05
CA PHE B 242 35.39 15.52 14.78
C PHE B 242 34.07 14.95 15.29
N GLY B 243 33.15 15.82 15.69
CA GLY B 243 31.83 15.34 16.05
C GLY B 243 31.16 14.58 14.91
N ASN B 244 31.27 15.11 13.69
CA ASN B 244 30.67 14.45 12.55
C ASN B 244 31.41 13.17 12.17
N LEU B 245 32.74 13.13 12.34
CA LEU B 245 33.46 11.88 12.13
C LEU B 245 33.05 10.81 13.14
N ILE B 246 32.81 11.21 14.40
CA ILE B 246 32.33 10.22 15.38
C ILE B 246 30.95 9.73 15.00
N ALA B 247 30.05 10.67 14.67
CA ALA B 247 28.74 10.26 14.15
C ALA B 247 28.88 9.30 12.99
N LEU B 248 29.89 9.53 12.14
CA LEU B 248 30.13 8.64 11.01
C LEU B 248 30.51 7.24 11.48
N SER B 249 31.46 7.15 12.41
CA SER B 249 31.89 5.84 12.90
C SER B 249 30.74 5.08 13.56
N LEU B 250 29.78 5.81 14.13
CA LEU B 250 28.64 5.21 14.81
C LEU B 250 27.55 4.77 13.85
N GLY B 251 27.74 4.93 12.54
CA GLY B 251 26.72 4.54 11.59
C GLY B 251 25.66 5.58 11.35
N LEU B 252 25.90 6.83 11.73
CA LEU B 252 24.96 7.91 11.46
C LEU B 252 25.22 8.45 10.05
N THR B 253 24.48 9.49 9.68
CA THR B 253 24.61 10.14 8.38
C THR B 253 24.90 11.63 8.60
N PRO B 254 26.14 11.98 8.95
CA PRO B 254 26.48 13.38 9.12
C PRO B 254 26.70 14.09 7.79
N ASN B 255 26.51 15.40 7.81
CA ASN B 255 26.73 16.24 6.65
C ASN B 255 27.92 17.15 6.94
N PHE B 256 28.98 16.99 6.16
CA PHE B 256 30.21 17.74 6.34
C PHE B 256 30.23 19.04 5.55
N LYS B 257 29.06 19.55 5.17
CA LYS B 257 28.99 20.77 4.38
C LYS B 257 29.54 21.96 5.16
N SER B 258 28.99 22.22 6.35
CA SER B 258 29.45 23.36 7.13
C SER B 258 30.89 23.19 7.59
N ASN B 259 31.31 21.94 7.84
CA ASN B 259 32.69 21.67 8.24
C ASN B 259 33.69 22.19 7.21
N PHE B 260 33.33 22.14 5.92
CA PHE B 260 34.24 22.49 4.85
C PHE B 260 33.75 23.65 3.99
N ASP B 261 32.73 24.38 4.43
CA ASP B 261 32.21 25.56 3.73
C ASP B 261 31.86 25.22 2.28
N LEU B 262 31.25 24.06 2.07
CA LEU B 262 30.90 23.62 0.73
C LEU B 262 29.60 24.29 0.27
N ALA B 263 29.41 24.33 -1.05
CA ALA B 263 28.17 24.83 -1.62
C ALA B 263 27.10 23.75 -1.73
N GLU B 264 27.49 22.51 -1.97
CA GLU B 264 26.58 21.39 -2.04
C GLU B 264 26.58 20.59 -0.74
N ASP B 265 25.61 19.69 -0.62
CA ASP B 265 25.56 18.80 0.53
C ASP B 265 26.65 17.73 0.43
N ALA B 266 27.22 17.39 1.58
CA ALA B 266 28.19 16.30 1.66
C ALA B 266 27.76 15.29 2.71
N LYS B 267 26.55 14.76 2.58
CA LYS B 267 26.06 13.75 3.50
C LYS B 267 26.76 12.43 3.22
N LEU B 268 27.19 11.75 4.28
CA LEU B 268 27.99 10.54 4.16
C LEU B 268 27.48 9.48 5.13
N GLN B 269 27.25 8.26 4.63
CA GLN B 269 26.92 7.12 5.48
C GLN B 269 27.80 5.95 5.06
N LEU B 270 28.41 5.29 6.05
CA LEU B 270 29.33 4.19 5.77
C LEU B 270 28.60 2.96 5.24
N SER B 271 27.41 2.68 5.76
CA SER B 271 26.69 1.46 5.37
C SER B 271 26.06 1.57 3.99
N LYS B 272 25.68 2.77 3.56
CA LYS B 272 25.19 2.98 2.21
C LYS B 272 26.13 2.37 1.19
N ASP B 273 25.56 1.68 0.20
CA ASP B 273 26.42 1.08 -0.82
C ASP B 273 27.03 2.11 -1.77
N THR B 274 26.66 3.39 -1.64
CA THR B 274 27.22 4.45 -2.47
C THR B 274 28.32 5.23 -1.76
N TYR B 275 28.82 4.74 -0.62
CA TYR B 275 29.75 5.51 0.19
C TYR B 275 31.07 5.79 -0.52
N ASP B 276 31.58 4.83 -1.30
CA ASP B 276 32.88 5.02 -1.94
C ASP B 276 32.85 6.23 -2.88
N ASP B 277 31.86 6.28 -3.78
CA ASP B 277 31.80 7.39 -4.71
C ASP B 277 31.46 8.70 -4.02
N ASP B 278 30.65 8.68 -2.96
CA ASP B 278 30.36 9.91 -2.22
C ASP B 278 31.61 10.46 -1.55
N LEU B 279 32.40 9.58 -0.94
CA LEU B 279 33.65 10.01 -0.33
C LEU B 279 34.62 10.53 -1.38
N ASP B 280 34.61 9.94 -2.58
CA ASP B 280 35.46 10.48 -3.65
C ASP B 280 34.98 11.86 -4.10
N ASN B 281 33.67 12.04 -4.23
CA ASN B 281 33.09 13.37 -4.43
C ASN B 281 33.65 14.38 -3.43
N LEU B 282 33.50 14.06 -2.14
CA LEU B 282 33.93 14.99 -1.10
C LEU B 282 35.43 15.26 -1.18
N LEU B 283 36.23 14.20 -1.29
CA LEU B 283 37.68 14.36 -1.35
C LEU B 283 38.10 15.15 -2.58
N ALA B 284 37.36 15.04 -3.68
CA ALA B 284 37.62 15.90 -4.82
C ALA B 284 37.36 17.36 -4.44
N GLN B 285 36.40 17.60 -3.55
CA GLN B 285 36.16 18.97 -3.10
C GLN B 285 37.24 19.46 -2.13
N ILE B 286 37.63 18.65 -1.14
CA ILE B 286 38.51 19.13 -0.08
C ILE B 286 39.96 18.64 -0.22
N GLY B 287 40.20 17.57 -0.95
CA GLY B 287 41.57 17.16 -1.10
C GLY B 287 41.86 15.82 -0.42
N ASP B 288 42.84 15.10 -0.97
CA ASP B 288 43.14 13.76 -0.48
C ASP B 288 43.92 13.76 0.83
N GLN B 289 44.37 14.93 1.30
CA GLN B 289 45.01 14.99 2.61
C GLN B 289 44.06 14.60 3.73
N TYR B 290 42.75 14.69 3.49
CA TYR B 290 41.76 14.27 4.46
C TYR B 290 41.38 12.80 4.30
N ALA B 291 41.86 12.14 3.24
CA ALA B 291 41.52 10.74 2.99
C ALA B 291 41.73 9.88 4.22
N ASP B 292 42.95 9.90 4.76
CA ASP B 292 43.28 9.15 5.97
C ASP B 292 42.22 9.34 7.05
N LEU B 293 41.79 10.59 7.26
CA LEU B 293 40.75 10.87 8.24
C LEU B 293 39.59 9.89 8.10
N PHE B 294 38.94 9.91 6.94
CA PHE B 294 37.82 9.01 6.74
C PHE B 294 38.25 7.56 6.76
N LEU B 295 39.44 7.24 6.21
CA LEU B 295 40.00 5.90 6.38
C LEU B 295 39.98 5.50 7.84
N ALA B 296 40.56 6.35 8.70
CA ALA B 296 40.59 6.04 10.13
C ALA B 296 39.19 5.81 10.66
N ALA B 297 38.24 6.66 10.25
CA ALA B 297 36.85 6.48 10.65
C ALA B 297 36.40 5.05 10.37
N LYS B 298 36.52 4.63 9.10
CA LYS B 298 36.17 3.26 8.71
C LYS B 298 36.78 2.26 9.66
N ASN B 299 38.08 2.41 9.95
CA ASN B 299 38.76 1.47 10.83
C ASN B 299 38.05 1.36 12.17
N LEU B 300 37.88 2.49 12.87
CA LEU B 300 37.18 2.44 14.15
C LEU B 300 35.77 1.88 13.97
N SER B 301 35.10 2.23 12.87
CA SER B 301 33.75 1.75 12.62
C SER B 301 33.70 0.23 12.49
N ASP B 302 34.76 -0.39 11.98
CA ASP B 302 34.73 -1.84 11.89
C ASP B 302 34.85 -2.52 13.24
N ALA B 303 35.33 -1.81 14.26
CA ALA B 303 35.52 -2.43 15.56
C ALA B 303 34.32 -2.31 16.48
N ILE B 304 33.50 -1.28 16.31
CA ILE B 304 32.32 -1.08 17.14
C ILE B 304 31.03 -1.30 16.38
N LEU B 305 31.10 -1.88 15.17
CA LEU B 305 29.92 -1.98 14.33
C LEU B 305 28.77 -2.68 15.06
N LEU B 306 29.08 -3.77 15.76
CA LEU B 306 28.08 -4.67 16.31
C LEU B 306 28.05 -4.64 17.85
N SER B 307 28.49 -3.52 18.44
CA SER B 307 28.51 -3.40 19.90
C SER B 307 27.15 -3.69 20.54
N ASP B 308 26.06 -3.56 19.78
CA ASP B 308 24.73 -3.74 20.35
C ASP B 308 24.37 -5.22 20.52
N ILE B 309 24.82 -6.09 19.62
CA ILE B 309 24.47 -7.50 19.71
C ILE B 309 25.61 -8.29 20.35
N LEU B 310 26.85 -7.84 20.14
CA LEU B 310 28.03 -8.46 20.74
C LEU B 310 28.45 -7.61 21.93
N ARG B 311 27.96 -7.99 23.12
CA ARG B 311 28.24 -7.27 24.36
C ARG B 311 29.27 -7.98 25.23
N VAL B 312 30.18 -8.75 24.62
CA VAL B 312 31.20 -9.48 25.35
C VAL B 312 32.53 -9.27 24.62
N ASN B 313 33.62 -9.24 25.38
CA ASN B 313 34.96 -9.12 24.81
C ASN B 313 35.26 -10.29 23.89
N THR B 314 35.45 -9.99 22.61
CA THR B 314 35.77 -11.00 21.61
C THR B 314 37.16 -11.59 21.79
N GLU B 315 37.95 -11.15 22.76
CA GLU B 315 39.28 -11.68 22.98
C GLU B 315 39.28 -12.92 23.88
N ILE B 316 38.16 -13.28 24.47
CA ILE B 316 38.09 -14.40 25.40
C ILE B 316 37.48 -15.61 24.69
N THR B 317 36.60 -15.36 23.72
CA THR B 317 35.89 -16.45 23.05
C THR B 317 35.72 -16.14 21.57
N LYS B 318 35.74 -17.20 20.75
CA LYS B 318 35.40 -17.11 19.34
C LYS B 318 33.90 -17.27 19.09
N ALA B 319 33.09 -17.23 20.16
CA ALA B 319 31.63 -17.28 20.07
C ALA B 319 31.02 -16.17 20.91
N PRO B 320 31.24 -14.89 20.52
CA PRO B 320 30.79 -13.78 21.37
C PRO B 320 29.29 -13.54 21.34
N LEU B 321 28.57 -14.00 20.31
CA LEU B 321 27.11 -13.91 20.33
C LEU B 321 26.53 -14.83 21.39
N SER B 322 26.91 -16.10 21.37
CA SER B 322 26.42 -17.03 22.39
C SER B 322 26.88 -16.60 23.77
N ALA B 323 28.08 -16.00 23.86
CA ALA B 323 28.54 -15.47 25.13
C ALA B 323 27.67 -14.31 25.60
N SER B 324 27.20 -13.47 24.68
CA SER B 324 26.30 -12.39 25.05
C SER B 324 24.95 -12.93 25.50
N MET B 325 24.49 -14.00 24.86
CA MET B 325 23.26 -14.66 25.30
C MET B 325 23.42 -15.21 26.71
N ILE B 326 24.57 -15.84 26.98
CA ILE B 326 24.87 -16.35 28.32
C ILE B 326 24.94 -15.21 29.31
N LYS B 327 25.41 -14.04 28.88
CA LYS B 327 25.43 -12.87 29.75
C LYS B 327 24.02 -12.45 30.12
N ARG B 328 23.13 -12.38 29.12
CA ARG B 328 21.70 -12.17 29.38
C ARG B 328 21.19 -13.16 30.42
N TYR B 329 21.51 -14.43 30.23
CA TYR B 329 21.01 -15.48 31.13
C TYR B 329 21.52 -15.29 32.56
N ASP B 330 22.83 -15.07 32.71
CA ASP B 330 23.42 -14.95 34.04
C ASP B 330 22.89 -13.73 34.77
N GLU B 331 22.77 -12.61 34.06
CA GLU B 331 22.21 -11.42 34.70
C GLU B 331 20.74 -11.62 35.04
N HIS B 332 20.00 -12.33 34.18
CA HIS B 332 18.62 -12.68 34.50
C HIS B 332 18.55 -13.46 35.80
N HIS B 333 19.43 -14.46 35.95
CA HIS B 333 19.43 -15.28 37.16
C HIS B 333 19.75 -14.43 38.39
N GLN B 334 20.84 -13.66 38.33
CA GLN B 334 21.24 -12.86 39.48
C GLN B 334 20.15 -11.87 39.87
N ASP B 335 19.62 -11.14 38.89
CA ASP B 335 18.60 -10.14 39.16
C ASP B 335 17.30 -10.76 39.64
N LEU B 336 16.95 -11.95 39.14
CA LEU B 336 15.75 -12.62 39.64
C LEU B 336 15.92 -13.05 41.08
N THR B 337 17.08 -13.60 41.43
CA THR B 337 17.36 -13.95 42.82
C THR B 337 17.20 -12.74 43.73
N LEU B 338 17.86 -11.63 43.35
CA LEU B 338 17.78 -10.41 44.16
C LEU B 338 16.35 -9.89 44.25
N LEU B 339 15.62 -9.87 43.13
CA LEU B 339 14.27 -9.32 43.14
C LEU B 339 13.33 -10.19 43.98
N LYS B 340 13.46 -11.51 43.88
CA LYS B 340 12.68 -12.40 44.72
C LYS B 340 12.93 -12.10 46.19
N ALA B 341 14.21 -12.01 46.59
CA ALA B 341 14.53 -11.72 47.97
C ALA B 341 13.95 -10.37 48.41
N LEU B 342 14.12 -9.35 47.56
CA LEU B 342 13.64 -8.01 47.90
C LEU B 342 12.13 -8.00 48.11
N VAL B 343 11.38 -8.72 47.26
CA VAL B 343 9.93 -8.73 47.40
C VAL B 343 9.52 -9.51 48.64
N ARG B 344 10.10 -10.71 48.83
CA ARG B 344 9.92 -11.51 50.03
C ARG B 344 10.06 -10.66 51.28
N GLN B 345 11.04 -9.76 51.25
CA GLN B 345 11.35 -8.93 52.41
C GLN B 345 10.39 -7.75 52.53
N GLN B 346 10.44 -6.81 51.57
CA GLN B 346 9.79 -5.52 51.70
C GLN B 346 8.28 -5.57 51.46
N LEU B 347 7.78 -6.52 50.64
CA LEU B 347 6.33 -6.67 50.49
C LEU B 347 5.96 -8.11 50.12
N PRO B 348 5.73 -8.99 51.11
CA PRO B 348 5.49 -10.40 50.80
C PRO B 348 4.11 -10.66 50.19
N GLU B 349 3.10 -9.87 50.54
CA GLU B 349 1.75 -10.12 50.05
C GLU B 349 1.64 -10.05 48.53
N LYS B 350 2.56 -9.34 47.88
CA LYS B 350 2.55 -9.25 46.42
C LYS B 350 3.26 -10.42 45.76
N TYR B 351 4.11 -11.15 46.50
CA TYR B 351 4.97 -12.17 45.90
C TYR B 351 4.17 -13.13 45.03
N LYS B 352 3.09 -13.71 45.57
CA LYS B 352 2.27 -14.63 44.79
C LYS B 352 1.88 -14.00 43.46
N GLU B 353 1.25 -12.81 43.51
CA GLU B 353 0.83 -12.12 42.29
C GLU B 353 1.97 -12.02 41.29
N ILE B 354 3.18 -11.75 41.78
CA ILE B 354 4.30 -11.53 40.87
C ILE B 354 4.85 -12.85 40.33
N PHE B 355 4.81 -13.92 41.10
CA PHE B 355 5.52 -15.13 40.72
C PHE B 355 4.62 -16.35 40.51
N PHE B 356 3.31 -16.22 40.66
CA PHE B 356 2.42 -17.37 40.53
C PHE B 356 1.24 -17.08 39.60
N ASP B 357 0.75 -15.85 39.60
CA ASP B 357 -0.46 -15.49 38.85
C ASP B 357 -0.09 -15.25 37.39
N GLN B 358 -0.39 -16.25 36.54
CA GLN B 358 -0.14 -16.09 35.11
C GLN B 358 -1.06 -15.05 34.49
N SER B 359 -2.25 -14.84 35.06
CA SER B 359 -3.16 -13.85 34.50
C SER B 359 -2.64 -12.43 34.66
N LYS B 360 -1.84 -12.18 35.69
CA LYS B 360 -1.23 -10.86 35.88
C LYS B 360 0.04 -10.73 35.04
N ASN B 361 0.46 -9.48 34.83
CA ASN B 361 1.66 -9.19 34.05
C ASN B 361 2.93 -9.23 34.90
N GLY B 362 2.98 -10.06 35.94
CA GLY B 362 4.17 -10.24 36.73
C GLY B 362 5.16 -11.17 36.03
N TYR B 363 6.14 -11.63 36.80
CA TYR B 363 7.10 -12.59 36.27
C TYR B 363 6.40 -13.87 35.82
N ALA B 364 5.33 -14.25 36.52
CA ALA B 364 4.54 -15.40 36.10
C ALA B 364 3.97 -15.18 34.70
N GLY B 365 3.29 -14.06 34.48
CA GLY B 365 2.78 -13.76 33.16
C GLY B 365 3.89 -13.56 32.14
N TYR B 366 5.07 -13.14 32.60
CA TYR B 366 6.20 -12.90 31.70
C TYR B 366 6.79 -14.21 31.18
N ILE B 367 6.81 -15.25 32.03
CA ILE B 367 7.43 -16.51 31.68
C ILE B 367 6.40 -17.53 31.20
N ASP B 368 5.26 -17.62 31.87
CA ASP B 368 4.26 -18.64 31.57
C ASP B 368 3.00 -18.11 30.90
N GLY B 369 2.63 -16.86 31.15
CA GLY B 369 1.41 -16.31 30.59
C GLY B 369 1.61 -15.69 29.23
N GLY B 370 0.88 -14.61 28.95
CA GLY B 370 0.97 -13.92 27.68
C GLY B 370 1.55 -12.53 27.81
N ALA B 371 2.27 -12.26 28.89
CA ALA B 371 2.85 -10.94 29.10
C ALA B 371 4.17 -10.81 28.36
N SER B 372 4.35 -9.67 27.68
CA SER B 372 5.54 -9.38 26.92
C SER B 372 6.58 -8.68 27.81
N GLN B 373 7.80 -8.56 27.29
CA GLN B 373 8.84 -7.85 28.01
C GLN B 373 8.42 -6.41 28.29
N GLU B 374 7.75 -5.78 27.32
CA GLU B 374 7.24 -4.43 27.53
C GLU B 374 6.10 -4.42 28.54
N GLU B 375 5.13 -5.31 28.37
CA GLU B 375 4.06 -5.44 29.36
C GLU B 375 4.64 -5.75 30.74
N PHE B 376 5.66 -6.61 30.80
CA PHE B 376 6.25 -6.99 32.08
C PHE B 376 6.95 -5.80 32.73
N TYR B 377 7.73 -5.05 31.96
CA TYR B 377 8.41 -3.89 32.50
C TYR B 377 7.42 -2.84 33.00
N LYS B 378 6.34 -2.63 32.23
CA LYS B 378 5.33 -1.66 32.66
C LYS B 378 4.66 -2.10 33.94
N PHE B 379 4.44 -3.40 34.10
CA PHE B 379 3.85 -3.91 35.33
C PHE B 379 4.79 -3.73 36.52
N ILE B 380 6.07 -4.08 36.34
CA ILE B 380 6.98 -4.18 37.48
C ILE B 380 7.69 -2.88 37.84
N LYS B 381 7.73 -1.90 36.93
CA LYS B 381 8.44 -0.65 37.24
C LYS B 381 7.89 0.08 38.45
N PRO B 382 6.57 0.29 38.60
CA PRO B 382 6.08 0.93 39.82
C PRO B 382 6.44 0.14 41.07
N ILE B 383 6.43 -1.19 40.96
CA ILE B 383 6.84 -2.03 42.10
C ILE B 383 8.29 -1.76 42.46
N LEU B 384 9.16 -1.63 41.46
CA LEU B 384 10.56 -1.36 41.73
C LEU B 384 10.75 0.01 42.36
N GLU B 385 10.09 1.04 41.80
CA GLU B 385 10.24 2.39 42.34
C GLU B 385 9.67 2.48 43.76
N LYS B 386 8.68 1.65 44.10
CA LYS B 386 8.16 1.65 45.46
C LYS B 386 9.13 1.03 46.45
N MET B 387 9.92 0.06 46.01
CA MET B 387 10.86 -0.64 46.89
C MET B 387 12.20 0.08 46.92
N ASP B 388 13.02 -0.29 47.90
CA ASP B 388 14.35 0.28 48.10
C ASP B 388 15.40 -0.82 47.94
N GLY B 389 16.45 -0.52 47.18
CA GLY B 389 17.41 -1.51 46.75
C GLY B 389 17.28 -1.89 45.28
N THR B 390 16.53 -1.11 44.48
CA THR B 390 16.23 -1.46 43.11
C THR B 390 16.85 -0.50 42.12
N GLU B 391 17.99 0.11 42.46
CA GLU B 391 18.55 1.14 41.58
C GLU B 391 19.10 0.55 40.29
N GLU B 392 19.99 -0.44 40.39
CA GLU B 392 20.53 -1.08 39.20
C GLU B 392 19.47 -1.85 38.44
N LEU B 393 18.46 -2.38 39.15
CA LEU B 393 17.33 -3.02 38.48
C LEU B 393 16.57 -2.02 37.64
N LEU B 394 16.33 -0.81 38.17
CA LEU B 394 15.68 0.24 37.38
C LEU B 394 16.58 0.69 36.23
N VAL B 395 17.89 0.72 36.44
CA VAL B 395 18.81 1.09 35.37
C VAL B 395 18.68 0.11 34.22
N LYS B 396 18.69 -1.19 34.52
CA LYS B 396 18.50 -2.18 33.47
C LYS B 396 17.11 -2.12 32.86
N LEU B 397 16.11 -1.77 33.67
CA LEU B 397 14.74 -1.67 33.16
C LEU B 397 14.61 -0.55 32.13
N ASN B 398 15.21 0.60 32.40
CA ASN B 398 15.09 1.74 31.49
C ASN B 398 16.05 1.65 30.31
N ARG B 399 16.89 0.63 30.25
CA ARG B 399 17.68 0.33 29.07
C ARG B 399 17.15 -0.88 28.32
N GLU B 400 15.92 -1.31 28.63
CA GLU B 400 15.30 -2.48 28.02
C GLU B 400 16.22 -3.68 28.10
N ASP B 401 16.72 -3.93 29.32
CA ASP B 401 17.78 -4.93 29.52
C ASP B 401 17.73 -5.47 30.95
N LEU B 402 16.54 -5.82 31.42
CA LEU B 402 16.36 -6.42 32.74
C LEU B 402 15.63 -7.74 32.62
N LEU B 403 16.20 -8.80 33.20
CA LEU B 403 15.60 -10.14 33.17
C LEU B 403 15.24 -10.55 31.75
N ARG B 404 16.18 -10.32 30.83
CA ARG B 404 15.92 -10.56 29.42
C ARG B 404 15.90 -12.05 29.12
N LYS B 405 15.05 -12.42 28.16
CA LYS B 405 15.13 -13.74 27.56
C LYS B 405 16.18 -13.74 26.45
N GLN B 406 16.43 -14.93 25.88
CA GLN B 406 17.42 -15.05 24.82
C GLN B 406 16.80 -15.23 23.43
N ARG B 407 15.53 -15.57 23.34
CA ARG B 407 14.79 -15.56 22.09
C ARG B 407 13.81 -14.39 22.17
N THR B 408 14.19 -13.27 21.55
CA THR B 408 13.43 -12.03 21.68
C THR B 408 13.17 -11.42 20.31
N PHE B 409 12.29 -10.40 20.32
CA PHE B 409 11.90 -9.69 19.11
C PHE B 409 13.08 -8.95 18.48
N ASP B 410 14.05 -8.54 19.29
CA ASP B 410 15.14 -7.70 18.80
C ASP B 410 16.31 -8.49 18.24
N ASN B 411 16.21 -9.83 18.18
CA ASN B 411 17.28 -10.63 17.58
C ASN B 411 17.33 -10.51 16.06
N GLY B 412 16.39 -9.79 15.44
CA GLY B 412 16.46 -9.58 14.00
C GLY B 412 17.69 -8.82 13.55
N SER B 413 18.43 -8.21 14.48
CA SER B 413 19.64 -7.48 14.14
C SER B 413 20.77 -8.42 13.73
N ILE B 414 20.80 -9.63 14.30
CA ILE B 414 21.94 -10.53 14.18
C ILE B 414 22.17 -10.93 12.73
N PRO B 415 23.30 -10.55 12.13
CA PRO B 415 23.61 -11.01 10.77
C PRO B 415 23.94 -12.49 10.76
N HIS B 416 23.78 -13.09 9.57
CA HIS B 416 24.08 -14.51 9.43
C HIS B 416 25.57 -14.81 9.57
N GLN B 417 26.43 -13.80 9.34
CA GLN B 417 27.86 -14.01 9.45
C GLN B 417 28.28 -14.39 10.87
N ILE B 418 27.59 -13.89 11.88
CA ILE B 418 27.94 -14.22 13.27
C ILE B 418 27.66 -15.70 13.54
N HIS B 419 26.43 -16.13 13.23
CA HIS B 419 26.07 -17.54 13.35
C HIS B 419 27.02 -18.42 12.56
N LEU B 420 27.37 -17.98 11.33
CA LEU B 420 28.29 -18.72 10.49
C LEU B 420 29.67 -18.82 11.12
N GLY B 421 30.12 -17.77 11.79
CA GLY B 421 31.39 -17.83 12.48
C GLY B 421 31.39 -18.89 13.56
N GLU B 422 30.35 -18.90 14.40
CA GLU B 422 30.29 -19.93 15.45
C GLU B 422 30.15 -21.32 14.84
N LEU B 423 29.40 -21.43 13.75
CA LEU B 423 29.22 -22.71 13.06
C LEU B 423 30.54 -23.24 12.52
N HIS B 424 31.27 -22.39 11.77
CA HIS B 424 32.57 -22.77 11.23
C HIS B 424 33.54 -23.12 12.34
N ALA B 425 33.46 -22.41 13.48
CA ALA B 425 34.31 -22.74 14.62
C ALA B 425 34.02 -24.15 15.14
N ILE B 426 32.74 -24.49 15.31
CA ILE B 426 32.39 -25.83 15.80
C ILE B 426 32.85 -26.89 14.81
N LEU B 427 32.67 -26.62 13.52
CA LEU B 427 33.09 -27.59 12.49
C LEU B 427 34.60 -27.79 12.54
N ARG B 428 35.37 -26.71 12.68
CA ARG B 428 36.81 -26.83 12.78
C ARG B 428 37.23 -27.58 14.02
N ARG B 429 36.52 -27.38 15.13
CA ARG B 429 36.83 -28.12 16.36
C ARG B 429 36.64 -29.62 16.15
N GLN B 430 35.45 -30.00 15.67
CA GLN B 430 35.04 -31.40 15.71
C GLN B 430 35.35 -32.18 14.44
N GLU B 431 35.81 -31.54 13.36
CA GLU B 431 36.27 -32.28 12.21
C GLU B 431 37.56 -33.04 12.50
N ASP B 432 38.26 -32.66 13.57
CA ASP B 432 39.44 -33.41 13.99
C ASP B 432 39.07 -34.82 14.45
N PHE B 433 37.85 -35.00 14.97
CA PHE B 433 37.42 -36.29 15.50
C PHE B 433 36.47 -37.03 14.58
N TYR B 434 35.66 -36.32 13.80
CA TYR B 434 34.70 -36.95 12.89
C TYR B 434 35.07 -36.59 11.45
N PRO B 435 35.63 -37.53 10.69
CA PRO B 435 36.10 -37.19 9.32
C PRO B 435 35.00 -36.72 8.39
N PHE B 436 33.76 -37.19 8.58
CA PHE B 436 32.68 -36.74 7.73
C PHE B 436 32.40 -35.25 7.92
N LEU B 437 32.65 -34.72 9.12
CA LEU B 437 32.56 -33.28 9.32
C LEU B 437 33.65 -32.54 8.55
N LYS B 438 34.79 -33.19 8.31
CA LYS B 438 35.85 -32.56 7.55
C LYS B 438 35.52 -32.56 6.06
N ASP B 439 35.00 -33.68 5.55
CA ASP B 439 34.66 -33.74 4.13
C ASP B 439 33.45 -32.85 3.81
N ASN B 440 32.51 -32.70 4.76
CA ASN B 440 31.28 -31.96 4.55
C ASN B 440 31.26 -30.63 5.28
N ARG B 441 32.42 -30.05 5.61
CA ARG B 441 32.44 -28.77 6.30
C ARG B 441 31.84 -27.68 5.42
N GLU B 442 32.32 -27.58 4.17
CA GLU B 442 31.83 -26.55 3.27
C GLU B 442 30.38 -26.80 2.87
N LYS B 443 29.94 -28.06 2.87
CA LYS B 443 28.52 -28.34 2.60
C LYS B 443 27.63 -27.74 3.68
N ILE B 444 28.00 -27.93 4.95
CA ILE B 444 27.21 -27.37 6.05
C ILE B 444 27.27 -25.85 6.04
N GLU B 445 28.46 -25.29 5.84
CA GLU B 445 28.59 -23.85 5.70
C GLU B 445 27.68 -23.31 4.59
N LYS B 446 27.68 -23.98 3.44
CA LYS B 446 26.83 -23.57 2.33
C LYS B 446 25.35 -23.66 2.71
N ILE B 447 24.96 -24.71 3.41
CA ILE B 447 23.57 -24.86 3.86
C ILE B 447 23.16 -23.64 4.68
N LEU B 448 24.06 -23.16 5.54
CA LEU B 448 23.75 -21.94 6.28
C LEU B 448 23.70 -20.73 5.35
N THR B 449 24.70 -20.57 4.49
CA THR B 449 24.85 -19.33 3.76
C THR B 449 23.98 -19.24 2.51
N PHE B 450 23.59 -20.35 1.91
CA PHE B 450 22.94 -20.27 0.61
C PHE B 450 21.55 -19.64 0.72
N ARG B 451 21.25 -18.73 -0.22
CA ARG B 451 20.01 -17.99 -0.29
C ARG B 451 19.59 -17.94 -1.75
N ILE B 452 18.37 -18.37 -2.04
CA ILE B 452 17.88 -18.18 -3.42
C ILE B 452 17.88 -16.71 -3.78
N PRO B 453 18.55 -16.31 -4.86
CA PRO B 453 18.59 -14.88 -5.22
C PRO B 453 17.21 -14.38 -5.60
N TYR B 454 16.94 -13.11 -5.28
CA TYR B 454 15.63 -12.55 -5.58
C TYR B 454 15.31 -12.61 -7.07
N TYR B 455 16.32 -12.56 -7.92
CA TYR B 455 16.14 -12.51 -9.37
C TYR B 455 15.99 -13.90 -9.99
N VAL B 456 15.86 -14.94 -9.17
CA VAL B 456 15.67 -16.30 -9.66
C VAL B 456 14.28 -16.84 -9.33
N GLY B 457 13.79 -16.59 -8.12
CA GLY B 457 12.44 -16.96 -7.75
C GLY B 457 12.29 -18.44 -7.45
N PRO B 458 11.05 -18.93 -7.45
CA PRO B 458 10.81 -20.34 -7.12
C PRO B 458 11.55 -21.27 -8.06
N LEU B 459 12.03 -22.39 -7.50
CA LEU B 459 12.79 -23.37 -8.27
C LEU B 459 11.82 -24.40 -8.85
N ALA B 460 10.98 -23.93 -9.76
CA ALA B 460 9.84 -24.68 -10.23
C ALA B 460 10.22 -25.59 -11.40
N ARG B 461 9.25 -26.41 -11.83
CA ARG B 461 9.38 -27.23 -13.03
C ARG B 461 8.04 -27.20 -13.78
N GLY B 462 7.67 -26.01 -14.26
CA GLY B 462 6.52 -25.86 -15.13
C GLY B 462 5.15 -25.95 -14.48
N ASN B 463 5.08 -25.92 -13.15
CA ASN B 463 3.80 -25.97 -12.46
C ASN B 463 3.64 -24.84 -11.46
N SER B 464 4.29 -23.71 -11.71
CA SER B 464 4.21 -22.53 -10.86
C SER B 464 3.98 -21.31 -11.74
N ARG B 465 2.85 -20.64 -11.56
CA ARG B 465 2.54 -19.44 -12.33
C ARG B 465 3.38 -18.24 -11.92
N PHE B 466 4.18 -18.37 -10.86
CA PHE B 466 5.04 -17.29 -10.40
C PHE B 466 6.48 -17.41 -10.88
N ALA B 467 6.86 -18.55 -11.43
CA ALA B 467 8.26 -18.84 -11.69
C ALA B 467 8.69 -18.38 -13.07
N TRP B 468 9.98 -18.03 -13.17
CA TRP B 468 10.60 -17.65 -14.43
C TRP B 468 11.98 -18.26 -14.60
N MET B 469 12.49 -18.99 -13.61
CA MET B 469 13.85 -19.51 -13.64
C MET B 469 14.01 -20.55 -14.74
N THR B 470 15.17 -20.53 -15.38
CA THR B 470 15.56 -21.52 -16.38
C THR B 470 16.77 -22.30 -15.87
N ARG B 471 16.82 -23.58 -16.21
CA ARG B 471 17.86 -24.49 -15.76
C ARG B 471 18.87 -24.74 -16.89
N LYS B 472 20.14 -24.93 -16.50
CA LYS B 472 21.17 -25.35 -17.43
C LYS B 472 21.11 -26.86 -17.68
N SER B 473 20.54 -27.61 -16.75
CA SER B 473 20.42 -29.05 -16.87
C SER B 473 19.22 -29.51 -16.05
N GLU B 474 18.60 -30.60 -16.49
CA GLU B 474 17.39 -31.11 -15.87
C GLU B 474 17.78 -32.06 -14.74
N GLU B 475 18.04 -31.49 -13.56
CA GLU B 475 18.39 -32.26 -12.38
C GLU B 475 17.98 -31.46 -11.15
N THR B 476 17.94 -32.14 -10.01
CA THR B 476 17.46 -31.52 -8.78
C THR B 476 18.43 -30.46 -8.29
N ILE B 477 17.90 -29.30 -7.92
CA ILE B 477 18.72 -28.18 -7.45
C ILE B 477 18.93 -28.33 -5.96
N THR B 478 20.18 -28.16 -5.53
CA THR B 478 20.61 -28.23 -4.15
C THR B 478 21.45 -26.99 -3.84
N PRO B 479 21.64 -26.65 -2.56
CA PRO B 479 22.50 -25.50 -2.23
C PRO B 479 23.90 -25.61 -2.80
N TRP B 480 24.32 -26.81 -3.21
CA TRP B 480 25.69 -27.07 -3.63
C TRP B 480 25.89 -27.10 -5.13
N ASN B 481 24.87 -27.41 -5.92
CA ASN B 481 24.97 -27.39 -7.37
C ASN B 481 24.19 -26.26 -8.00
N PHE B 482 23.80 -25.25 -7.22
CA PHE B 482 22.93 -24.18 -7.72
C PHE B 482 23.57 -23.46 -8.90
N GLU B 483 24.85 -23.11 -8.79
CA GLU B 483 25.52 -22.38 -9.88
C GLU B 483 25.60 -23.23 -11.14
N GLU B 484 25.62 -24.55 -11.02
CA GLU B 484 25.77 -25.42 -12.17
C GLU B 484 24.44 -25.77 -12.81
N VAL B 485 23.39 -25.94 -12.02
CA VAL B 485 22.09 -26.34 -12.54
C VAL B 485 21.28 -25.14 -13.00
N VAL B 486 21.32 -24.04 -12.26
CA VAL B 486 20.52 -22.86 -12.58
C VAL B 486 21.35 -21.90 -13.41
N ASP B 487 20.77 -21.40 -14.50
CA ASP B 487 21.35 -20.32 -15.29
C ASP B 487 21.02 -19.01 -14.59
N LYS B 488 21.97 -18.52 -13.77
CA LYS B 488 21.74 -17.31 -13.01
C LYS B 488 21.50 -16.11 -13.94
N GLY B 489 22.24 -16.03 -15.03
CA GLY B 489 22.13 -14.93 -15.97
C GLY B 489 20.82 -14.85 -16.72
N ALA B 490 20.43 -15.96 -17.36
CA ALA B 490 19.14 -15.98 -18.06
C ALA B 490 17.99 -15.70 -17.10
N SER B 491 18.07 -16.21 -15.88
CA SER B 491 17.00 -15.99 -14.90
C SER B 491 16.96 -14.54 -14.46
N ALA B 492 18.14 -13.95 -14.22
CA ALA B 492 18.18 -12.54 -13.84
C ALA B 492 17.62 -11.67 -14.94
N GLN B 493 17.90 -12.02 -16.20
CA GLN B 493 17.34 -11.29 -17.34
C GLN B 493 15.82 -11.42 -17.38
N SER B 494 15.31 -12.66 -17.35
CA SER B 494 13.87 -12.87 -17.41
C SER B 494 13.14 -12.20 -16.25
N PHE B 495 13.78 -12.14 -15.07
CA PHE B 495 13.20 -11.44 -13.93
C PHE B 495 12.74 -10.05 -14.32
N ILE B 496 13.59 -9.29 -15.01
CA ILE B 496 13.23 -7.94 -15.39
C ILE B 496 12.37 -7.94 -16.66
N GLU B 497 12.72 -8.77 -17.64
CA GLU B 497 12.08 -8.70 -18.95
C GLU B 497 10.63 -9.20 -18.92
N ARG B 498 10.32 -10.15 -18.02
CA ARG B 498 8.93 -10.58 -17.86
C ARG B 498 8.04 -9.46 -17.35
N MET B 499 8.62 -8.34 -16.93
CA MET B 499 7.86 -7.25 -16.34
C MET B 499 7.90 -5.95 -17.13
N THR B 500 8.77 -5.84 -18.14
CA THR B 500 8.96 -4.56 -18.82
C THR B 500 8.07 -4.45 -20.07
N ASN B 501 7.71 -3.20 -20.38
CA ASN B 501 6.80 -2.93 -21.48
C ASN B 501 7.45 -3.24 -22.83
N PHE B 502 6.61 -3.61 -23.80
CA PHE B 502 6.98 -3.58 -25.20
C PHE B 502 6.52 -2.26 -25.81
N ASP B 503 7.10 -1.95 -26.97
CA ASP B 503 6.77 -0.70 -27.67
C ASP B 503 5.33 -0.78 -28.18
N LYS B 504 4.48 0.16 -27.74
CA LYS B 504 3.11 0.18 -28.23
C LYS B 504 3.04 0.36 -29.74
N ASN B 505 4.09 0.91 -30.34
CA ASN B 505 4.15 1.08 -31.79
C ASN B 505 4.75 -0.14 -32.49
N LEU B 506 5.77 -0.76 -31.88
CA LEU B 506 6.36 -2.01 -32.38
C LEU B 506 6.23 -3.04 -31.27
N PRO B 507 5.08 -3.73 -31.19
CA PRO B 507 4.78 -4.55 -30.00
C PRO B 507 5.74 -5.70 -29.75
N ASN B 508 6.48 -6.15 -30.76
CA ASN B 508 7.44 -7.24 -30.57
C ASN B 508 8.81 -6.74 -30.14
N GLU B 509 8.95 -5.46 -29.87
CA GLU B 509 10.23 -4.86 -29.50
C GLU B 509 10.18 -4.39 -28.05
N LYS B 510 11.24 -4.68 -27.31
CA LYS B 510 11.37 -4.18 -25.95
C LYS B 510 11.68 -2.69 -25.97
N VAL B 511 11.11 -1.97 -25.00
CA VAL B 511 11.43 -0.56 -24.87
C VAL B 511 12.85 -0.41 -24.36
N LEU B 512 13.46 0.73 -24.67
CA LEU B 512 14.82 1.01 -24.26
C LEU B 512 14.88 1.32 -22.77
N PRO B 513 16.06 1.16 -22.15
CA PRO B 513 16.25 1.66 -20.79
C PRO B 513 16.10 3.17 -20.73
N LYS B 514 15.50 3.65 -19.64
CA LYS B 514 15.22 5.07 -19.50
C LYS B 514 16.48 5.91 -19.64
N HIS B 515 17.62 5.36 -19.19
CA HIS B 515 18.90 6.05 -19.22
C HIS B 515 19.77 5.65 -20.41
N SER B 516 19.20 5.00 -21.42
CA SER B 516 19.93 4.74 -22.65
C SER B 516 20.33 6.06 -23.30
N LEU B 517 21.56 6.11 -23.82
CA LEU B 517 22.03 7.32 -24.51
C LEU B 517 21.14 7.65 -25.70
N LEU B 518 20.76 6.64 -26.47
CA LEU B 518 19.89 6.85 -27.62
C LEU B 518 18.56 7.46 -27.20
N TYR B 519 17.97 6.95 -26.11
CA TYR B 519 16.67 7.45 -25.67
C TYR B 519 16.75 8.92 -25.27
N GLU B 520 17.87 9.32 -24.65
CA GLU B 520 17.99 10.70 -24.21
C GLU B 520 18.32 11.64 -25.36
N TYR B 521 19.12 11.17 -26.33
CA TYR B 521 19.23 11.90 -27.60
C TYR B 521 17.86 12.11 -28.22
N PHE B 522 17.03 11.07 -28.22
CA PHE B 522 15.69 11.18 -28.78
C PHE B 522 14.89 12.26 -28.06
N THR B 523 14.82 12.18 -26.73
CA THR B 523 14.05 13.16 -25.97
C THR B 523 14.55 14.58 -26.22
N VAL B 524 15.87 14.76 -26.24
CA VAL B 524 16.42 16.10 -26.43
C VAL B 524 16.05 16.64 -27.81
N TYR B 525 16.38 15.89 -28.87
CA TYR B 525 16.08 16.37 -30.21
C TYR B 525 14.58 16.55 -30.43
N ASN B 526 13.76 15.74 -29.75
CA ASN B 526 12.32 15.89 -29.89
C ASN B 526 11.85 17.21 -29.26
N GLU B 527 12.43 17.58 -28.11
CA GLU B 527 12.11 18.87 -27.54
C GLU B 527 12.68 20.01 -28.37
N LEU B 528 13.90 19.81 -28.89
CA LEU B 528 14.64 20.86 -29.57
C LEU B 528 14.00 21.25 -30.90
N THR B 529 13.44 20.29 -31.62
CA THR B 529 12.95 20.52 -32.98
C THR B 529 11.67 21.35 -33.05
N LYS B 530 11.05 21.66 -31.90
CA LYS B 530 9.88 22.51 -31.86
C LYS B 530 10.14 23.86 -31.20
N VAL B 531 11.38 24.11 -30.77
CA VAL B 531 11.79 25.45 -30.37
C VAL B 531 11.75 26.38 -31.58
N LYS B 532 11.42 27.65 -31.33
CA LYS B 532 11.44 28.68 -32.35
C LYS B 532 12.10 29.94 -31.78
N TYR B 533 12.51 30.84 -32.66
CA TYR B 533 13.24 32.03 -32.24
C TYR B 533 12.99 33.17 -33.21
N VAL B 534 13.04 34.40 -32.68
CA VAL B 534 13.06 35.62 -33.51
C VAL B 534 14.11 36.59 -32.99
N THR B 535 14.60 37.43 -33.90
CA THR B 535 15.45 38.58 -33.61
C THR B 535 14.81 39.82 -34.21
N GLU B 536 15.59 40.90 -34.25
CA GLU B 536 15.10 42.15 -34.84
C GLU B 536 14.87 42.00 -36.34
N GLY B 537 15.90 41.57 -37.06
CA GLY B 537 15.83 41.51 -38.51
C GLY B 537 14.87 40.47 -39.06
N MET B 538 14.36 39.58 -38.21
CA MET B 538 13.53 38.47 -38.67
C MET B 538 12.06 38.86 -38.74
N ARG B 539 11.41 38.51 -39.84
CA ARG B 539 10.00 38.85 -40.06
C ARG B 539 9.05 37.94 -39.29
N LYS B 540 9.42 36.68 -39.07
CA LYS B 540 8.54 35.72 -38.42
C LYS B 540 9.37 34.67 -37.71
N PRO B 541 8.78 33.95 -36.74
CA PRO B 541 9.55 32.95 -35.96
C PRO B 541 10.04 31.80 -36.82
N ALA B 542 11.30 31.38 -36.57
CA ALA B 542 11.96 30.37 -37.40
C ALA B 542 12.30 29.14 -36.57
N PHE B 543 12.17 27.98 -37.19
CA PHE B 543 12.63 26.73 -36.59
C PHE B 543 14.16 26.70 -36.57
N LEU B 544 14.70 25.86 -35.69
CA LEU B 544 16.13 25.60 -35.69
C LEU B 544 16.45 24.64 -36.82
N SER B 545 17.52 24.92 -37.56
CA SER B 545 17.94 24.03 -38.63
C SER B 545 18.66 22.83 -38.05
N GLY B 546 18.95 21.85 -38.91
CA GLY B 546 19.72 20.70 -38.47
C GLY B 546 21.08 21.08 -37.95
N GLU B 547 21.79 21.93 -38.71
CA GLU B 547 23.10 22.42 -38.28
C GLU B 547 23.00 23.14 -36.94
N GLN B 548 21.98 24.00 -36.78
CA GLN B 548 21.80 24.73 -35.53
C GLN B 548 21.55 23.76 -34.36
N LYS B 549 20.79 22.70 -34.60
CA LYS B 549 20.47 21.77 -33.52
C LYS B 549 21.69 20.92 -33.13
N LYS B 550 22.47 20.48 -34.12
CA LYS B 550 23.70 19.78 -33.80
C LYS B 550 24.64 20.68 -33.01
N ALA B 551 24.73 21.95 -33.40
CA ALA B 551 25.56 22.90 -32.68
C ALA B 551 25.09 23.06 -31.24
N ILE B 552 23.78 23.17 -31.02
CA ILE B 552 23.26 23.38 -29.66
C ILE B 552 23.50 22.15 -28.81
N VAL B 553 23.30 20.95 -29.37
CA VAL B 553 23.57 19.72 -28.62
C VAL B 553 25.05 19.65 -28.24
N ASP B 554 25.94 19.98 -29.18
CA ASP B 554 27.37 19.86 -28.91
C ASP B 554 27.85 20.89 -27.90
N LEU B 555 27.45 22.16 -28.07
CA LEU B 555 28.00 23.22 -27.24
C LEU B 555 27.27 23.35 -25.91
N LEU B 556 25.98 23.05 -25.86
CA LEU B 556 25.19 23.25 -24.65
C LEU B 556 24.84 21.95 -23.94
N PHE B 557 24.23 20.99 -24.65
CA PHE B 557 23.73 19.79 -23.98
C PHE B 557 24.86 18.84 -23.57
N LYS B 558 25.98 18.86 -24.30
CA LYS B 558 27.11 18.01 -23.99
C LYS B 558 28.17 18.72 -23.15
N THR B 559 27.88 19.92 -22.64
CA THR B 559 28.76 20.58 -21.68
C THR B 559 28.07 20.89 -20.37
N ASN B 560 26.75 21.00 -20.34
CA ASN B 560 25.98 21.21 -19.12
C ASN B 560 24.99 20.07 -18.95
N ARG B 561 24.78 19.65 -17.69
CA ARG B 561 23.80 18.61 -17.43
C ARG B 561 22.39 19.11 -17.72
N LYS B 562 22.12 20.40 -17.44
CA LYS B 562 20.86 21.02 -17.78
C LYS B 562 21.13 22.30 -18.59
N VAL B 563 20.26 22.59 -19.54
CA VAL B 563 20.44 23.72 -20.46
C VAL B 563 19.28 24.69 -20.25
N THR B 564 19.60 25.89 -19.77
CA THR B 564 18.61 26.92 -19.51
C THR B 564 18.43 27.81 -20.73
N VAL B 565 17.25 28.44 -20.82
CA VAL B 565 16.96 29.34 -21.94
C VAL B 565 17.98 30.48 -21.99
N LYS B 566 18.44 30.94 -20.83
CA LYS B 566 19.48 31.97 -20.80
C LYS B 566 20.77 31.46 -21.42
N GLN B 567 21.14 30.20 -21.13
CA GLN B 567 22.31 29.61 -21.76
C GLN B 567 22.13 29.49 -23.26
N LEU B 568 20.93 29.12 -23.70
CA LEU B 568 20.66 29.06 -25.13
C LEU B 568 20.84 30.42 -25.79
N LYS B 569 20.35 31.47 -25.12
CA LYS B 569 20.40 32.81 -25.70
C LYS B 569 21.83 33.34 -25.76
N GLU B 570 22.58 33.20 -24.67
CA GLU B 570 23.92 33.80 -24.65
C GLU B 570 24.99 32.86 -25.21
N ASP B 571 25.09 31.65 -24.68
CA ASP B 571 26.18 30.76 -25.09
C ASP B 571 26.07 30.33 -26.55
N TYR B 572 24.89 30.38 -27.15
CA TYR B 572 24.74 30.04 -28.56
C TYR B 572 24.40 31.26 -29.40
N PHE B 573 23.18 31.80 -29.26
CA PHE B 573 22.72 32.82 -30.18
C PHE B 573 23.66 34.02 -30.21
N LYS B 574 24.10 34.49 -29.04
CA LYS B 574 25.06 35.58 -29.00
C LYS B 574 26.45 35.13 -29.44
N LYS B 575 26.97 34.07 -28.83
CA LYS B 575 28.35 33.66 -29.11
C LYS B 575 28.53 33.22 -30.55
N ILE B 576 27.52 32.58 -31.13
CA ILE B 576 27.66 31.95 -32.44
C ILE B 576 26.96 32.75 -33.54
N GLU B 577 25.77 33.30 -33.27
CA GLU B 577 25.02 34.04 -34.27
C GLU B 577 25.15 35.55 -34.13
N CYS B 578 25.81 36.05 -33.08
CA CYS B 578 26.00 37.48 -32.85
C CYS B 578 24.67 38.22 -32.78
N PHE B 579 23.71 37.65 -32.06
CA PHE B 579 22.43 38.29 -31.79
C PHE B 579 22.51 38.94 -30.42
N ASP B 580 22.31 40.25 -30.35
CA ASP B 580 22.32 40.93 -29.06
C ASP B 580 21.03 40.66 -28.28
N SER B 581 19.93 40.44 -28.97
CA SER B 581 18.66 40.08 -28.35
C SER B 581 17.96 39.04 -29.20
N VAL B 582 17.21 38.16 -28.55
CA VAL B 582 16.49 37.08 -29.23
C VAL B 582 15.38 36.61 -28.31
N GLU B 583 14.27 36.18 -28.89
CA GLU B 583 13.14 35.66 -28.14
C GLU B 583 12.90 34.21 -28.53
N ILE B 584 12.72 33.35 -27.53
CA ILE B 584 12.69 31.89 -27.68
C ILE B 584 11.31 31.38 -27.31
N SER B 585 10.84 30.37 -28.05
CA SER B 585 9.59 29.69 -27.76
C SER B 585 9.80 28.19 -27.90
N GLY B 586 8.84 27.44 -27.37
CA GLY B 586 8.92 25.98 -27.33
C GLY B 586 9.59 25.42 -26.10
N VAL B 587 9.98 26.28 -25.15
CA VAL B 587 10.64 25.87 -23.92
C VAL B 587 10.53 27.04 -22.96
N GLU B 588 10.50 26.75 -21.66
CA GLU B 588 10.39 27.79 -20.65
C GLU B 588 11.40 27.52 -19.54
N ASP B 589 12.22 28.52 -19.22
CA ASP B 589 13.24 28.49 -18.17
C ASP B 589 14.42 27.59 -18.53
N ARG B 590 14.18 26.29 -18.65
CA ARG B 590 15.22 25.34 -18.98
C ARG B 590 14.60 24.20 -19.77
N PHE B 591 15.44 23.44 -20.46
CA PHE B 591 14.97 22.32 -21.25
C PHE B 591 14.63 21.14 -20.36
N ASN B 592 13.46 20.54 -20.60
CA ASN B 592 13.02 19.39 -19.82
C ASN B 592 13.95 18.21 -20.02
N ALA B 593 14.24 17.87 -21.28
CA ALA B 593 15.16 16.79 -21.58
C ALA B 593 16.60 17.20 -21.25
N SER B 594 17.48 16.20 -21.20
CA SER B 594 18.89 16.39 -20.85
C SER B 594 19.65 15.12 -21.16
N LEU B 595 20.97 15.23 -21.22
CA LEU B 595 21.86 14.11 -21.56
C LEU B 595 22.56 13.59 -20.30
N GLY B 596 21.75 13.18 -19.33
CA GLY B 596 22.29 12.75 -18.05
C GLY B 596 23.29 11.63 -18.17
N THR B 597 22.95 10.58 -18.92
CA THR B 597 23.84 9.43 -19.05
C THR B 597 25.15 9.82 -19.73
N TYR B 598 25.07 10.70 -20.73
CA TYR B 598 26.28 11.19 -21.39
C TYR B 598 27.27 11.76 -20.39
N HIS B 599 26.77 12.62 -19.48
CA HIS B 599 27.66 13.27 -18.52
C HIS B 599 28.12 12.31 -17.42
N ASP B 600 27.27 11.36 -17.01
CA ASP B 600 27.72 10.33 -16.07
C ASP B 600 28.87 9.53 -16.66
N LEU B 601 28.69 9.02 -17.88
CA LEU B 601 29.74 8.25 -18.53
C LEU B 601 30.98 9.10 -18.80
N LEU B 602 30.80 10.41 -19.02
CA LEU B 602 31.95 11.29 -19.17
C LEU B 602 32.75 11.36 -17.87
N LYS B 603 32.06 11.64 -16.76
CA LYS B 603 32.72 11.65 -15.46
C LYS B 603 33.43 10.33 -15.19
N ILE B 604 32.89 9.22 -15.69
CA ILE B 604 33.48 7.91 -15.41
C ILE B 604 34.71 7.65 -16.28
N ILE B 605 34.54 7.63 -17.60
CA ILE B 605 35.64 7.21 -18.48
C ILE B 605 36.55 8.35 -18.93
N LYS B 606 36.18 9.61 -18.67
CA LYS B 606 37.05 10.76 -18.92
C LYS B 606 37.57 10.79 -20.34
N ASP B 607 36.66 10.63 -21.31
CA ASP B 607 37.07 10.52 -22.71
C ASP B 607 35.89 10.98 -23.58
N LYS B 608 35.87 12.29 -23.84
CA LYS B 608 34.78 12.88 -24.61
C LYS B 608 34.76 12.35 -26.03
N ASP B 609 35.94 12.14 -26.63
CA ASP B 609 36.01 11.63 -27.99
C ASP B 609 35.43 10.22 -28.10
N PHE B 610 35.57 9.40 -27.06
CA PHE B 610 35.00 8.05 -27.12
C PHE B 610 33.47 8.12 -27.14
N LEU B 611 32.89 8.93 -26.26
CA LEU B 611 31.44 9.05 -26.24
C LEU B 611 30.92 9.62 -27.55
N ASP B 612 31.59 10.63 -28.10
CA ASP B 612 31.10 11.27 -29.31
C ASP B 612 31.30 10.43 -30.56
N ASN B 613 32.16 9.41 -30.52
CA ASN B 613 32.38 8.58 -31.69
C ASN B 613 31.18 7.66 -31.92
N GLU B 614 30.51 7.83 -33.06
CA GLU B 614 29.33 7.04 -33.36
C GLU B 614 29.64 5.55 -33.48
N GLU B 615 30.86 5.18 -33.88
CA GLU B 615 31.24 3.78 -33.94
C GLU B 615 30.97 3.05 -32.63
N ASN B 616 31.01 3.76 -31.52
CA ASN B 616 30.86 3.16 -30.20
C ASN B 616 29.40 3.10 -29.74
N GLU B 617 28.47 3.63 -30.53
CA GLU B 617 27.05 3.68 -30.18
C GLU B 617 26.59 2.38 -29.53
N ASP B 618 26.61 1.28 -30.30
CA ASP B 618 26.16 -0.02 -29.81
C ASP B 618 26.78 -0.36 -28.46
N ILE B 619 28.11 -0.27 -28.36
CA ILE B 619 28.79 -0.59 -27.10
C ILE B 619 28.11 0.11 -25.94
N LEU B 620 28.01 1.44 -26.03
CA LEU B 620 27.44 2.20 -24.93
C LEU B 620 26.03 1.73 -24.60
N GLU B 621 25.19 1.54 -25.64
CA GLU B 621 23.85 1.01 -25.42
C GLU B 621 23.91 -0.26 -24.58
N ASP B 622 24.71 -1.23 -25.02
CA ASP B 622 24.82 -2.49 -24.28
C ASP B 622 25.23 -2.24 -22.85
N ILE B 623 26.26 -1.42 -22.64
CA ILE B 623 26.71 -1.14 -21.27
C ILE B 623 25.54 -0.66 -20.43
N VAL B 624 24.81 0.34 -20.94
CA VAL B 624 23.69 0.88 -20.17
C VAL B 624 22.64 -0.19 -19.94
N LEU B 625 22.37 -1.01 -20.96
CA LEU B 625 21.45 -2.13 -20.81
C LEU B 625 21.88 -3.00 -19.63
N THR B 626 23.15 -3.39 -19.61
CA THR B 626 23.65 -4.23 -18.52
C THR B 626 23.54 -3.51 -17.18
N LEU B 627 23.80 -2.20 -17.16
CA LEU B 627 23.70 -1.48 -15.90
C LEU B 627 22.25 -1.32 -15.47
N THR B 628 21.32 -1.40 -16.42
CA THR B 628 19.90 -1.29 -16.08
C THR B 628 19.31 -2.64 -15.75
N LEU B 629 19.63 -3.65 -16.57
CA LEU B 629 19.03 -4.97 -16.42
C LEU B 629 19.42 -5.60 -15.09
N PHE B 630 20.71 -5.61 -14.77
CA PHE B 630 21.22 -6.38 -13.64
C PHE B 630 21.62 -5.47 -12.49
N GLU B 631 21.44 -6.00 -11.28
CA GLU B 631 21.83 -5.31 -10.06
C GLU B 631 22.94 -6.01 -9.32
N ASP B 632 23.12 -7.31 -9.52
CA ASP B 632 24.20 -8.05 -8.86
C ASP B 632 25.54 -7.62 -9.46
N ARG B 633 26.41 -7.04 -8.63
CA ARG B 633 27.66 -6.48 -9.13
C ARG B 633 28.53 -7.53 -9.80
N GLU B 634 28.46 -8.78 -9.35
CA GLU B 634 29.24 -9.83 -9.99
C GLU B 634 28.77 -10.07 -11.43
N MET B 635 27.46 -10.07 -11.66
CA MET B 635 26.96 -10.27 -13.02
C MET B 635 27.23 -9.06 -13.90
N ILE B 636 27.13 -7.85 -13.34
CA ILE B 636 27.55 -6.64 -14.05
C ILE B 636 28.98 -6.80 -14.52
N GLU B 637 29.86 -7.25 -13.62
CA GLU B 637 31.26 -7.45 -13.98
C GLU B 637 31.40 -8.50 -15.09
N GLU B 638 30.69 -9.61 -14.95
CA GLU B 638 30.79 -10.68 -15.95
C GLU B 638 30.40 -10.19 -17.33
N ARG B 639 29.31 -9.43 -17.43
CA ARG B 639 28.84 -8.96 -18.72
C ARG B 639 29.69 -7.82 -19.28
N LEU B 640 30.22 -6.95 -18.41
CA LEU B 640 31.06 -5.85 -18.89
C LEU B 640 32.49 -6.29 -19.20
N LYS B 641 32.88 -7.49 -18.79
CA LYS B 641 34.24 -7.95 -19.02
C LYS B 641 34.63 -7.91 -20.50
N THR B 642 33.68 -8.17 -21.40
CA THR B 642 33.99 -8.15 -22.83
C THR B 642 34.36 -6.75 -23.33
N TYR B 643 34.17 -5.71 -22.53
CA TYR B 643 34.58 -4.36 -22.89
C TYR B 643 35.72 -3.85 -22.03
N ALA B 644 36.24 -4.68 -21.11
CA ALA B 644 37.32 -4.28 -20.23
C ALA B 644 38.61 -3.94 -20.96
N HIS B 645 38.73 -4.29 -22.25
CA HIS B 645 39.95 -3.96 -22.97
C HIS B 645 39.95 -2.51 -23.45
N LEU B 646 38.77 -1.91 -23.62
CA LEU B 646 38.68 -0.54 -24.09
C LEU B 646 38.99 0.48 -22.99
N PHE B 647 38.90 0.08 -21.73
CA PHE B 647 39.11 0.97 -20.60
C PHE B 647 40.05 0.29 -19.61
N ASP B 648 40.57 1.07 -18.67
CA ASP B 648 41.51 0.57 -17.68
C ASP B 648 40.75 0.03 -16.47
N ASP B 649 41.50 -0.37 -15.43
CA ASP B 649 40.91 -1.03 -14.26
C ASP B 649 40.02 -0.07 -13.47
N LYS B 650 40.53 1.14 -13.20
CA LYS B 650 39.77 2.09 -12.39
C LYS B 650 38.44 2.45 -13.07
N VAL B 651 38.43 2.52 -14.40
CA VAL B 651 37.20 2.87 -15.11
C VAL B 651 36.18 1.75 -15.00
N MET B 652 36.63 0.49 -15.12
CA MET B 652 35.72 -0.63 -14.93
C MET B 652 35.20 -0.67 -13.50
N LYS B 653 36.07 -0.34 -12.54
CA LYS B 653 35.65 -0.28 -11.14
C LYS B 653 34.53 0.73 -10.94
N GLN B 654 34.67 1.91 -11.56
CA GLN B 654 33.61 2.91 -11.49
C GLN B 654 32.37 2.49 -12.27
N LEU B 655 32.55 1.79 -13.39
CA LEU B 655 31.41 1.38 -14.21
C LEU B 655 30.52 0.40 -13.46
N LYS B 656 31.14 -0.53 -12.73
CA LYS B 656 30.35 -1.50 -11.95
C LYS B 656 29.44 -0.80 -10.95
N ARG B 657 29.98 0.15 -10.19
CA ARG B 657 29.20 0.85 -9.18
C ARG B 657 28.17 1.79 -9.78
N ARG B 658 28.21 1.99 -11.10
CA ARG B 658 27.28 2.85 -11.80
C ARG B 658 26.07 2.00 -12.22
N ARG B 659 24.94 2.18 -11.54
CA ARG B 659 23.75 1.41 -11.86
C ARG B 659 22.59 2.35 -12.17
N TYR B 660 21.66 1.84 -12.98
CA TYR B 660 20.49 2.58 -13.40
C TYR B 660 19.26 1.71 -13.18
N THR B 661 18.12 2.36 -12.95
CA THR B 661 16.82 1.69 -12.96
C THR B 661 15.86 2.48 -13.84
N GLY B 662 14.82 1.81 -14.28
CA GLY B 662 13.81 2.53 -15.02
C GLY B 662 13.89 2.24 -16.51
N TRP B 663 12.74 2.31 -17.16
CA TRP B 663 12.63 1.97 -18.57
C TRP B 663 11.78 3.03 -19.27
N GLY B 664 12.09 3.25 -20.54
CA GLY B 664 11.39 4.24 -21.35
C GLY B 664 10.13 3.70 -21.98
N ARG B 665 9.68 4.40 -23.02
CA ARG B 665 8.42 4.08 -23.69
C ARG B 665 8.59 3.61 -25.13
N LEU B 666 9.80 3.70 -25.69
CA LEU B 666 10.02 3.43 -27.10
C LEU B 666 11.16 2.45 -27.26
N SER B 667 11.09 1.67 -28.33
CA SER B 667 12.12 0.69 -28.65
C SER B 667 13.20 1.32 -29.51
N ARG B 668 14.35 0.63 -29.57
CA ARG B 668 15.44 1.10 -30.42
C ARG B 668 15.07 0.99 -31.89
N LYS B 669 14.31 -0.05 -32.26
CA LYS B 669 13.90 -0.20 -33.65
C LYS B 669 13.02 0.96 -34.09
N LEU B 670 12.12 1.41 -33.20
CA LEU B 670 11.29 2.56 -33.52
C LEU B 670 12.11 3.84 -33.61
N ILE B 671 13.03 4.03 -32.65
CA ILE B 671 13.74 5.29 -32.54
C ILE B 671 14.74 5.46 -33.68
N ASN B 672 15.63 4.48 -33.84
CA ASN B 672 16.75 4.58 -34.77
C ASN B 672 16.89 3.28 -35.55
N GLY B 673 15.78 2.68 -35.95
CA GLY B 673 15.85 1.44 -36.70
C GLY B 673 15.06 1.49 -37.99
N ILE B 674 13.73 1.53 -37.88
CA ILE B 674 12.89 1.62 -39.07
C ILE B 674 13.20 2.91 -39.80
N ARG B 675 13.23 2.85 -41.12
CA ARG B 675 13.58 3.99 -41.95
C ARG B 675 12.43 4.28 -42.91
N ASP B 676 12.18 5.56 -43.14
CA ASP B 676 11.22 5.94 -44.18
C ASP B 676 11.76 5.49 -45.53
N LYS B 677 10.92 4.78 -46.27
CA LYS B 677 11.38 4.09 -47.49
C LYS B 677 12.07 5.04 -48.45
N GLN B 678 11.45 6.19 -48.72
CA GLN B 678 12.00 7.14 -49.70
C GLN B 678 13.25 7.83 -49.18
N SER B 679 13.15 8.44 -48.00
CA SER B 679 14.28 9.21 -47.47
C SER B 679 15.39 8.30 -46.95
N GLY B 680 15.06 7.09 -46.52
CA GLY B 680 16.05 6.23 -45.92
C GLY B 680 16.53 6.69 -44.56
N LYS B 681 15.67 7.38 -43.82
CA LYS B 681 16.03 8.01 -42.56
C LYS B 681 15.21 7.43 -41.42
N THR B 682 15.86 7.25 -40.27
CA THR B 682 15.18 6.82 -39.06
C THR B 682 14.38 7.97 -38.47
N ILE B 683 13.62 7.68 -37.40
CA ILE B 683 12.90 8.75 -36.70
C ILE B 683 13.88 9.77 -36.13
N LEU B 684 14.97 9.28 -35.51
CA LEU B 684 15.97 10.18 -34.95
C LEU B 684 16.64 11.02 -36.02
N ASP B 685 16.73 10.49 -37.25
CA ASP B 685 17.25 11.28 -38.36
C ASP B 685 16.36 12.48 -38.65
N PHE B 686 15.05 12.25 -38.72
CA PHE B 686 14.11 13.36 -38.94
C PHE B 686 14.11 14.35 -37.78
N LEU B 687 14.27 13.85 -36.55
CA LEU B 687 14.38 14.76 -35.42
C LEU B 687 15.63 15.62 -35.51
N LYS B 688 16.74 15.03 -35.98
CA LYS B 688 17.97 15.81 -36.16
C LYS B 688 17.82 16.83 -37.28
N SER B 689 17.20 16.44 -38.40
CA SER B 689 17.07 17.34 -39.54
C SER B 689 15.86 16.95 -40.37
N ASP B 690 14.94 17.89 -40.55
CA ASP B 690 13.76 17.71 -41.38
C ASP B 690 13.43 19.02 -42.09
N GLY B 691 14.35 19.50 -42.93
CA GLY B 691 14.12 20.71 -43.69
C GLY B 691 13.67 21.86 -42.82
N PHE B 692 12.60 22.54 -43.22
CA PHE B 692 11.97 23.57 -42.39
C PHE B 692 10.63 23.12 -41.86
N ALA B 693 10.28 21.84 -42.02
CA ALA B 693 9.05 21.32 -41.43
C ALA B 693 9.25 21.00 -39.95
N ASN B 694 10.39 20.40 -39.60
CA ASN B 694 10.75 20.06 -38.23
C ASN B 694 9.68 19.20 -37.57
N ARG B 695 9.28 18.14 -38.27
CA ARG B 695 8.28 17.22 -37.72
C ARG B 695 8.86 16.49 -36.51
N ASN B 696 8.07 16.40 -35.45
CA ASN B 696 8.50 15.66 -34.28
C ASN B 696 7.85 14.27 -34.28
N PHE B 697 8.06 13.54 -33.18
CA PHE B 697 7.70 12.11 -33.13
C PHE B 697 6.24 11.87 -33.48
N MET B 698 5.32 12.65 -32.89
CA MET B 698 3.91 12.44 -33.18
C MET B 698 3.58 12.76 -34.64
N GLN B 699 4.13 13.87 -35.14
CA GLN B 699 3.94 14.20 -36.55
C GLN B 699 4.56 13.13 -37.45
N LEU B 700 5.74 12.62 -37.07
CA LEU B 700 6.43 11.64 -37.89
C LEU B 700 5.65 10.33 -38.01
N ILE B 701 5.08 9.84 -36.90
CA ILE B 701 4.42 8.53 -36.98
C ILE B 701 2.99 8.62 -37.51
N HIS B 702 2.47 9.83 -37.72
CA HIS B 702 1.11 10.02 -38.23
C HIS B 702 1.10 10.57 -39.65
N ASP B 703 2.26 10.91 -40.22
CA ASP B 703 2.31 11.51 -41.55
C ASP B 703 2.11 10.46 -42.63
N ASP B 704 1.16 10.70 -43.52
CA ASP B 704 0.86 9.78 -44.61
C ASP B 704 1.88 9.84 -45.74
N SER B 705 2.61 10.95 -45.87
CA SER B 705 3.67 11.04 -46.86
C SER B 705 4.96 10.38 -46.41
N LEU B 706 4.89 9.61 -45.32
CA LEU B 706 6.03 8.86 -44.81
C LEU B 706 5.61 7.42 -44.54
N THR B 707 6.60 6.53 -44.53
CA THR B 707 6.34 5.10 -44.35
C THR B 707 6.07 4.70 -42.91
N PHE B 708 6.44 5.56 -41.95
CA PHE B 708 6.41 5.16 -40.53
C PHE B 708 5.03 4.68 -40.11
N LYS B 709 3.99 5.44 -40.42
CA LYS B 709 2.63 5.07 -40.02
C LYS B 709 2.26 3.68 -40.53
N GLU B 710 2.65 3.38 -41.76
CA GLU B 710 2.33 2.09 -42.37
C GLU B 710 3.00 0.95 -41.60
N ASP B 711 4.27 1.10 -41.25
CA ASP B 711 4.96 0.04 -40.52
C ASP B 711 4.44 -0.11 -39.10
N ILE B 712 4.05 1.00 -38.46
CA ILE B 712 3.39 0.90 -37.16
C ILE B 712 2.13 0.05 -37.28
N GLN B 713 1.32 0.33 -38.30
CA GLN B 713 0.10 -0.47 -38.50
C GLN B 713 0.43 -1.93 -38.78
N LYS B 714 1.48 -2.19 -39.55
CA LYS B 714 1.87 -3.58 -39.84
C LYS B 714 2.32 -4.31 -38.59
N ALA B 715 2.96 -3.61 -37.66
CA ALA B 715 3.42 -4.25 -36.43
C ALA B 715 2.27 -4.51 -35.45
N GLN B 716 1.14 -3.82 -35.60
CA GLN B 716 0.06 -3.93 -34.62
C GLN B 716 -0.56 -5.33 -34.67
N VAL B 717 -1.16 -5.71 -33.53
CA VAL B 717 -1.88 -6.96 -33.39
C VAL B 717 -3.12 -6.70 -32.54
N GLY B 721 -6.25 -10.73 -27.67
CA GLY B 721 -7.68 -10.93 -27.49
C GLY B 721 -8.07 -11.20 -26.05
N ASP B 722 -8.09 -10.15 -25.24
CA ASP B 722 -8.47 -10.28 -23.84
C ASP B 722 -9.98 -10.36 -23.71
N SER B 723 -10.44 -11.03 -22.66
CA SER B 723 -11.85 -10.98 -22.31
C SER B 723 -12.12 -9.70 -21.52
N LEU B 724 -13.40 -9.44 -21.27
CA LEU B 724 -13.77 -8.31 -20.44
C LEU B 724 -13.13 -8.40 -19.06
N HIS B 725 -13.17 -9.59 -18.45
CA HIS B 725 -12.57 -9.77 -17.13
C HIS B 725 -11.06 -9.52 -17.17
N GLU B 726 -10.38 -10.12 -18.15
CA GLU B 726 -8.94 -9.94 -18.26
C GLU B 726 -8.58 -8.48 -18.52
N HIS B 727 -9.37 -7.80 -19.36
CA HIS B 727 -9.11 -6.39 -19.63
C HIS B 727 -9.26 -5.55 -18.37
N ILE B 728 -10.33 -5.79 -17.61
CA ILE B 728 -10.55 -5.01 -16.39
C ILE B 728 -9.48 -5.32 -15.35
N ALA B 729 -9.03 -6.56 -15.27
CA ALA B 729 -8.01 -6.92 -14.29
C ALA B 729 -6.70 -6.19 -14.54
N ASN B 730 -6.36 -5.96 -15.80
CA ASN B 730 -5.09 -5.34 -16.16
C ASN B 730 -5.13 -3.82 -16.16
N LEU B 731 -6.26 -3.23 -15.75
CA LEU B 731 -6.32 -1.79 -15.56
C LEU B 731 -5.53 -1.41 -14.31
N ALA B 732 -5.02 -0.17 -14.30
CA ALA B 732 -4.35 0.38 -13.14
C ALA B 732 -5.40 1.00 -12.22
N GLY B 733 -5.44 0.52 -10.99
CA GLY B 733 -6.45 0.97 -10.03
C GLY B 733 -6.58 -0.04 -8.92
N SER B 734 -7.28 0.36 -7.88
CA SER B 734 -7.50 -0.53 -6.74
C SER B 734 -8.36 -1.71 -7.18
N PRO B 735 -8.07 -2.93 -6.72
CA PRO B 735 -8.98 -4.04 -7.00
C PRO B 735 -10.39 -3.78 -6.54
N ALA B 736 -10.53 -2.99 -5.47
CA ALA B 736 -11.84 -2.64 -4.95
C ALA B 736 -12.68 -1.90 -5.99
N ILE B 737 -12.06 -1.05 -6.80
CA ILE B 737 -12.80 -0.33 -7.81
C ILE B 737 -12.92 -1.12 -9.11
N LYS B 738 -11.95 -2.01 -9.40
CA LYS B 738 -12.08 -2.86 -10.58
C LYS B 738 -13.26 -3.81 -10.43
N LYS B 739 -13.52 -4.29 -9.21
CA LYS B 739 -14.72 -5.08 -8.97
C LYS B 739 -15.97 -4.31 -9.35
N GLY B 740 -16.06 -3.05 -8.90
CA GLY B 740 -17.22 -2.24 -9.24
C GLY B 740 -17.35 -2.00 -10.74
N ILE B 741 -16.22 -1.85 -11.43
CA ILE B 741 -16.24 -1.65 -12.87
C ILE B 741 -16.82 -2.87 -13.59
N LEU B 742 -16.35 -4.07 -13.23
CA LEU B 742 -16.88 -5.28 -13.86
C LEU B 742 -18.38 -5.41 -13.58
N GLN B 743 -18.78 -5.21 -12.33
CA GLN B 743 -20.20 -5.28 -12.00
C GLN B 743 -21.01 -4.25 -12.77
N THR B 744 -20.42 -3.08 -13.02
CA THR B 744 -21.11 -2.05 -13.80
C THR B 744 -21.40 -2.53 -15.22
N VAL B 745 -20.38 -3.11 -15.87
CA VAL B 745 -20.61 -3.60 -17.23
C VAL B 745 -21.67 -4.69 -17.25
N LYS B 746 -21.62 -5.60 -16.26
CA LYS B 746 -22.65 -6.64 -16.19
C LYS B 746 -24.05 -6.04 -16.02
N VAL B 747 -24.18 -5.04 -15.15
CA VAL B 747 -25.48 -4.39 -14.92
C VAL B 747 -25.99 -3.76 -16.21
N VAL B 748 -25.10 -3.09 -16.95
CA VAL B 748 -25.51 -2.46 -18.21
C VAL B 748 -26.01 -3.51 -19.19
N ASP B 749 -25.30 -4.65 -19.26
CA ASP B 749 -25.75 -5.73 -20.13
C ASP B 749 -27.17 -6.19 -19.78
N GLU B 750 -27.41 -6.45 -18.49
CA GLU B 750 -28.74 -6.92 -18.09
C GLU B 750 -29.81 -5.87 -18.39
N LEU B 751 -29.50 -4.59 -18.16
CA LEU B 751 -30.46 -3.53 -18.43
C LEU B 751 -30.78 -3.43 -19.92
N VAL B 752 -29.77 -3.60 -20.78
CA VAL B 752 -30.04 -3.57 -22.21
C VAL B 752 -30.94 -4.72 -22.62
N LYS B 753 -30.66 -5.92 -22.09
CA LYS B 753 -31.55 -7.05 -22.35
C LYS B 753 -32.97 -6.73 -21.88
N VAL B 754 -33.11 -6.07 -20.73
CA VAL B 754 -34.42 -5.74 -20.19
C VAL B 754 -35.21 -4.86 -21.16
N MET B 755 -34.53 -4.00 -21.92
CA MET B 755 -35.18 -3.14 -22.91
C MET B 755 -35.25 -3.78 -24.29
N GLY B 756 -35.52 -5.08 -24.36
CA GLY B 756 -35.62 -5.77 -25.64
C GLY B 756 -34.40 -5.63 -26.52
N ARG B 757 -33.21 -5.57 -25.93
CA ARG B 757 -31.94 -5.50 -26.66
C ARG B 757 -31.83 -4.20 -27.47
N HIS B 758 -32.46 -3.14 -27.00
CA HIS B 758 -32.34 -1.81 -27.58
C HIS B 758 -31.29 -1.01 -26.81
N LYS B 759 -30.31 -0.48 -27.53
CA LYS B 759 -29.27 0.30 -26.89
C LYS B 759 -29.81 1.67 -26.47
N PRO B 760 -29.28 2.23 -25.39
CA PRO B 760 -29.75 3.55 -24.91
C PRO B 760 -29.23 4.70 -25.76
N GLU B 761 -29.85 5.86 -25.56
CA GLU B 761 -29.33 7.08 -26.19
C GLU B 761 -28.04 7.52 -25.51
N ASN B 762 -28.02 7.58 -24.18
CA ASN B 762 -26.84 7.96 -23.42
C ASN B 762 -26.64 7.00 -22.26
N ILE B 763 -25.40 6.92 -21.79
CA ILE B 763 -25.05 6.28 -20.53
C ILE B 763 -24.23 7.30 -19.73
N VAL B 764 -24.74 7.71 -18.57
CA VAL B 764 -24.06 8.68 -17.73
C VAL B 764 -23.43 7.95 -16.57
N ILE B 765 -22.10 8.00 -16.48
CA ILE B 765 -21.35 7.33 -15.43
C ILE B 765 -20.80 8.39 -14.48
N GLU B 766 -20.89 8.11 -13.18
CA GLU B 766 -20.24 8.90 -12.14
C GLU B 766 -19.53 7.92 -11.21
N MET B 767 -18.32 8.29 -10.79
CA MET B 767 -17.48 7.43 -9.96
C MET B 767 -17.11 8.18 -8.70
N ALA B 768 -17.38 7.56 -7.54
CA ALA B 768 -17.10 8.19 -6.26
C ALA B 768 -15.59 8.25 -6.01
N ARG B 769 -15.21 9.07 -5.03
CA ARG B 769 -13.82 9.25 -4.68
C ARG B 769 -13.33 8.17 -3.73
N ASN B 780 -2.02 2.82 7.96
CA ASN B 780 -1.81 4.21 7.57
C ASN B 780 -1.11 4.99 8.68
N SER B 781 -1.47 4.68 9.93
CA SER B 781 -0.82 5.33 11.06
C SER B 781 0.67 5.00 11.12
N ARG B 782 1.06 3.79 10.68
CA ARG B 782 2.49 3.49 10.64
C ARG B 782 3.20 4.31 9.59
N GLU B 783 2.54 4.59 8.46
CA GLU B 783 3.14 5.48 7.47
C GLU B 783 3.26 6.90 8.01
N ARG B 784 2.26 7.36 8.76
CA ARG B 784 2.36 8.68 9.38
C ARG B 784 3.52 8.74 10.36
N MET B 785 3.66 7.71 11.22
CA MET B 785 4.77 7.67 12.16
C MET B 785 6.11 7.63 11.43
N LYS B 786 6.20 6.89 10.33
CA LYS B 786 7.45 6.81 9.60
C LYS B 786 7.80 8.16 8.98
N ARG B 787 6.83 8.81 8.32
CA ARG B 787 7.05 10.14 7.79
C ARG B 787 7.56 11.09 8.87
N ILE B 788 6.94 11.04 10.05
CA ILE B 788 7.30 12.00 11.09
C ILE B 788 8.66 11.68 11.68
N GLU B 789 8.95 10.39 11.91
CA GLU B 789 10.28 10.01 12.39
C GLU B 789 11.35 10.45 11.42
N GLU B 790 11.15 10.18 10.12
CA GLU B 790 12.15 10.53 9.12
C GLU B 790 12.33 12.04 9.05
N GLY B 791 11.22 12.80 9.02
CA GLY B 791 11.33 14.23 8.92
C GLY B 791 11.98 14.86 10.13
N ILE B 792 11.73 14.30 11.32
CA ILE B 792 12.29 14.87 12.54
C ILE B 792 13.77 14.55 12.64
N LYS B 793 14.17 13.32 12.30
CA LYS B 793 15.58 12.95 12.36
C LYS B 793 16.37 13.61 11.25
N GLU B 794 15.74 13.87 10.10
CA GLU B 794 16.36 14.70 9.07
C GLU B 794 16.45 16.16 9.52
N LEU B 795 15.49 16.61 10.34
CA LEU B 795 15.47 17.97 10.85
C LEU B 795 16.47 18.18 12.00
N GLY B 796 16.86 17.11 12.67
CA GLY B 796 17.66 17.25 13.88
C GLY B 796 16.88 17.78 15.05
N SER B 797 15.56 17.56 15.04
CA SER B 797 14.65 18.16 16.02
C SER B 797 14.36 17.20 17.16
N GLN B 798 14.09 17.77 18.34
CA GLN B 798 13.73 17.02 19.53
C GLN B 798 12.25 17.16 19.88
N ILE B 799 11.41 17.37 18.87
CA ILE B 799 10.00 17.65 19.13
C ILE B 799 9.29 16.40 19.65
N LEU B 800 9.77 15.21 19.29
CA LEU B 800 9.22 13.99 19.84
C LEU B 800 9.78 13.67 21.22
N LYS B 801 10.96 14.22 21.55
CA LYS B 801 11.43 14.17 22.93
C LYS B 801 10.52 14.99 23.84
N GLU B 802 10.23 16.23 23.45
CA GLU B 802 9.47 17.13 24.32
C GLU B 802 7.98 16.83 24.30
N HIS B 803 7.45 16.35 23.19
CA HIS B 803 6.03 16.03 23.05
C HIS B 803 5.89 14.67 22.39
N PRO B 804 6.13 13.59 23.14
CA PRO B 804 6.02 12.24 22.56
C PRO B 804 4.60 11.97 22.08
N VAL B 805 4.50 11.32 20.92
CA VAL B 805 3.22 11.06 20.29
C VAL B 805 3.18 9.60 19.83
N GLU B 806 1.99 9.02 19.84
CA GLU B 806 1.73 7.69 19.34
C GLU B 806 1.01 7.77 18.00
N ASN B 807 1.11 6.69 17.22
CA ASN B 807 0.63 6.73 15.84
C ASN B 807 -0.86 6.97 15.77
N THR B 808 -1.61 6.40 16.71
CA THR B 808 -3.05 6.60 16.73
C THR B 808 -3.40 8.08 16.85
N GLN B 809 -2.72 8.81 17.74
CA GLN B 809 -3.00 10.22 17.93
C GLN B 809 -2.85 11.01 16.64
N LEU B 810 -1.95 10.57 15.75
CA LEU B 810 -1.73 11.28 14.51
C LEU B 810 -2.93 11.25 13.58
N GLN B 811 -3.99 10.50 13.92
CA GLN B 811 -5.19 10.59 13.09
C GLN B 811 -5.93 11.89 13.29
N ASN B 812 -5.51 12.72 14.24
CA ASN B 812 -6.03 14.08 14.36
C ASN B 812 -5.32 14.96 13.34
N GLU B 813 -6.11 15.67 12.52
CA GLU B 813 -5.55 16.43 11.41
C GLU B 813 -4.64 17.55 11.91
N LYS B 814 -5.09 18.29 12.93
CA LYS B 814 -4.32 19.45 13.40
C LYS B 814 -3.02 19.02 14.07
N LEU B 815 -3.04 17.93 14.84
CA LEU B 815 -1.81 17.45 15.48
C LEU B 815 -0.83 16.92 14.43
N TYR B 816 -1.35 16.19 13.44
CA TYR B 816 -0.52 15.72 12.35
C TYR B 816 0.15 16.89 11.63
N LEU B 817 -0.63 17.92 11.32
CA LEU B 817 -0.07 19.11 10.68
C LEU B 817 0.94 19.80 11.59
N TYR B 818 0.69 19.80 12.90
CA TYR B 818 1.63 20.38 13.84
C TYR B 818 2.99 19.69 13.74
N TYR B 819 2.99 18.36 13.76
CA TYR B 819 4.26 17.65 13.72
C TYR B 819 4.91 17.79 12.35
N LEU B 820 4.12 17.82 11.29
CA LEU B 820 4.67 18.00 9.95
C LEU B 820 5.31 19.37 9.74
N GLN B 821 4.89 20.39 10.49
CA GLN B 821 5.37 21.75 10.29
C GLN B 821 6.45 22.16 11.28
N ASN B 822 7.05 21.21 11.97
CA ASN B 822 8.04 21.53 13.00
C ASN B 822 7.48 22.48 14.04
N GLY B 823 6.16 22.42 14.25
CA GLY B 823 5.56 23.19 15.32
C GLY B 823 5.56 24.68 15.10
N ARG B 824 5.49 25.09 13.84
CA ARG B 824 5.55 26.49 13.48
C ARG B 824 4.35 26.84 12.61
N ASP B 825 3.88 28.07 12.78
CA ASP B 825 2.96 28.65 11.81
C ASP B 825 3.64 28.63 10.44
N MET B 826 2.84 28.42 9.40
CA MET B 826 3.39 28.34 8.06
C MET B 826 3.28 29.66 7.30
N TYR B 827 2.20 30.39 7.53
CA TYR B 827 2.07 31.72 6.94
C TYR B 827 2.86 32.76 7.72
N VAL B 828 3.33 32.42 8.92
CA VAL B 828 4.08 33.35 9.77
C VAL B 828 5.21 32.57 10.45
N ASP B 829 6.37 33.22 10.59
CA ASP B 829 7.53 32.56 11.19
C ASP B 829 7.48 32.73 12.71
N GLN B 830 6.56 31.98 13.30
CA GLN B 830 6.35 31.98 14.74
C GLN B 830 6.07 30.56 15.19
N GLU B 831 6.59 30.21 16.37
CA GLU B 831 6.30 28.92 16.96
C GLU B 831 4.80 28.78 17.22
N LEU B 832 4.28 27.57 17.05
CA LEU B 832 2.92 27.25 17.45
C LEU B 832 2.92 26.51 18.78
N ASP B 833 1.82 26.65 19.50
CA ASP B 833 1.62 26.04 20.81
C ASP B 833 0.73 24.81 20.65
N ILE B 834 1.17 23.68 21.22
CA ILE B 834 0.39 22.44 21.10
C ILE B 834 -0.98 22.62 21.71
N ASN B 835 -1.03 23.06 22.97
CA ASN B 835 -2.27 23.17 23.70
C ASN B 835 -3.23 24.18 23.09
N ARG B 836 -2.79 24.96 22.10
CA ARG B 836 -3.63 25.95 21.43
C ARG B 836 -4.11 25.49 20.07
N LEU B 837 -3.97 24.19 19.75
CA LEU B 837 -4.32 23.72 18.41
C LEU B 837 -5.77 24.04 18.06
N SER B 838 -6.65 24.02 19.05
CA SER B 838 -8.07 24.29 18.80
C SER B 838 -8.32 25.72 18.34
N ASP B 839 -7.39 26.64 18.60
CA ASP B 839 -7.58 28.03 18.24
C ASP B 839 -7.03 28.37 16.85
N TYR B 840 -6.23 27.48 16.27
CA TYR B 840 -5.59 27.74 14.99
C TYR B 840 -6.51 27.32 13.85
N ASP B 841 -6.09 27.65 12.62
CA ASP B 841 -6.85 27.39 11.40
C ASP B 841 -6.09 26.45 10.48
N VAL B 842 -6.86 25.66 9.72
CA VAL B 842 -6.34 24.84 8.64
C VAL B 842 -6.83 25.46 7.34
N ASP B 843 -5.90 25.95 6.54
CA ASP B 843 -6.21 26.73 5.35
C ASP B 843 -5.82 25.95 4.10
N ALA B 844 -6.51 26.27 3.00
CA ALA B 844 -6.23 25.68 1.70
C ALA B 844 -5.28 26.61 0.94
N ILE B 845 -4.15 26.05 0.50
CA ILE B 845 -3.15 26.87 -0.22
C ILE B 845 -3.80 27.45 -1.47
N VAL B 846 -4.20 26.57 -2.39
CA VAL B 846 -5.14 26.97 -3.43
C VAL B 846 -6.55 26.89 -2.87
N PRO B 847 -7.33 27.98 -2.91
CA PRO B 847 -8.64 27.98 -2.28
C PRO B 847 -9.56 26.91 -2.84
N GLN B 848 -10.29 26.25 -1.95
CA GLN B 848 -11.16 25.14 -2.30
C GLN B 848 -12.31 25.55 -3.22
N SER B 849 -12.58 26.85 -3.37
CA SER B 849 -13.54 27.29 -4.38
C SER B 849 -13.02 27.08 -5.79
N PHE B 850 -11.73 26.81 -5.95
CA PHE B 850 -11.11 26.52 -7.22
C PHE B 850 -10.67 25.06 -7.33
N LEU B 851 -9.89 24.58 -6.38
CA LEU B 851 -9.37 23.22 -6.38
C LEU B 851 -9.96 22.48 -5.19
N LYS B 852 -10.89 21.56 -5.46
CA LYS B 852 -11.47 20.77 -4.38
C LYS B 852 -10.49 19.72 -3.90
N ASP B 853 -9.41 20.16 -3.27
CA ASP B 853 -8.39 19.28 -2.70
C ASP B 853 -8.40 19.47 -1.19
N ASP B 854 -8.65 18.40 -0.45
CA ASP B 854 -8.72 18.45 1.01
C ASP B 854 -7.60 17.64 1.66
N SER B 855 -6.53 17.38 0.93
CA SER B 855 -5.42 16.59 1.43
C SER B 855 -4.31 17.49 1.96
N ILE B 856 -3.37 16.86 2.67
CA ILE B 856 -2.25 17.57 3.29
C ILE B 856 -1.45 18.33 2.24
N ASP B 857 -1.44 17.84 1.00
CA ASP B 857 -0.71 18.50 -0.08
C ASP B 857 -1.24 19.89 -0.40
N ASN B 858 -2.48 20.20 -0.01
CA ASN B 858 -3.06 21.52 -0.26
C ASN B 858 -3.52 22.21 1.03
N LYS B 859 -3.20 21.66 2.21
CA LYS B 859 -3.65 22.23 3.46
C LYS B 859 -2.46 22.67 4.32
N VAL B 860 -2.76 23.52 5.29
CA VAL B 860 -1.68 24.14 6.08
C VAL B 860 -2.25 24.54 7.44
N LEU B 861 -1.43 24.41 8.48
CA LEU B 861 -1.79 24.83 9.83
C LEU B 861 -1.19 26.21 10.09
N THR B 862 -2.04 27.19 10.34
CA THR B 862 -1.59 28.54 10.61
C THR B 862 -2.39 29.10 11.78
N ARG B 863 -1.86 30.14 12.41
CA ARG B 863 -2.56 30.70 13.57
C ARG B 863 -3.92 31.26 13.18
N SER B 864 -3.94 32.11 12.16
CA SER B 864 -5.18 32.69 11.65
C SER B 864 -5.09 32.70 10.13
N ASP B 865 -6.15 32.22 9.47
CA ASP B 865 -6.14 32.20 8.01
C ASP B 865 -6.13 33.60 7.42
N LYS B 866 -6.58 34.61 8.17
CA LYS B 866 -6.49 35.99 7.71
C LYS B 866 -5.09 36.31 7.24
N ASN B 867 -4.07 35.78 7.93
CA ASN B 867 -2.68 36.09 7.62
C ASN B 867 -2.20 35.50 6.31
N ARG B 868 -3.05 34.81 5.54
CA ARG B 868 -2.63 34.36 4.23
C ARG B 868 -2.53 35.52 3.25
N GLY B 869 -3.34 36.56 3.44
CA GLY B 869 -3.47 37.64 2.48
C GLY B 869 -4.92 37.79 2.07
N LYS B 870 -5.19 37.66 0.78
CA LYS B 870 -6.55 37.72 0.27
C LYS B 870 -7.05 36.30 0.02
N SER B 871 -8.28 36.03 0.42
CA SER B 871 -8.82 34.68 0.37
C SER B 871 -9.23 34.24 -1.02
N ASP B 872 -8.98 35.05 -2.04
CA ASP B 872 -9.42 34.73 -3.39
C ASP B 872 -8.28 34.23 -4.28
N ASN B 873 -7.13 33.91 -3.70
CA ASN B 873 -5.96 33.59 -4.50
C ASN B 873 -4.97 32.80 -3.65
N VAL B 874 -3.75 32.64 -4.18
CA VAL B 874 -2.65 31.94 -3.55
C VAL B 874 -2.12 32.83 -2.42
N PRO B 875 -1.52 32.27 -1.36
CA PRO B 875 -0.90 33.12 -0.33
C PRO B 875 -0.08 34.26 -0.92
N SER B 876 -0.17 35.42 -0.28
CA SER B 876 0.28 36.67 -0.86
C SER B 876 1.81 36.70 -1.00
N GLU B 877 2.27 37.65 -1.83
CA GLU B 877 3.70 37.79 -2.09
C GLU B 877 4.47 38.10 -0.82
N GLU B 878 3.87 38.89 0.08
CA GLU B 878 4.55 39.22 1.33
C GLU B 878 4.84 37.97 2.15
N VAL B 879 3.86 37.08 2.23
CA VAL B 879 4.06 35.83 2.97
C VAL B 879 5.12 34.97 2.29
N VAL B 880 5.12 34.94 0.96
CA VAL B 880 6.14 34.20 0.22
C VAL B 880 7.53 34.74 0.56
N LYS B 881 7.70 36.06 0.48
CA LYS B 881 8.98 36.68 0.81
C LYS B 881 9.39 36.33 2.23
N LYS B 882 8.43 36.36 3.17
CA LYS B 882 8.74 36.02 4.54
C LYS B 882 9.25 34.59 4.66
N MET B 883 8.56 33.63 4.05
CA MET B 883 8.66 32.23 4.48
C MET B 883 9.29 31.28 3.47
N LYS B 884 9.76 31.75 2.31
CA LYS B 884 10.20 30.82 1.28
C LYS B 884 11.37 29.97 1.74
N ASN B 885 12.27 30.53 2.55
CA ASN B 885 13.43 29.75 3.00
C ASN B 885 13.00 28.61 3.92
N TYR B 886 12.10 28.90 4.86
CA TYR B 886 11.57 27.87 5.74
C TYR B 886 10.82 26.80 4.95
N TRP B 887 10.06 27.23 3.92
CA TRP B 887 9.36 26.27 3.08
C TRP B 887 10.33 25.38 2.32
N ARG B 888 11.44 25.95 1.85
CA ARG B 888 12.46 25.16 1.18
C ARG B 888 13.10 24.15 2.13
N GLN B 889 13.36 24.57 3.37
CA GLN B 889 13.85 23.64 4.38
C GLN B 889 12.88 22.48 4.59
N LEU B 890 11.58 22.79 4.68
CA LEU B 890 10.60 21.72 4.82
C LEU B 890 10.54 20.82 3.60
N LEU B 891 10.77 21.37 2.42
CA LEU B 891 10.78 20.56 1.20
C LEU B 891 11.96 19.60 1.21
N ASN B 892 13.15 20.09 1.58
CA ASN B 892 14.33 19.22 1.59
C ASN B 892 14.16 18.07 2.56
N ALA B 893 13.61 18.36 3.75
CA ALA B 893 13.31 17.32 4.71
C ALA B 893 12.15 16.44 4.27
N LYS B 894 11.57 16.73 3.11
CA LYS B 894 10.42 16.00 2.57
C LYS B 894 9.23 16.05 3.52
N LEU B 895 9.13 17.14 4.28
CA LEU B 895 7.97 17.33 5.14
C LEU B 895 6.82 17.99 4.39
N ILE B 896 7.12 18.68 3.29
CA ILE B 896 6.12 19.06 2.30
C ILE B 896 6.60 18.55 0.95
N THR B 897 5.67 18.46 0.01
CA THR B 897 5.99 17.98 -1.33
C THR B 897 6.29 19.15 -2.26
N GLN B 898 6.84 18.80 -3.43
CA GLN B 898 7.15 19.84 -4.42
C GLN B 898 5.88 20.52 -4.92
N ARG B 899 4.79 19.76 -5.07
CA ARG B 899 3.51 20.36 -5.45
C ARG B 899 3.06 21.37 -4.40
N LYS B 900 3.14 20.99 -3.12
CA LYS B 900 2.75 21.88 -2.04
C LYS B 900 3.62 23.12 -2.00
N PHE B 901 4.94 22.94 -2.14
CA PHE B 901 5.84 24.09 -2.15
C PHE B 901 5.53 25.03 -3.31
N ASP B 902 5.28 24.46 -4.50
CA ASP B 902 4.99 25.29 -5.66
C ASP B 902 3.68 26.06 -5.47
N ASN B 903 2.66 25.43 -4.89
CA ASN B 903 1.41 26.15 -4.65
C ASN B 903 1.62 27.26 -3.63
N LEU B 904 2.43 27.00 -2.60
CA LEU B 904 2.70 28.02 -1.61
C LEU B 904 3.38 29.24 -2.22
N THR B 905 4.29 29.01 -3.17
CA THR B 905 5.16 30.06 -3.70
C THR B 905 4.64 30.64 -5.01
N LYS B 906 3.38 30.42 -5.36
CA LYS B 906 2.91 30.79 -6.70
C LYS B 906 2.70 32.29 -6.85
N ALA B 907 2.60 33.03 -5.74
CA ALA B 907 2.35 34.47 -5.86
C ALA B 907 3.54 35.18 -6.48
N GLU B 908 4.76 34.73 -6.20
CA GLU B 908 5.93 35.29 -6.86
C GLU B 908 5.99 34.94 -8.34
N ARG B 909 5.15 34.02 -8.79
CA ARG B 909 5.04 33.68 -10.20
C ARG B 909 3.73 34.22 -10.76
N LEU B 912 -2.36 33.44 -9.12
CA LEU B 912 -3.35 32.73 -9.92
C LEU B 912 -3.91 33.64 -10.99
N SER B 913 -3.59 33.32 -12.24
CA SER B 913 -4.17 34.04 -13.35
C SER B 913 -5.65 33.71 -13.48
N GLU B 914 -6.33 34.41 -14.39
CA GLU B 914 -7.74 34.12 -14.62
C GLU B 914 -7.91 32.79 -15.34
N LEU B 915 -6.95 32.44 -16.22
CA LEU B 915 -6.96 31.14 -16.86
C LEU B 915 -6.90 30.02 -15.83
N ASP B 916 -6.08 30.19 -14.78
CA ASP B 916 -5.98 29.18 -13.74
C ASP B 916 -7.33 28.95 -13.06
N LYS B 917 -8.07 30.04 -12.79
CA LYS B 917 -9.33 29.89 -12.07
C LYS B 917 -10.41 29.30 -12.97
N ALA B 918 -10.45 29.72 -14.24
CA ALA B 918 -11.35 29.09 -15.19
C ALA B 918 -11.08 27.59 -15.30
N GLY B 919 -9.80 27.21 -15.38
CA GLY B 919 -9.47 25.80 -15.44
C GLY B 919 -9.80 25.06 -14.17
N PHE B 920 -9.66 25.70 -13.01
CA PHE B 920 -10.03 25.07 -11.75
C PHE B 920 -11.52 24.78 -11.69
N ILE B 921 -12.35 25.72 -12.11
CA ILE B 921 -13.79 25.45 -12.18
C ILE B 921 -14.08 24.32 -13.16
N LYS B 922 -13.52 24.43 -14.37
CA LYS B 922 -13.72 23.42 -15.40
C LYS B 922 -13.39 22.02 -14.87
N ARG B 923 -12.28 21.90 -14.15
CA ARG B 923 -11.89 20.61 -13.60
C ARG B 923 -12.77 20.20 -12.42
N GLN B 924 -13.37 21.17 -11.72
CA GLN B 924 -14.39 20.83 -10.74
C GLN B 924 -15.57 20.14 -11.39
N LEU B 925 -15.86 20.48 -12.66
CA LEU B 925 -17.02 19.91 -13.33
C LEU B 925 -16.69 18.88 -14.40
N VAL B 926 -15.44 18.79 -14.87
CA VAL B 926 -15.06 17.89 -15.95
C VAL B 926 -14.20 16.76 -15.39
N GLU B 927 -14.68 15.53 -15.51
CA GLU B 927 -13.97 14.36 -15.00
C GLU B 927 -12.79 14.06 -15.92
N THR B 928 -11.59 13.97 -15.34
CA THR B 928 -10.39 13.66 -16.09
C THR B 928 -9.60 12.49 -15.52
N ARG B 929 -10.12 11.82 -14.48
CA ARG B 929 -9.45 10.66 -13.90
C ARG B 929 -9.29 9.57 -14.94
N GLN B 930 -8.12 8.92 -14.93
CA GLN B 930 -7.83 7.91 -15.94
C GLN B 930 -8.77 6.71 -15.82
N ILE B 931 -9.08 6.30 -14.58
CA ILE B 931 -9.86 5.08 -14.38
C ILE B 931 -11.29 5.26 -14.88
N THR B 932 -11.86 6.44 -14.64
CA THR B 932 -13.20 6.73 -15.16
C THR B 932 -13.19 6.77 -16.68
N LYS B 933 -12.12 7.33 -17.27
CA LYS B 933 -11.96 7.29 -18.71
C LYS B 933 -11.90 5.86 -19.21
N HIS B 934 -11.33 4.94 -18.41
CA HIS B 934 -11.26 3.55 -18.85
C HIS B 934 -12.63 2.89 -18.80
N VAL B 935 -13.41 3.17 -17.76
CA VAL B 935 -14.80 2.70 -17.74
C VAL B 935 -15.56 3.22 -18.94
N ALA B 936 -15.36 4.51 -19.26
CA ALA B 936 -16.04 5.10 -20.41
C ALA B 936 -15.59 4.43 -21.70
N GLN B 937 -14.29 4.15 -21.84
CA GLN B 937 -13.79 3.47 -23.03
C GLN B 937 -14.41 2.09 -23.16
N ILE B 938 -14.46 1.34 -22.07
CA ILE B 938 -15.04 0.00 -22.11
C ILE B 938 -16.49 0.05 -22.59
N LEU B 939 -17.30 0.90 -21.95
CA LEU B 939 -18.71 0.99 -22.34
C LEU B 939 -18.87 1.51 -23.77
N ASP B 940 -18.08 2.50 -24.16
CA ASP B 940 -18.21 3.07 -25.51
C ASP B 940 -17.83 2.05 -26.57
N SER B 941 -16.79 1.25 -26.31
CA SER B 941 -16.40 0.22 -27.25
C SER B 941 -17.41 -0.91 -27.29
N ARG B 942 -18.10 -1.17 -26.16
CA ARG B 942 -19.12 -2.21 -26.18
C ARG B 942 -20.38 -1.77 -26.91
N MET B 943 -20.73 -0.48 -26.82
CA MET B 943 -22.00 -0.03 -27.41
C MET B 943 -21.87 0.31 -28.89
N ASN B 944 -20.80 1.00 -29.26
CA ASN B 944 -20.65 1.56 -30.60
C ASN B 944 -19.67 0.71 -31.40
N THR B 945 -20.20 -0.19 -32.23
CA THR B 945 -19.39 -1.14 -32.98
C THR B 945 -19.45 -0.94 -34.49
N LYS B 946 -20.39 -0.14 -35.00
CA LYS B 946 -20.57 0.01 -36.43
C LYS B 946 -19.82 1.23 -36.96
N TYR B 947 -19.37 1.13 -38.21
CA TYR B 947 -18.67 2.21 -38.89
C TYR B 947 -19.47 2.63 -40.13
N ASP B 948 -19.26 3.87 -40.56
CA ASP B 948 -20.10 4.46 -41.60
C ASP B 948 -19.40 4.35 -42.97
N GLU B 949 -19.90 5.10 -43.95
CA GLU B 949 -19.37 5.03 -45.32
C GLU B 949 -17.98 5.64 -45.44
N ASN B 950 -17.63 6.59 -44.57
CA ASN B 950 -16.28 7.13 -44.52
C ASN B 950 -15.39 6.38 -43.54
N ASP B 951 -15.84 5.19 -43.09
CA ASP B 951 -15.12 4.35 -42.14
C ASP B 951 -14.93 5.02 -40.79
N LYS B 952 -15.77 6.00 -40.46
CA LYS B 952 -15.76 6.58 -39.12
C LYS B 952 -16.65 5.77 -38.19
N LEU B 953 -16.34 5.83 -36.90
CA LEU B 953 -17.16 5.13 -35.92
C LEU B 953 -18.53 5.79 -35.80
N ILE B 954 -19.57 4.96 -35.70
CA ILE B 954 -20.94 5.44 -35.54
C ILE B 954 -21.27 5.40 -34.04
N ARG B 955 -21.38 6.58 -33.44
CA ARG B 955 -21.59 6.70 -32.00
C ARG B 955 -23.09 6.71 -31.72
N GLU B 956 -23.69 5.51 -31.69
CA GLU B 956 -25.09 5.38 -31.35
C GLU B 956 -25.35 5.77 -29.89
N VAL B 957 -24.47 5.38 -28.99
CA VAL B 957 -24.62 5.61 -27.56
C VAL B 957 -23.55 6.60 -27.12
N LYS B 958 -23.99 7.68 -26.47
CA LYS B 958 -23.05 8.68 -25.94
C LYS B 958 -22.73 8.33 -24.50
N VAL B 959 -21.46 8.10 -24.21
CA VAL B 959 -21.00 7.80 -22.86
C VAL B 959 -20.54 9.10 -22.22
N ILE B 960 -21.34 9.61 -21.28
CA ILE B 960 -21.08 10.85 -20.56
C ILE B 960 -20.49 10.49 -19.22
N THR B 961 -19.54 11.29 -18.74
CA THR B 961 -18.94 11.10 -17.43
C THR B 961 -19.08 12.39 -16.62
N LEU B 962 -19.50 12.27 -15.37
CA LEU B 962 -19.71 13.42 -14.51
C LEU B 962 -18.96 13.26 -13.19
N LYS B 963 -18.58 14.39 -12.61
CA LYS B 963 -18.08 14.44 -11.25
C LYS B 963 -19.24 14.54 -10.28
N SER B 964 -19.00 14.13 -9.04
CA SER B 964 -20.07 14.07 -8.04
C SER B 964 -20.60 15.45 -7.68
N LYS B 965 -19.82 16.51 -7.90
CA LYS B 965 -20.25 17.85 -7.48
C LYS B 965 -21.48 18.31 -8.25
N LEU B 966 -21.63 17.89 -9.51
CA LEU B 966 -22.80 18.29 -10.29
C LEU B 966 -24.09 17.84 -9.59
N VAL B 967 -24.26 16.54 -9.40
CA VAL B 967 -25.47 16.02 -8.77
C VAL B 967 -25.56 16.43 -7.31
N SER B 968 -24.42 16.55 -6.63
CA SER B 968 -24.44 17.01 -5.24
C SER B 968 -25.02 18.43 -5.13
N ASP B 969 -24.53 19.33 -5.98
CA ASP B 969 -25.07 20.69 -6.00
C ASP B 969 -26.52 20.70 -6.44
N PHE B 970 -26.89 19.83 -7.38
CA PHE B 970 -28.29 19.73 -7.78
C PHE B 970 -29.17 19.36 -6.60
N ARG B 971 -28.74 18.36 -5.82
CA ARG B 971 -29.46 17.98 -4.62
C ARG B 971 -29.59 19.15 -3.66
N LYS B 972 -28.47 19.82 -3.36
CA LYS B 972 -28.50 20.90 -2.37
C LYS B 972 -29.25 22.13 -2.87
N ASP B 973 -29.38 22.30 -4.18
CA ASP B 973 -30.07 23.46 -4.74
C ASP B 973 -31.58 23.24 -4.77
N PHE B 974 -32.02 22.07 -5.24
CA PHE B 974 -33.45 21.83 -5.43
C PHE B 974 -34.05 20.97 -4.34
N GLN B 975 -33.38 20.85 -3.19
CA GLN B 975 -33.91 20.22 -1.98
C GLN B 975 -34.24 18.75 -2.22
N PHE B 976 -33.36 18.07 -2.95
CA PHE B 976 -33.40 16.61 -3.10
C PHE B 976 -32.32 15.97 -2.22
N TYR B 977 -32.36 16.33 -0.93
CA TYR B 977 -31.29 15.99 -0.01
C TYR B 977 -31.13 14.47 0.14
N LYS B 978 -29.92 14.06 0.49
CA LYS B 978 -29.59 12.66 0.72
C LYS B 978 -29.04 12.52 2.14
N VAL B 979 -29.49 11.46 2.82
CA VAL B 979 -28.95 11.04 4.11
C VAL B 979 -28.56 9.58 3.94
N ARG B 980 -27.25 9.31 3.91
CA ARG B 980 -26.76 7.98 3.58
C ARG B 980 -27.24 6.93 4.57
N GLU B 981 -27.50 7.31 5.82
CA GLU B 981 -27.71 6.33 6.88
C GLU B 981 -29.13 5.77 6.92
N ILE B 982 -30.09 6.38 6.22
CA ILE B 982 -31.47 5.91 6.31
C ILE B 982 -31.62 4.54 5.67
N ASN B 983 -31.06 4.38 4.48
CA ASN B 983 -31.09 3.11 3.77
C ASN B 983 -29.99 3.13 2.70
N ASN B 984 -30.09 2.27 1.71
CA ASN B 984 -29.14 2.22 0.60
C ASN B 984 -29.68 2.86 -0.67
N TYR B 985 -30.89 3.41 -0.64
CA TYR B 985 -31.51 3.92 -1.86
C TYR B 985 -30.68 5.03 -2.51
N HIS B 986 -29.88 5.74 -1.73
CA HIS B 986 -29.18 6.91 -2.25
C HIS B 986 -28.23 6.57 -3.38
N HIS B 987 -27.72 5.33 -3.45
CA HIS B 987 -26.93 4.93 -4.61
C HIS B 987 -27.78 4.91 -5.88
N ALA B 988 -28.97 4.30 -5.79
CA ALA B 988 -29.90 4.29 -6.92
C ALA B 988 -30.36 5.70 -7.28
N HIS B 989 -30.71 6.51 -6.27
CA HIS B 989 -31.10 7.88 -6.51
C HIS B 989 -29.98 8.67 -7.18
N ASP B 990 -28.73 8.42 -6.78
CA ASP B 990 -27.60 9.07 -7.41
C ASP B 990 -27.50 8.69 -8.88
N ALA B 991 -27.68 7.41 -9.19
CA ALA B 991 -27.68 6.99 -10.59
C ALA B 991 -28.76 7.74 -11.38
N TYR B 992 -29.97 7.81 -10.84
CA TYR B 992 -31.06 8.49 -11.52
C TYR B 992 -30.73 9.95 -11.77
N LEU B 993 -30.24 10.65 -10.74
CA LEU B 993 -29.93 12.07 -10.89
C LEU B 993 -28.78 12.28 -11.86
N ASN B 994 -27.80 11.38 -11.86
CA ASN B 994 -26.73 11.43 -12.85
C ASN B 994 -27.31 11.40 -14.26
N ALA B 995 -28.17 10.41 -14.53
CA ALA B 995 -28.77 10.29 -15.86
C ALA B 995 -29.53 11.56 -16.23
N VAL B 996 -30.41 12.02 -15.33
CA VAL B 996 -31.24 13.20 -15.61
C VAL B 996 -30.37 14.41 -15.92
N VAL B 997 -29.45 14.73 -15.01
CA VAL B 997 -28.64 15.94 -15.15
C VAL B 997 -27.77 15.86 -16.40
N GLY B 998 -27.15 14.71 -16.65
CA GLY B 998 -26.25 14.61 -17.79
C GLY B 998 -26.97 14.72 -19.12
N THR B 999 -28.08 13.99 -19.27
CA THR B 999 -28.84 14.06 -20.51
C THR B 999 -29.39 15.47 -20.73
N ALA B 1000 -29.95 16.07 -19.67
CA ALA B 1000 -30.45 17.44 -19.79
C ALA B 1000 -29.31 18.41 -20.13
N LEU B 1001 -28.12 18.16 -19.60
CA LEU B 1001 -27.00 19.08 -19.82
C LEU B 1001 -26.58 19.07 -21.28
N ILE B 1002 -26.36 17.87 -21.85
CA ILE B 1002 -25.95 17.84 -23.26
C ILE B 1002 -27.11 18.15 -24.20
N LYS B 1003 -28.36 18.00 -23.75
CA LYS B 1003 -29.48 18.48 -24.54
C LYS B 1003 -29.50 19.99 -24.62
N LYS B 1004 -29.24 20.66 -23.50
CA LYS B 1004 -29.27 22.12 -23.48
C LYS B 1004 -28.14 22.72 -24.31
N TYR B 1005 -26.91 22.24 -24.10
CA TYR B 1005 -25.71 22.78 -24.73
C TYR B 1005 -25.00 21.70 -25.53
N PRO B 1006 -25.48 21.40 -26.76
CA PRO B 1006 -24.91 20.30 -27.57
C PRO B 1006 -23.44 20.46 -27.91
N LYS B 1007 -22.86 21.64 -27.65
CA LYS B 1007 -21.43 21.83 -27.87
C LYS B 1007 -20.61 21.12 -26.81
N LEU B 1008 -21.07 21.16 -25.56
CA LEU B 1008 -20.40 20.56 -24.42
C LEU B 1008 -20.11 19.07 -24.60
N GLU B 1009 -20.66 18.47 -25.66
CA GLU B 1009 -20.33 17.08 -25.95
C GLU B 1009 -18.82 16.90 -26.00
N SER B 1010 -18.11 17.86 -26.62
CA SER B 1010 -16.65 17.73 -26.73
C SER B 1010 -15.98 17.53 -25.38
N GLU B 1011 -16.62 17.94 -24.29
CA GLU B 1011 -16.03 17.82 -22.97
C GLU B 1011 -16.58 16.66 -22.17
N PHE B 1012 -17.79 16.18 -22.47
CA PHE B 1012 -18.43 15.20 -21.61
C PHE B 1012 -18.64 13.83 -22.24
N VAL B 1013 -18.62 13.74 -23.56
CA VAL B 1013 -18.84 12.47 -24.25
C VAL B 1013 -17.49 11.83 -24.53
N TYR B 1014 -17.37 10.54 -24.22
CA TYR B 1014 -16.11 9.86 -24.48
C TYR B 1014 -15.89 9.73 -25.98
N GLY B 1015 -14.65 9.98 -26.42
CA GLY B 1015 -14.28 9.87 -27.81
C GLY B 1015 -14.63 11.07 -28.66
N ASP B 1016 -15.23 12.10 -28.07
CA ASP B 1016 -15.67 13.28 -28.81
C ASP B 1016 -14.61 14.37 -28.65
N TYR B 1017 -14.10 14.87 -29.76
CA TYR B 1017 -13.12 15.95 -29.74
C TYR B 1017 -13.01 16.56 -31.12
N LYS B 1018 -12.73 17.86 -31.16
CA LYS B 1018 -12.63 18.61 -32.41
C LYS B 1018 -11.29 19.30 -32.60
N VAL B 1019 -10.51 19.51 -31.54
CA VAL B 1019 -9.22 20.18 -31.63
C VAL B 1019 -8.16 19.22 -32.15
N ALA B 1036 -10.56 34.44 -20.67
CA ALA B 1036 -10.58 33.59 -19.49
C ALA B 1036 -11.80 33.89 -18.62
N THR B 1037 -12.10 35.19 -18.48
CA THR B 1037 -13.31 35.59 -17.76
C THR B 1037 -14.56 34.99 -18.40
N ALA B 1038 -14.58 34.90 -19.72
CA ALA B 1038 -15.74 34.35 -20.42
C ALA B 1038 -15.97 32.89 -20.04
N LYS B 1039 -14.94 32.06 -20.14
CA LYS B 1039 -15.09 30.66 -19.79
C LYS B 1039 -15.32 30.47 -18.30
N TYR B 1040 -14.76 31.33 -17.46
CA TYR B 1040 -15.02 31.26 -16.02
C TYR B 1040 -16.51 31.49 -15.74
N PHE B 1041 -17.05 32.60 -16.26
CA PHE B 1041 -18.48 32.87 -16.18
C PHE B 1041 -19.30 31.69 -16.69
N PHE B 1042 -18.98 31.22 -17.90
CA PHE B 1042 -19.72 30.13 -18.52
C PHE B 1042 -19.76 28.89 -17.62
N TYR B 1043 -18.58 28.36 -17.26
CA TYR B 1043 -18.52 27.09 -16.54
C TYR B 1043 -18.96 27.20 -15.09
N SER B 1044 -19.00 28.42 -14.52
CA SER B 1044 -19.57 28.54 -13.18
C SER B 1044 -21.08 28.59 -13.20
N ASN B 1045 -21.67 29.17 -14.24
CA ASN B 1045 -23.12 29.31 -14.36
C ASN B 1045 -23.73 28.30 -15.33
N ILE B 1046 -22.98 27.23 -15.65
CA ILE B 1046 -23.43 26.27 -16.66
C ILE B 1046 -24.73 25.59 -16.24
N MET B 1047 -24.98 25.45 -14.94
CA MET B 1047 -26.14 24.75 -14.43
C MET B 1047 -27.31 25.66 -14.08
N ASN B 1048 -27.20 26.96 -14.35
CA ASN B 1048 -28.25 27.89 -13.94
C ASN B 1048 -29.55 27.64 -14.68
N PHE B 1049 -29.48 27.08 -15.89
CA PHE B 1049 -30.68 26.90 -16.70
C PHE B 1049 -31.74 26.06 -16.00
N PHE B 1050 -31.38 25.33 -14.95
CA PHE B 1050 -32.39 24.65 -14.15
C PHE B 1050 -33.17 25.64 -13.30
N LYS B 1051 -32.50 26.67 -12.79
CA LYS B 1051 -33.12 27.59 -11.85
C LYS B 1051 -34.10 28.51 -12.57
N THR B 1052 -35.02 29.07 -11.78
CA THR B 1052 -35.95 30.08 -12.27
C THR B 1052 -35.37 31.48 -12.10
N GLU B 1053 -34.72 31.74 -10.98
CA GLU B 1053 -34.03 32.98 -10.71
C GLU B 1053 -32.62 32.66 -10.26
N ILE B 1054 -31.65 33.48 -10.69
CA ILE B 1054 -30.25 33.28 -10.33
C ILE B 1054 -29.70 34.61 -9.82
N THR B 1055 -28.88 34.53 -8.78
CA THR B 1055 -28.17 35.69 -8.25
C THR B 1055 -26.69 35.46 -8.52
N LEU B 1056 -26.12 36.22 -9.44
CA LEU B 1056 -24.74 36.03 -9.85
C LEU B 1056 -23.77 36.72 -8.90
N GLY B 1059 -22.61 40.52 -7.18
CA GLY B 1059 -23.41 39.95 -8.26
C GLY B 1059 -24.82 40.46 -8.21
N GLU B 1060 -25.59 40.16 -9.27
CA GLU B 1060 -26.92 40.72 -9.46
C GLU B 1060 -27.89 39.64 -9.90
N ILE B 1061 -29.18 39.94 -9.74
CA ILE B 1061 -30.24 38.95 -9.94
C ILE B 1061 -30.49 38.74 -11.42
N ARG B 1062 -30.62 37.47 -11.83
CA ARG B 1062 -30.99 37.10 -13.19
C ARG B 1062 -32.22 36.20 -13.14
N LYS B 1063 -33.19 36.46 -14.01
CA LYS B 1063 -34.41 35.66 -14.09
C LYS B 1063 -34.40 34.83 -15.38
N ARG B 1064 -34.97 33.64 -15.32
CA ARG B 1064 -34.91 32.69 -16.43
C ARG B 1064 -36.30 32.13 -16.71
N PRO B 1065 -36.55 31.65 -17.94
CA PRO B 1065 -37.91 31.21 -18.33
C PRO B 1065 -38.30 29.90 -17.68
N LEU B 1066 -39.59 29.58 -17.80
CA LEU B 1066 -40.15 28.37 -17.20
C LEU B 1066 -39.82 27.12 -18.01
N ILE B 1067 -39.78 27.23 -19.33
CA ILE B 1067 -39.45 26.12 -20.22
C ILE B 1067 -38.11 26.41 -20.86
N GLU B 1068 -37.16 25.50 -20.68
CA GLU B 1068 -35.79 25.63 -21.19
C GLU B 1068 -35.60 24.71 -22.40
N THR B 1069 -35.03 25.29 -23.46
CA THR B 1069 -34.96 24.65 -24.77
C THR B 1069 -33.54 24.74 -25.31
N ASN B 1070 -33.31 23.98 -26.37
CA ASN B 1070 -32.01 23.95 -27.06
C ASN B 1070 -31.79 25.25 -27.81
N GLY B 1071 -30.52 25.63 -27.95
CA GLY B 1071 -30.19 26.89 -28.60
C GLY B 1071 -30.57 26.93 -30.06
N GLU B 1072 -30.47 25.79 -30.75
CA GLU B 1072 -30.75 25.74 -32.18
C GLU B 1072 -31.96 24.86 -32.50
N THR B 1073 -31.95 23.59 -32.09
CA THR B 1073 -33.02 22.68 -32.49
C THR B 1073 -34.38 23.13 -31.97
N GLY B 1074 -34.42 23.75 -30.79
CA GLY B 1074 -35.68 24.10 -30.18
C GLY B 1074 -36.38 22.97 -29.47
N GLU B 1075 -35.74 21.80 -29.37
CA GLU B 1075 -36.30 20.71 -28.57
C GLU B 1075 -36.34 21.14 -27.11
N ILE B 1076 -37.43 20.78 -26.42
CA ILE B 1076 -37.54 21.08 -25.00
C ILE B 1076 -36.57 20.20 -24.23
N VAL B 1077 -35.83 20.80 -23.30
CA VAL B 1077 -34.93 20.03 -22.45
C VAL B 1077 -35.36 20.05 -20.99
N TRP B 1078 -36.00 21.11 -20.52
CA TRP B 1078 -36.40 21.11 -19.11
C TRP B 1078 -37.67 21.93 -18.91
N ASP B 1079 -38.65 21.36 -18.21
CA ASP B 1079 -39.89 22.04 -17.86
C ASP B 1079 -39.91 22.17 -16.34
N LYS B 1080 -39.63 23.38 -15.84
CA LYS B 1080 -39.58 23.61 -14.40
C LYS B 1080 -40.91 23.43 -13.71
N GLY B 1081 -42.01 23.40 -14.46
CA GLY B 1081 -43.32 23.15 -13.90
C GLY B 1081 -43.74 21.70 -13.82
N ARG B 1082 -43.01 20.79 -14.48
CA ARG B 1082 -43.33 19.37 -14.48
C ARG B 1082 -42.15 18.47 -14.11
N ASP B 1083 -40.95 18.76 -14.61
CA ASP B 1083 -39.83 17.83 -14.48
C ASP B 1083 -39.28 17.75 -13.06
N PHE B 1084 -39.30 18.85 -12.31
CA PHE B 1084 -38.93 18.77 -10.90
C PHE B 1084 -39.87 17.86 -10.13
N ALA B 1085 -41.17 17.95 -10.42
CA ALA B 1085 -42.14 17.04 -9.82
C ALA B 1085 -41.82 15.60 -10.20
N THR B 1086 -41.35 15.38 -11.42
CA THR B 1086 -40.99 14.03 -11.85
C THR B 1086 -39.82 13.49 -11.02
N VAL B 1087 -38.76 14.28 -10.87
CA VAL B 1087 -37.63 13.86 -10.03
C VAL B 1087 -38.11 13.57 -8.61
N ARG B 1088 -38.99 14.43 -8.09
CA ARG B 1088 -39.48 14.26 -6.72
C ARG B 1088 -40.25 12.94 -6.57
N LYS B 1089 -41.09 12.62 -7.55
CA LYS B 1089 -41.84 11.37 -7.47
C LYS B 1089 -40.92 10.16 -7.62
N VAL B 1090 -39.86 10.28 -8.43
CA VAL B 1090 -38.94 9.15 -8.58
C VAL B 1090 -38.17 8.91 -7.29
N LEU B 1091 -37.73 10.00 -6.64
CA LEU B 1091 -37.00 9.85 -5.39
C LEU B 1091 -37.89 9.35 -4.25
N SER B 1092 -39.21 9.48 -4.37
CA SER B 1092 -40.14 9.05 -3.34
C SER B 1092 -40.67 7.64 -3.56
N MET B 1093 -40.27 6.97 -4.65
CA MET B 1093 -40.74 5.62 -4.90
C MET B 1093 -40.24 4.67 -3.81
N PRO B 1094 -41.13 3.88 -3.19
CA PRO B 1094 -40.69 2.96 -2.12
C PRO B 1094 -40.05 1.69 -2.62
N GLN B 1095 -40.29 1.29 -3.87
CA GLN B 1095 -39.81 0.01 -4.39
C GLN B 1095 -38.55 0.27 -5.21
N VAL B 1096 -37.40 0.08 -4.57
CA VAL B 1096 -36.10 0.22 -5.21
C VAL B 1096 -35.40 -1.13 -5.13
N ASN B 1097 -34.75 -1.53 -6.23
CA ASN B 1097 -34.16 -2.86 -6.34
C ASN B 1097 -32.75 -2.85 -5.75
N ILE B 1098 -32.68 -2.87 -4.43
CA ILE B 1098 -31.41 -3.03 -3.74
C ILE B 1098 -31.08 -4.52 -3.65
N VAL B 1099 -30.01 -4.94 -4.32
CA VAL B 1099 -29.59 -6.32 -4.35
C VAL B 1099 -28.24 -6.45 -3.67
N LYS B 1100 -28.12 -7.40 -2.74
CA LYS B 1100 -26.86 -7.73 -2.09
C LYS B 1100 -26.28 -8.94 -2.79
N LYS B 1101 -25.15 -8.75 -3.48
CA LYS B 1101 -24.54 -9.81 -4.27
C LYS B 1101 -24.18 -11.01 -3.39
N THR B 1102 -24.81 -12.16 -3.66
CA THR B 1102 -24.48 -13.37 -2.93
C THR B 1102 -23.06 -13.80 -3.33
N GLU B 1103 -22.27 -14.21 -2.33
CA GLU B 1103 -20.87 -14.51 -2.56
C GLU B 1103 -20.45 -15.71 -1.74
N VAL B 1104 -19.86 -16.71 -2.41
CA VAL B 1104 -19.13 -17.76 -1.72
C VAL B 1104 -17.97 -17.15 -0.98
N GLN B 1105 -17.78 -17.54 0.27
CA GLN B 1105 -16.66 -17.04 1.07
C GLN B 1105 -15.40 -17.84 0.75
N THR B 1106 -14.28 -17.13 0.65
CA THR B 1106 -13.00 -17.73 0.34
C THR B 1106 -11.95 -17.18 1.32
N GLY B 1107 -10.76 -17.75 1.26
CA GLY B 1107 -9.61 -17.22 1.98
C GLY B 1107 -9.15 -18.21 3.05
N GLY B 1108 -8.78 -17.67 4.20
CA GLY B 1108 -8.28 -18.51 5.28
C GLY B 1108 -9.33 -19.50 5.76
N PHE B 1109 -8.85 -20.69 6.12
CA PHE B 1109 -9.76 -21.72 6.61
C PHE B 1109 -10.49 -21.28 7.86
N SER B 1110 -9.78 -20.66 8.80
CA SER B 1110 -10.31 -20.38 10.12
C SER B 1110 -9.46 -19.28 10.75
N LYS B 1111 -9.79 -18.94 11.99
CA LYS B 1111 -8.89 -18.15 12.81
C LYS B 1111 -7.55 -18.86 12.91
N GLU B 1112 -6.49 -18.08 13.04
CA GLU B 1112 -5.14 -18.62 12.97
C GLU B 1112 -4.58 -19.04 14.33
N SER B 1113 -5.11 -18.48 15.41
CA SER B 1113 -4.64 -18.82 16.76
C SER B 1113 -4.62 -20.33 16.95
N ILE B 1114 -3.47 -20.85 17.36
CA ILE B 1114 -3.32 -22.26 17.72
C ILE B 1114 -3.68 -22.35 19.20
N LEU B 1115 -4.89 -22.82 19.49
CA LEU B 1115 -5.48 -22.80 20.81
C LEU B 1115 -5.05 -24.01 21.63
N PRO B 1116 -5.02 -23.88 22.96
CA PRO B 1116 -4.64 -24.99 23.82
C PRO B 1116 -5.68 -26.11 23.76
N LYS B 1117 -5.24 -27.31 24.13
CA LYS B 1117 -6.14 -28.47 24.10
C LYS B 1117 -7.34 -28.24 25.00
N ARG B 1118 -8.44 -28.91 24.65
CA ARG B 1118 -9.76 -28.62 25.19
C ARG B 1118 -10.71 -29.73 24.73
N ASN B 1119 -11.73 -29.99 25.53
CA ASN B 1119 -12.81 -30.88 25.11
C ASN B 1119 -13.84 -30.05 24.37
N SER B 1120 -13.85 -30.19 23.04
CA SER B 1120 -14.76 -29.46 22.17
C SER B 1120 -14.63 -30.02 20.76
N ASP B 1121 -15.74 -30.52 20.20
CA ASP B 1121 -15.73 -30.89 18.79
C ASP B 1121 -15.45 -29.69 17.90
N LYS B 1122 -15.56 -28.47 18.43
CA LYS B 1122 -15.25 -27.26 17.69
C LYS B 1122 -13.77 -27.08 17.42
N LEU B 1123 -12.91 -27.92 17.97
CA LEU B 1123 -11.48 -27.83 17.72
C LEU B 1123 -11.12 -28.60 16.46
N ILE B 1124 -10.24 -28.02 15.64
CA ILE B 1124 -9.84 -28.58 14.36
C ILE B 1124 -8.37 -28.99 14.45
N ALA B 1125 -8.06 -30.21 14.04
CA ALA B 1125 -6.69 -30.71 14.12
C ALA B 1125 -5.79 -29.98 13.13
N ARG B 1126 -4.59 -29.62 13.59
CA ARG B 1126 -3.61 -28.96 12.73
C ARG B 1126 -2.81 -29.94 11.90
N LYS B 1127 -2.87 -31.23 12.22
CA LYS B 1127 -2.26 -32.28 11.42
C LYS B 1127 -3.14 -33.50 11.56
N LYS B 1128 -3.11 -34.38 10.56
CA LYS B 1128 -4.12 -35.44 10.45
C LYS B 1128 -4.24 -36.23 11.74
N ASP B 1129 -3.12 -36.52 12.39
CA ASP B 1129 -3.08 -37.42 13.54
C ASP B 1129 -2.99 -36.68 14.88
N TRP B 1130 -3.08 -35.35 14.88
CA TRP B 1130 -2.96 -34.58 16.10
C TRP B 1130 -4.36 -34.29 16.66
N ASP B 1131 -4.97 -35.32 17.24
CA ASP B 1131 -6.26 -35.21 17.93
C ASP B 1131 -6.26 -34.01 18.88
N PRO B 1132 -7.08 -32.98 18.62
CA PRO B 1132 -6.97 -31.71 19.37
C PRO B 1132 -7.26 -31.83 20.86
N LYS B 1133 -8.00 -32.86 21.28
CA LYS B 1133 -8.19 -33.11 22.70
C LYS B 1133 -6.85 -33.27 23.42
N LYS B 1134 -5.84 -33.80 22.73
CA LYS B 1134 -4.51 -33.93 23.31
C LYS B 1134 -3.61 -32.76 22.96
N TYR B 1135 -3.75 -32.19 21.76
CA TYR B 1135 -2.78 -31.24 21.24
C TYR B 1135 -3.32 -29.84 20.98
N GLY B 1136 -4.62 -29.63 21.04
CA GLY B 1136 -5.18 -28.34 20.68
C GLY B 1136 -5.25 -28.16 19.17
N GLY B 1137 -5.56 -26.93 18.75
CA GLY B 1137 -5.67 -26.64 17.32
C GLY B 1137 -6.48 -25.37 17.09
N PHE B 1138 -7.06 -25.29 15.89
CA PHE B 1138 -7.84 -24.13 15.47
C PHE B 1138 -9.31 -24.31 15.79
N ASP B 1139 -10.02 -23.19 15.86
CA ASP B 1139 -11.47 -23.18 15.85
C ASP B 1139 -11.92 -22.03 14.95
N SER B 1140 -13.22 -21.76 14.98
CA SER B 1140 -13.82 -20.69 14.20
C SER B 1140 -13.53 -20.81 12.70
N PRO B 1141 -13.97 -21.87 12.03
CA PRO B 1141 -13.78 -21.97 10.58
C PRO B 1141 -14.78 -21.06 9.88
N THR B 1142 -14.38 -20.58 8.70
CA THR B 1142 -15.27 -19.78 7.86
C THR B 1142 -16.08 -20.68 6.93
N VAL B 1143 -17.36 -20.39 6.79
CA VAL B 1143 -18.24 -21.17 5.93
C VAL B 1143 -18.15 -20.59 4.51
N ALA B 1144 -17.76 -21.44 3.56
CA ALA B 1144 -17.78 -21.03 2.15
C ALA B 1144 -19.21 -20.78 1.69
N TYR B 1145 -20.10 -21.71 1.98
CA TYR B 1145 -21.52 -21.58 1.69
C TYR B 1145 -22.27 -22.68 2.44
N SER B 1146 -23.54 -22.42 2.73
CA SER B 1146 -24.38 -23.41 3.39
C SER B 1146 -25.02 -24.32 2.34
N VAL B 1147 -25.60 -25.42 2.81
CA VAL B 1147 -26.29 -26.37 1.94
C VAL B 1147 -27.58 -26.79 2.64
N LEU B 1148 -28.69 -26.73 1.92
CA LEU B 1148 -29.95 -27.28 2.42
C LEU B 1148 -29.93 -28.79 2.24
N VAL B 1149 -30.11 -29.53 3.33
CA VAL B 1149 -30.15 -30.99 3.28
C VAL B 1149 -31.56 -31.45 3.67
N VAL B 1150 -32.19 -32.22 2.80
CA VAL B 1150 -33.39 -32.99 3.13
C VAL B 1150 -32.96 -34.45 3.20
N ALA B 1151 -33.00 -35.02 4.41
CA ALA B 1151 -32.51 -36.36 4.66
C ALA B 1151 -32.99 -36.89 6.00
N LYS B 1152 -32.27 -37.87 6.55
CA LYS B 1152 -32.64 -38.49 7.82
C LYS B 1152 -31.41 -38.68 8.66
N VAL B 1153 -31.61 -38.70 9.99
CA VAL B 1153 -30.55 -38.90 10.95
C VAL B 1153 -30.97 -40.00 11.92
N GLU B 1154 -30.01 -40.81 12.35
CA GLU B 1154 -30.28 -41.82 13.36
C GLU B 1154 -30.53 -41.16 14.70
N LYS B 1155 -31.42 -41.75 15.49
CA LYS B 1155 -31.86 -41.19 16.76
C LYS B 1155 -31.86 -42.28 17.83
N GLY B 1156 -31.37 -41.92 19.02
CA GLY B 1156 -31.40 -42.82 20.15
C GLY B 1156 -30.44 -43.98 20.02
N LYS B 1157 -30.42 -44.81 21.06
CA LYS B 1157 -29.64 -46.05 21.02
C LYS B 1157 -30.12 -46.97 19.92
N SER B 1158 -31.39 -46.87 19.54
CA SER B 1158 -31.94 -47.74 18.52
C SER B 1158 -31.47 -47.36 17.11
N LYS B 1159 -31.11 -46.10 16.91
CA LYS B 1159 -30.68 -45.56 15.62
C LYS B 1159 -31.83 -45.49 14.62
N LYS B 1160 -33.03 -45.18 15.09
CA LYS B 1160 -34.18 -45.07 14.20
C LYS B 1160 -34.07 -43.80 13.36
N LEU B 1161 -34.50 -43.89 12.10
CA LEU B 1161 -34.38 -42.78 11.16
C LEU B 1161 -35.48 -41.75 11.37
N LYS B 1162 -35.15 -40.50 11.10
CA LYS B 1162 -36.04 -39.37 11.35
C LYS B 1162 -35.79 -38.33 10.27
N SER B 1163 -36.81 -38.02 9.46
CA SER B 1163 -36.67 -37.05 8.38
C SER B 1163 -36.29 -35.69 8.94
N VAL B 1164 -35.34 -35.01 8.28
CA VAL B 1164 -34.85 -33.71 8.73
C VAL B 1164 -34.62 -32.80 7.53
N LYS B 1165 -34.65 -31.49 7.82
CA LYS B 1165 -34.37 -30.43 6.86
C LYS B 1165 -33.59 -29.36 7.62
N GLU B 1166 -32.31 -29.19 7.30
CA GLU B 1166 -31.49 -28.26 8.06
C GLU B 1166 -30.38 -27.70 7.19
N LEU B 1167 -29.74 -26.63 7.68
CA LEU B 1167 -28.71 -25.91 6.95
C LEU B 1167 -27.34 -26.35 7.44
N LEU B 1168 -26.59 -27.05 6.60
CA LEU B 1168 -25.24 -27.48 6.93
C LEU B 1168 -24.25 -26.55 6.24
N GLY B 1169 -23.46 -25.83 7.04
CA GLY B 1169 -22.43 -24.99 6.47
C GLY B 1169 -21.25 -25.82 6.01
N ILE B 1170 -20.86 -25.64 4.77
CA ILE B 1170 -19.64 -26.25 4.21
C ILE B 1170 -18.51 -25.26 4.43
N THR B 1171 -17.51 -25.64 5.21
CA THR B 1171 -16.39 -24.75 5.44
C THR B 1171 -15.47 -24.73 4.22
N ILE B 1172 -14.62 -23.69 4.17
CA ILE B 1172 -13.66 -23.54 3.08
C ILE B 1172 -12.78 -24.79 2.97
N MET B 1173 -12.40 -25.37 4.11
CA MET B 1173 -11.53 -26.55 4.09
C MET B 1173 -12.27 -27.79 3.59
N GLU B 1174 -13.57 -27.87 3.82
CA GLU B 1174 -14.37 -29.01 3.38
C GLU B 1174 -14.87 -28.89 1.95
N ARG B 1175 -14.67 -27.73 1.31
CA ARG B 1175 -15.37 -27.46 0.05
C ARG B 1175 -14.97 -28.44 -1.04
N SER B 1176 -13.66 -28.63 -1.27
CA SER B 1176 -13.23 -29.53 -2.35
C SER B 1176 -13.74 -30.95 -2.11
N SER B 1177 -13.72 -31.41 -0.86
CA SER B 1177 -14.24 -32.73 -0.53
C SER B 1177 -15.73 -32.83 -0.78
N PHE B 1178 -16.50 -31.82 -0.35
CA PHE B 1178 -17.95 -31.86 -0.56
C PHE B 1178 -18.29 -31.87 -2.03
N GLU B 1179 -17.54 -31.11 -2.85
CA GLU B 1179 -17.85 -31.04 -4.27
C GLU B 1179 -17.37 -32.27 -5.02
N LYS B 1180 -16.32 -32.94 -4.52
CA LYS B 1180 -15.84 -34.16 -5.17
C LYS B 1180 -16.95 -35.21 -5.25
N ASN B 1181 -17.68 -35.40 -4.15
CA ASN B 1181 -18.83 -36.30 -4.12
C ASN B 1181 -19.72 -35.91 -2.94
N PRO B 1182 -20.79 -35.15 -3.18
CA PRO B 1182 -21.57 -34.59 -2.06
C PRO B 1182 -22.30 -35.62 -1.21
N ILE B 1183 -22.83 -36.68 -1.83
CA ILE B 1183 -23.57 -37.68 -1.07
C ILE B 1183 -22.66 -38.36 -0.06
N ASP B 1184 -21.42 -38.66 -0.45
CA ASP B 1184 -20.50 -39.33 0.46
C ASP B 1184 -20.10 -38.44 1.63
N PHE B 1185 -19.80 -37.16 1.33
CA PHE B 1185 -19.53 -36.18 2.39
C PHE B 1185 -20.70 -36.12 3.38
N LEU B 1186 -21.92 -35.98 2.85
CA LEU B 1186 -23.08 -35.82 3.72
C LEU B 1186 -23.36 -37.09 4.53
N GLU B 1187 -23.19 -38.26 3.92
CA GLU B 1187 -23.36 -39.50 4.67
C GLU B 1187 -22.31 -39.62 5.76
N ALA B 1188 -21.06 -39.23 5.47
CA ALA B 1188 -20.03 -39.22 6.48
C ALA B 1188 -20.33 -38.22 7.59
N LYS B 1189 -21.21 -37.26 7.34
CA LYS B 1189 -21.64 -36.36 8.39
C LYS B 1189 -22.78 -36.91 9.23
N GLY B 1190 -23.35 -38.05 8.87
CA GLY B 1190 -24.45 -38.63 9.62
C GLY B 1190 -25.82 -38.45 9.00
N TYR B 1191 -25.90 -38.14 7.72
CA TYR B 1191 -27.16 -38.03 6.99
C TYR B 1191 -27.31 -39.24 6.08
N LYS B 1192 -28.53 -39.79 5.99
CA LYS B 1192 -28.77 -40.94 5.15
C LYS B 1192 -30.00 -40.69 4.28
N GLU B 1193 -30.01 -41.34 3.12
CA GLU B 1193 -31.09 -41.20 2.14
C GLU B 1193 -31.28 -39.74 1.76
N VAL B 1194 -30.17 -39.03 1.61
CA VAL B 1194 -30.23 -37.61 1.26
C VAL B 1194 -30.92 -37.45 -0.08
N LYS B 1195 -31.93 -36.57 -0.12
CA LYS B 1195 -32.59 -36.25 -1.38
C LYS B 1195 -31.65 -35.37 -2.19
N LYS B 1196 -31.07 -35.94 -3.24
CA LYS B 1196 -29.99 -35.26 -3.96
C LYS B 1196 -30.51 -34.06 -4.75
N ASP B 1197 -31.67 -34.21 -5.40
CA ASP B 1197 -32.23 -33.14 -6.20
C ASP B 1197 -32.72 -31.96 -5.37
N LEU B 1198 -32.86 -32.14 -4.04
CA LEU B 1198 -33.30 -31.07 -3.16
C LEU B 1198 -32.15 -30.43 -2.40
N ILE B 1199 -30.92 -30.58 -2.89
CA ILE B 1199 -29.76 -29.97 -2.27
C ILE B 1199 -29.57 -28.59 -2.90
N ILE B 1200 -29.82 -27.55 -2.12
CA ILE B 1200 -29.68 -26.17 -2.57
C ILE B 1200 -28.41 -25.58 -1.95
N LYS B 1201 -27.49 -25.13 -2.81
CA LYS B 1201 -26.29 -24.43 -2.38
C LYS B 1201 -26.64 -22.98 -2.08
N LEU B 1202 -26.40 -22.54 -0.86
CA LEU B 1202 -26.80 -21.21 -0.41
C LEU B 1202 -25.56 -20.40 -0.07
N PRO B 1203 -25.07 -19.57 -0.98
CA PRO B 1203 -23.95 -18.68 -0.65
C PRO B 1203 -24.37 -17.66 0.40
N LYS B 1204 -23.37 -16.96 0.93
CA LYS B 1204 -23.63 -15.93 1.92
C LYS B 1204 -24.50 -14.83 1.31
N TYR B 1205 -25.33 -14.21 2.14
CA TYR B 1205 -26.27 -13.15 1.81
C TYR B 1205 -27.46 -13.66 1.00
N SER B 1206 -27.69 -14.97 0.94
CA SER B 1206 -28.86 -15.49 0.24
C SER B 1206 -30.12 -14.96 0.89
N LEU B 1207 -31.11 -14.63 0.05
CA LEU B 1207 -32.27 -13.85 0.47
C LEU B 1207 -33.47 -14.75 0.76
N PHE B 1208 -34.13 -14.50 1.89
CA PHE B 1208 -35.34 -15.23 2.27
C PHE B 1208 -36.41 -14.23 2.67
N GLU B 1209 -37.64 -14.52 2.31
CA GLU B 1209 -38.80 -13.77 2.75
C GLU B 1209 -39.67 -14.66 3.61
N LEU B 1210 -40.15 -14.10 4.73
CA LEU B 1210 -40.96 -14.82 5.69
C LEU B 1210 -42.38 -14.28 5.69
N GLU B 1211 -42.82 -13.67 6.79
CA GLU B 1211 -44.17 -13.15 6.90
C GLU B 1211 -44.15 -11.63 6.94
N ASN B 1212 -45.26 -11.04 6.46
CA ASN B 1212 -45.44 -9.58 6.43
C ASN B 1212 -44.31 -8.89 5.66
N GLY B 1213 -43.75 -9.58 4.67
CA GLY B 1213 -42.64 -9.03 3.91
C GLY B 1213 -41.33 -8.95 4.66
N ARG B 1214 -41.21 -9.64 5.79
CA ARG B 1214 -39.96 -9.63 6.54
C ARG B 1214 -38.93 -10.48 5.81
N LYS B 1215 -37.74 -9.93 5.61
CA LYS B 1215 -36.69 -10.57 4.83
C LYS B 1215 -35.44 -10.75 5.67
N ARG B 1216 -34.77 -11.89 5.45
CA ARG B 1216 -33.55 -12.25 6.15
C ARG B 1216 -32.49 -12.68 5.14
N MET B 1217 -31.23 -12.46 5.50
CA MET B 1217 -30.11 -12.85 4.65
C MET B 1217 -29.22 -13.84 5.38
N LEU B 1218 -28.63 -14.76 4.63
CA LEU B 1218 -27.74 -15.76 5.21
C LEU B 1218 -26.43 -15.11 5.57
N ALA B 1219 -26.14 -15.03 6.88
CA ALA B 1219 -24.82 -14.62 7.34
C ALA B 1219 -23.87 -15.80 7.43
N SER B 1220 -24.39 -16.98 7.72
CA SER B 1220 -23.68 -18.25 7.78
C SER B 1220 -24.75 -19.32 7.94
N ALA B 1221 -24.32 -20.56 8.22
CA ALA B 1221 -25.30 -21.63 8.45
C ALA B 1221 -26.05 -21.49 9.76
N GLY B 1222 -25.61 -20.59 10.64
CA GLY B 1222 -26.21 -20.45 11.95
C GLY B 1222 -26.58 -19.03 12.34
N GLU B 1223 -26.42 -18.06 11.44
CA GLU B 1223 -26.77 -16.68 11.74
C GLU B 1223 -27.39 -16.01 10.52
N LEU B 1224 -28.21 -15.00 10.79
CA LEU B 1224 -28.92 -14.25 9.77
C LEU B 1224 -28.66 -12.75 9.92
N GLN B 1225 -28.85 -12.04 8.81
CA GLN B 1225 -28.70 -10.59 8.74
C GLN B 1225 -30.04 -9.98 8.37
N LYS B 1226 -30.23 -8.72 8.77
CA LYS B 1226 -31.43 -7.98 8.38
C LYS B 1226 -31.52 -7.91 6.86
N GLY B 1227 -32.73 -8.09 6.34
CA GLY B 1227 -32.89 -8.21 4.90
C GLY B 1227 -33.82 -7.19 4.26
N ASN B 1228 -34.26 -6.19 5.01
CA ASN B 1228 -35.21 -5.22 4.49
C ASN B 1228 -34.60 -3.82 4.46
N GLU B 1229 -35.20 -2.97 3.64
CA GLU B 1229 -34.84 -1.56 3.54
C GLU B 1229 -35.99 -0.72 4.09
N LEU B 1230 -35.66 0.29 4.90
CA LEU B 1230 -36.65 1.21 5.43
C LEU B 1230 -36.83 2.34 4.42
N ALA B 1231 -37.98 2.35 3.73
CA ALA B 1231 -38.28 3.37 2.73
C ALA B 1231 -38.91 4.56 3.44
N LEU B 1232 -38.04 5.40 4.02
CA LEU B 1232 -38.51 6.56 4.76
C LEU B 1232 -39.06 7.62 3.80
N PRO B 1233 -40.24 8.19 4.07
CA PRO B 1233 -40.82 9.18 3.16
C PRO B 1233 -39.90 10.39 2.97
N SER B 1234 -39.97 10.98 1.77
CA SER B 1234 -39.01 12.01 1.38
C SER B 1234 -39.07 13.24 2.30
N LYS B 1235 -40.27 13.58 2.78
CA LYS B 1235 -40.39 14.74 3.66
C LYS B 1235 -39.53 14.57 4.90
N TYR B 1236 -39.54 13.38 5.49
CA TYR B 1236 -38.72 13.14 6.68
C TYR B 1236 -37.24 13.13 6.35
N VAL B 1237 -36.88 12.65 5.17
CA VAL B 1237 -35.47 12.68 4.75
C VAL B 1237 -34.98 14.13 4.71
N ASN B 1238 -35.74 15.00 4.04
CA ASN B 1238 -35.31 16.40 3.93
C ASN B 1238 -35.34 17.08 5.30
N PHE B 1239 -36.32 16.73 6.15
CA PHE B 1239 -36.33 17.27 7.50
C PHE B 1239 -35.06 16.88 8.26
N LEU B 1240 -34.72 15.58 8.22
CA LEU B 1240 -33.53 15.11 8.93
C LEU B 1240 -32.29 15.81 8.42
N TYR B 1241 -32.19 15.99 7.10
CA TYR B 1241 -31.04 16.72 6.54
C TYR B 1241 -30.94 18.12 7.12
N LEU B 1242 -31.97 18.95 6.89
CA LEU B 1242 -31.90 20.35 7.30
C LEU B 1242 -31.79 20.49 8.82
N ALA B 1243 -32.56 19.71 9.56
CA ALA B 1243 -32.59 19.83 11.02
C ALA B 1243 -31.28 19.36 11.63
N SER B 1244 -30.62 18.36 11.03
CA SER B 1244 -29.37 17.86 11.57
C SER B 1244 -28.17 18.69 11.14
N HIS B 1245 -28.37 19.75 10.36
CA HIS B 1245 -27.28 20.57 9.84
C HIS B 1245 -26.28 19.73 9.03
N TYR B 1246 -26.78 18.66 8.42
CA TYR B 1246 -26.00 17.67 7.67
C TYR B 1246 -24.98 18.31 6.74
N ASP B 1255 -26.48 30.68 6.02
CA ASP B 1255 -27.54 29.75 5.63
C ASP B 1255 -28.80 30.49 5.19
N ASN B 1256 -29.95 29.84 5.34
CA ASN B 1256 -31.22 30.34 4.81
C ASN B 1256 -32.26 30.37 5.91
N GLU B 1257 -33.07 31.42 5.93
CA GLU B 1257 -34.10 31.57 6.95
C GLU B 1257 -35.30 30.67 6.67
N GLN B 1258 -35.69 30.54 5.40
CA GLN B 1258 -36.84 29.72 5.04
C GLN B 1258 -36.67 28.27 5.47
N LYS B 1259 -35.43 27.79 5.50
CA LYS B 1259 -35.18 26.42 5.95
C LYS B 1259 -35.36 26.30 7.47
N GLN B 1260 -34.85 27.26 8.24
CA GLN B 1260 -34.98 27.21 9.69
C GLN B 1260 -36.44 27.27 10.10
N LEU B 1261 -37.22 28.15 9.46
CA LEU B 1261 -38.65 28.23 9.75
C LEU B 1261 -39.37 26.94 9.41
N PHE B 1262 -38.92 26.24 8.35
CA PHE B 1262 -39.50 24.94 8.03
C PHE B 1262 -39.15 23.90 9.08
N VAL B 1263 -37.91 23.94 9.59
CA VAL B 1263 -37.51 22.99 10.63
C VAL B 1263 -38.35 23.20 11.89
N GLU B 1264 -38.53 24.46 12.28
CA GLU B 1264 -39.27 24.76 13.51
C GLU B 1264 -40.76 24.50 13.32
N GLN B 1265 -41.31 24.80 12.15
CA GLN B 1265 -42.73 24.55 11.90
C GLN B 1265 -43.03 23.06 11.88
N HIS B 1266 -42.10 22.24 11.42
CA HIS B 1266 -42.28 20.80 11.30
C HIS B 1266 -41.52 20.02 12.36
N LYS B 1267 -41.49 20.56 13.58
CA LYS B 1267 -40.78 19.89 14.67
C LYS B 1267 -41.44 18.56 15.04
N HIS B 1268 -42.78 18.53 15.02
CA HIS B 1268 -43.50 17.30 15.35
C HIS B 1268 -43.00 16.10 14.55
N TYR B 1269 -42.39 16.37 13.39
CA TYR B 1269 -41.83 15.32 12.54
C TYR B 1269 -41.01 14.32 13.33
N LEU B 1270 -40.24 14.81 14.31
CA LEU B 1270 -39.43 13.94 15.15
C LEU B 1270 -40.23 12.71 15.59
N ASP B 1271 -41.33 12.96 16.30
CA ASP B 1271 -42.18 11.86 16.76
C ASP B 1271 -42.53 10.92 15.62
N GLU B 1272 -43.09 11.48 14.53
CA GLU B 1272 -43.51 10.66 13.41
C GLU B 1272 -42.36 9.78 12.92
N ILE B 1273 -41.16 10.35 12.80
CA ILE B 1273 -40.02 9.56 12.34
C ILE B 1273 -39.83 8.34 13.24
N ILE B 1274 -39.77 8.57 14.56
CA ILE B 1274 -39.66 7.46 15.50
C ILE B 1274 -40.76 6.45 15.23
N GLU B 1275 -42.00 6.94 15.11
CA GLU B 1275 -43.14 6.08 14.79
C GLU B 1275 -42.81 5.19 13.60
N GLN B 1276 -42.40 5.81 12.48
CA GLN B 1276 -41.99 5.04 11.31
C GLN B 1276 -41.02 3.94 11.71
N ILE B 1277 -39.88 4.34 12.30
CA ILE B 1277 -38.89 3.37 12.75
C ILE B 1277 -39.56 2.25 13.53
N SER B 1278 -40.32 2.63 14.57
CA SER B 1278 -40.95 1.62 15.42
C SER B 1278 -41.77 0.64 14.60
N GLU B 1279 -42.66 1.18 13.75
CA GLU B 1279 -43.57 0.30 13.02
C GLU B 1279 -42.80 -0.58 12.04
N PHE B 1280 -41.66 -0.11 11.56
CA PHE B 1280 -40.78 -0.96 10.76
C PHE B 1280 -40.23 -2.08 11.63
N SER B 1281 -39.65 -1.74 12.78
CA SER B 1281 -38.99 -2.73 13.62
C SER B 1281 -39.96 -3.82 14.05
N LYS B 1282 -41.10 -3.42 14.64
CA LYS B 1282 -42.09 -4.38 15.10
C LYS B 1282 -42.54 -5.30 13.97
N ARG B 1283 -42.44 -4.85 12.72
CA ARG B 1283 -42.82 -5.72 11.62
C ARG B 1283 -41.68 -6.58 11.13
N VAL B 1284 -40.45 -6.07 11.19
CA VAL B 1284 -39.35 -6.62 10.39
C VAL B 1284 -38.11 -6.89 11.22
N ILE B 1285 -37.76 -5.97 12.12
CA ILE B 1285 -36.52 -6.11 12.88
C ILE B 1285 -36.67 -7.14 14.01
N LEU B 1286 -37.78 -7.07 14.75
CA LEU B 1286 -38.10 -8.03 15.81
C LEU B 1286 -37.02 -8.04 16.91
N ALA B 1287 -36.82 -6.86 17.52
CA ALA B 1287 -35.87 -6.68 18.61
C ALA B 1287 -36.58 -5.89 19.71
N ASP B 1288 -37.42 -6.60 20.49
CA ASP B 1288 -38.26 -5.97 21.49
C ASP B 1288 -37.44 -5.14 22.48
N ALA B 1289 -36.47 -5.78 23.15
CA ALA B 1289 -35.72 -5.10 24.20
C ALA B 1289 -34.98 -3.89 23.66
N ASN B 1290 -34.29 -4.05 22.52
CA ASN B 1290 -33.59 -2.92 21.91
C ASN B 1290 -34.54 -1.80 21.53
N LEU B 1291 -35.70 -2.14 20.95
CA LEU B 1291 -36.65 -1.12 20.53
C LEU B 1291 -37.19 -0.34 21.73
N ASP B 1292 -37.52 -1.04 22.82
CA ASP B 1292 -38.06 -0.36 23.99
C ASP B 1292 -36.99 0.49 24.67
N LYS B 1293 -35.74 0.02 24.66
CA LYS B 1293 -34.66 0.86 25.17
C LYS B 1293 -34.51 2.12 24.33
N VAL B 1294 -34.66 1.99 23.02
CA VAL B 1294 -34.58 3.15 22.12
C VAL B 1294 -35.72 4.12 22.40
N LEU B 1295 -36.94 3.60 22.61
CA LEU B 1295 -38.08 4.46 22.87
C LEU B 1295 -37.91 5.20 24.19
N SER B 1296 -37.43 4.50 25.23
CA SER B 1296 -37.16 5.16 26.50
C SER B 1296 -36.07 6.21 26.36
N ALA B 1297 -35.05 5.94 25.53
CA ALA B 1297 -33.99 6.92 25.32
C ALA B 1297 -34.50 8.15 24.59
N TYR B 1298 -35.41 7.97 23.63
CA TYR B 1298 -35.95 9.12 22.92
C TYR B 1298 -36.88 9.93 23.82
N ASN B 1299 -37.71 9.26 24.62
CA ASN B 1299 -38.54 9.99 25.56
C ASN B 1299 -37.71 10.61 26.69
N LYS B 1300 -36.47 10.16 26.87
CA LYS B 1300 -35.60 10.73 27.89
C LYS B 1300 -35.00 12.06 27.45
N HIS B 1301 -34.71 12.22 26.16
CA HIS B 1301 -33.99 13.38 25.65
C HIS B 1301 -34.88 14.30 24.79
N ARG B 1302 -36.19 14.33 25.03
CA ARG B 1302 -37.08 15.21 24.28
C ARG B 1302 -36.70 16.67 24.45
N ASP B 1303 -36.19 17.04 25.63
CA ASP B 1303 -35.84 18.43 25.91
C ASP B 1303 -34.50 18.85 25.30
N LYS B 1304 -33.93 18.03 24.44
CA LYS B 1304 -32.67 18.39 23.80
C LYS B 1304 -32.91 19.30 22.61
N PRO B 1305 -31.89 20.04 22.17
CA PRO B 1305 -32.02 20.80 20.93
C PRO B 1305 -32.39 19.90 19.77
N ILE B 1306 -33.26 20.44 18.89
CA ILE B 1306 -33.75 19.64 17.76
C ILE B 1306 -32.60 19.18 16.87
N ARG B 1307 -31.55 19.99 16.76
CA ARG B 1307 -30.40 19.60 15.95
C ARG B 1307 -29.78 18.30 16.46
N GLU B 1308 -29.60 18.19 17.77
CA GLU B 1308 -28.95 17.00 18.33
C GLU B 1308 -29.88 15.80 18.30
N GLN B 1309 -31.16 16.01 18.59
CA GLN B 1309 -32.13 14.91 18.47
C GLN B 1309 -32.15 14.36 17.05
N ALA B 1310 -32.03 15.23 16.05
CA ALA B 1310 -31.92 14.75 14.68
C ALA B 1310 -30.60 14.03 14.44
N GLU B 1311 -29.50 14.59 14.95
CA GLU B 1311 -28.20 13.98 14.76
C GLU B 1311 -28.13 12.58 15.36
N ASN B 1312 -28.96 12.29 16.36
CA ASN B 1312 -29.02 10.96 16.96
C ASN B 1312 -30.11 10.07 16.37
N ILE B 1313 -31.21 10.65 15.88
CA ILE B 1313 -32.14 9.85 15.09
C ILE B 1313 -31.41 9.29 13.88
N ILE B 1314 -30.44 10.02 13.35
CA ILE B 1314 -29.60 9.48 12.27
C ILE B 1314 -28.92 8.18 12.74
N HIS B 1315 -28.42 8.17 13.98
CA HIS B 1315 -27.79 6.96 14.50
C HIS B 1315 -28.79 5.84 14.70
N LEU B 1316 -30.05 6.19 14.98
CA LEU B 1316 -31.06 5.17 15.26
C LEU B 1316 -31.26 4.22 14.07
N PHE B 1317 -31.00 4.67 12.85
CA PHE B 1317 -31.25 3.83 11.67
C PHE B 1317 -30.34 2.62 11.61
N THR B 1318 -29.27 2.57 12.40
CA THR B 1318 -28.47 1.34 12.49
C THR B 1318 -29.32 0.17 12.96
N LEU B 1319 -30.36 0.44 13.75
CA LEU B 1319 -31.27 -0.62 14.17
C LEU B 1319 -31.99 -1.24 12.98
N THR B 1320 -32.34 -0.44 11.98
CA THR B 1320 -33.12 -0.90 10.85
C THR B 1320 -32.30 -1.12 9.59
N ASN B 1321 -31.00 -0.80 9.61
CA ASN B 1321 -30.21 -0.88 8.40
C ASN B 1321 -30.11 -2.31 7.89
N LEU B 1322 -30.03 -2.43 6.57
CA LEU B 1322 -29.84 -3.73 5.94
C LEU B 1322 -28.48 -4.31 6.31
N GLY B 1323 -28.42 -5.63 6.51
CA GLY B 1323 -27.15 -6.28 6.74
C GLY B 1323 -26.98 -6.86 8.14
N ALA B 1324 -25.73 -6.95 8.59
CA ALA B 1324 -25.47 -7.51 9.91
C ALA B 1324 -25.91 -6.53 11.02
N PRO B 1325 -26.49 -7.03 12.11
CA PRO B 1325 -26.77 -6.17 13.26
C PRO B 1325 -25.50 -5.51 13.78
N ALA B 1326 -25.65 -4.31 14.33
CA ALA B 1326 -24.49 -3.55 14.78
C ALA B 1326 -24.89 -2.69 15.97
N ALA B 1327 -23.94 -2.48 16.88
CA ALA B 1327 -24.19 -1.63 18.03
C ALA B 1327 -24.23 -0.17 17.60
N PHE B 1328 -25.05 0.62 18.29
CA PHE B 1328 -25.10 2.05 18.03
C PHE B 1328 -25.38 2.77 19.35
N LYS B 1329 -25.33 4.10 19.31
CA LYS B 1329 -25.51 4.91 20.50
C LYS B 1329 -26.56 5.98 20.24
N TYR B 1330 -27.49 6.12 21.16
CA TYR B 1330 -28.45 7.22 21.15
C TYR B 1330 -28.04 8.18 22.26
N PHE B 1331 -27.58 9.38 21.89
CA PHE B 1331 -26.98 10.33 22.82
C PHE B 1331 -25.88 9.65 23.62
N ASP B 1332 -26.14 9.32 24.89
CA ASP B 1332 -25.17 8.62 25.72
C ASP B 1332 -25.49 7.15 25.95
N THR B 1333 -26.73 6.72 25.67
CA THR B 1333 -27.09 5.32 25.84
C THR B 1333 -26.55 4.49 24.67
N THR B 1334 -26.17 3.25 24.97
CA THR B 1334 -25.64 2.33 23.97
C THR B 1334 -26.62 1.17 23.79
N ILE B 1335 -27.01 0.93 22.54
CA ILE B 1335 -27.86 -0.19 22.17
C ILE B 1335 -26.97 -1.21 21.49
N ASP B 1336 -26.78 -2.36 22.14
CA ASP B 1336 -25.97 -3.42 21.55
C ASP B 1336 -26.81 -4.23 20.57
N ARG B 1337 -26.14 -4.76 19.54
CA ARG B 1337 -26.81 -5.44 18.45
C ARG B 1337 -27.59 -6.65 18.93
N LYS B 1338 -28.79 -6.82 18.39
CA LYS B 1338 -29.57 -8.04 18.57
C LYS B 1338 -29.28 -8.96 17.39
N ARG B 1339 -28.76 -10.15 17.68
CA ARG B 1339 -28.31 -11.08 16.66
C ARG B 1339 -29.38 -12.11 16.35
N TYR B 1340 -29.42 -12.55 15.10
CA TYR B 1340 -30.35 -13.58 14.64
C TYR B 1340 -29.55 -14.89 14.63
N THR B 1341 -29.50 -15.54 15.79
CA THR B 1341 -28.60 -16.65 16.04
C THR B 1341 -29.21 -18.01 15.66
N SER B 1342 -30.33 -18.02 14.95
CA SER B 1342 -30.94 -19.27 14.50
C SER B 1342 -31.33 -19.14 13.04
N THR B 1343 -31.17 -20.22 12.28
CA THR B 1343 -31.53 -20.27 10.87
C THR B 1343 -32.65 -21.27 10.61
N LYS B 1344 -33.36 -21.72 11.66
CA LYS B 1344 -34.40 -22.72 11.48
C LYS B 1344 -35.56 -22.18 10.66
N GLU B 1345 -35.90 -20.90 10.84
CA GLU B 1345 -37.13 -20.37 10.27
C GLU B 1345 -37.06 -20.26 8.74
N VAL B 1346 -35.86 -20.06 8.18
CA VAL B 1346 -35.77 -19.90 6.73
C VAL B 1346 -35.97 -21.23 6.00
N LEU B 1347 -35.91 -22.36 6.71
CA LEU B 1347 -36.12 -23.66 6.10
C LEU B 1347 -37.56 -23.85 5.64
N ASP B 1348 -38.49 -23.04 6.15
CA ASP B 1348 -39.89 -23.07 5.74
C ASP B 1348 -40.32 -21.79 5.03
N ALA B 1349 -39.38 -20.88 4.75
CA ALA B 1349 -39.70 -19.58 4.20
C ALA B 1349 -39.56 -19.62 2.67
N THR B 1350 -39.48 -18.45 2.03
CA THR B 1350 -39.39 -18.36 0.56
C THR B 1350 -38.00 -17.88 0.18
N LEU B 1351 -37.27 -18.70 -0.57
CA LEU B 1351 -35.94 -18.33 -1.07
C LEU B 1351 -36.07 -17.52 -2.34
N ILE B 1352 -35.31 -16.42 -2.44
CA ILE B 1352 -35.41 -15.50 -3.55
C ILE B 1352 -34.06 -15.47 -4.27
N HIS B 1353 -33.98 -16.13 -5.43
CA HIS B 1353 -32.83 -16.06 -6.32
C HIS B 1353 -33.00 -14.83 -7.22
N GLN B 1354 -32.10 -13.87 -7.08
CA GLN B 1354 -32.17 -12.63 -7.84
C GLN B 1354 -31.10 -12.60 -8.92
N SER B 1355 -31.45 -12.04 -10.07
CA SER B 1355 -30.44 -11.70 -11.08
C SER B 1355 -29.63 -10.53 -10.54
N ILE B 1356 -28.74 -9.96 -11.36
CA ILE B 1356 -27.87 -8.92 -10.85
C ILE B 1356 -28.64 -7.64 -10.58
N THR B 1357 -29.57 -7.27 -11.47
CA THR B 1357 -30.41 -6.11 -11.22
C THR B 1357 -31.49 -6.38 -10.19
N GLY B 1358 -31.80 -7.66 -9.94
CA GLY B 1358 -32.91 -8.03 -9.09
C GLY B 1358 -34.25 -8.03 -9.78
N LEU B 1359 -34.30 -7.66 -11.06
CA LEU B 1359 -35.55 -7.68 -11.80
C LEU B 1359 -36.02 -9.11 -12.03
N TYR B 1360 -35.11 -9.98 -12.48
CA TYR B 1360 -35.45 -11.39 -12.70
C TYR B 1360 -35.36 -12.14 -11.38
N GLU B 1361 -36.48 -12.66 -10.90
CA GLU B 1361 -36.54 -13.40 -9.65
C GLU B 1361 -36.95 -14.85 -9.92
N THR B 1362 -36.39 -15.74 -9.13
CA THR B 1362 -36.88 -17.11 -8.98
C THR B 1362 -37.16 -17.33 -7.51
N ARG B 1363 -38.41 -17.60 -7.16
CA ARG B 1363 -38.82 -17.79 -5.77
C ARG B 1363 -39.15 -19.26 -5.52
N ILE B 1364 -38.63 -19.80 -4.43
CA ILE B 1364 -38.80 -21.20 -4.07
C ILE B 1364 -39.39 -21.27 -2.67
N ASP B 1365 -40.63 -21.76 -2.56
CA ASP B 1365 -41.21 -22.02 -1.25
C ASP B 1365 -40.51 -23.23 -0.65
N LEU B 1366 -39.81 -23.03 0.46
CA LEU B 1366 -39.08 -24.11 1.09
C LEU B 1366 -39.95 -24.95 2.02
N SER B 1367 -41.14 -24.48 2.39
CA SER B 1367 -42.04 -25.27 3.21
C SER B 1367 -42.58 -26.49 2.45
N GLN B 1368 -42.62 -26.43 1.12
CA GLN B 1368 -43.02 -27.56 0.29
C GLN B 1368 -41.94 -28.64 0.20
N LEU B 1369 -40.93 -28.59 1.06
CA LEU B 1369 -39.81 -29.52 1.02
C LEU B 1369 -39.70 -30.23 2.36
N GLY B 1370 -39.69 -31.55 2.34
CA GLY B 1370 -39.61 -32.37 3.54
C GLY B 1370 -40.79 -33.32 3.67
#